data_4TM4
#
_entry.id   4TM4
#
_cell.length_a   82.387
_cell.length_b   151.956
_cell.length_c   163.551
_cell.angle_alpha   90.00
_cell.angle_beta   90.00
_cell.angle_gamma   90.00
#
_symmetry.space_group_name_H-M   'P 21 21 21'
#
loop_
_entity.id
_entity.type
_entity.pdbx_description
1 polymer KtzI
2 non-polymer 'DIHYDROFLAVINE-ADENINE DINUCLEOTIDE'
3 non-polymer 'NADP NICOTINAMIDE-ADENINE-DINUCLEOTIDE PHOSPHATE'
4 non-polymer 'BROMIDE ION'
5 water water
#
_entity_poly.entity_id   1
_entity_poly.type   'polypeptide(L)'
_entity_poly.pdbx_seq_one_letter_code
;MGSSHHHHHHSSGLVPRGSHMVAHAGESPTHDVVGVGFGPANLSLAVALEESPAALTSAFFERRASISWHQGMLLPAAKM
QVSFLKDLATFRNPASRFSFVSFLHERGRLVRFANNHDFFPTRREFHDYLEWAESKLAHEVSYDSEVTAIRPGPGRPVDS
VLVDVSTPEATRTVEARNIVISTGLVPRMPAGVQSDEFVWHSSRFLDHFRDRDPRSLRRVAVAGGGQSAAEIVRFLHDNR
PDTVVHAIMPSYGYVVADNTPFANQIFDPAAVDDYFDGSKQAKDAFWRYHRNTNYSVVDDEVIRDLYRRGYDDEVAGAPR
LNFVNLAHVVGAKRIADDTRVTVYSMAREESYDLDVDVLVCATGYDPMDPGDLLGELAEHCVQDAEGRWQVDRDYRMVTT
PDLRCGIYLQGGTEHTHGLSSSLLSNLATRSGEIVSSIERRKS
;
_entity_poly.pdbx_strand_id   A,B,C,D
#
loop_
_chem_comp.id
_chem_comp.type
_chem_comp.name
_chem_comp.formula
BR non-polymer 'BROMIDE ION' 'Br -1'
FDA non-polymer 'DIHYDROFLAVINE-ADENINE DINUCLEOTIDE' 'C27 H35 N9 O15 P2'
NAP non-polymer 'NADP NICOTINAMIDE-ADENINE-DINUCLEOTIDE PHOSPHATE' 'C21 H28 N7 O17 P3'
#
# COMPACT_ATOMS: atom_id res chain seq x y z
N PRO A 29 6.96 9.24 -56.91
CA PRO A 29 6.06 9.44 -55.77
C PRO A 29 6.79 9.88 -54.49
N THR A 30 6.70 11.18 -54.17
CA THR A 30 7.35 11.70 -52.97
C THR A 30 6.39 11.76 -51.78
N HIS A 31 6.75 11.07 -50.69
CA HIS A 31 5.98 11.07 -49.44
C HIS A 31 6.21 12.35 -48.64
N ASP A 32 5.15 12.81 -47.97
CA ASP A 32 5.28 13.87 -46.99
C ASP A 32 6.21 13.47 -45.85
N VAL A 33 6.07 12.23 -45.37
CA VAL A 33 6.92 11.79 -44.27
C VAL A 33 7.25 10.29 -44.32
N VAL A 34 8.51 9.98 -44.05
CA VAL A 34 8.95 8.60 -43.92
C VAL A 34 9.45 8.36 -42.49
N GLY A 35 8.97 7.26 -41.89
CA GLY A 35 9.39 6.85 -40.56
C GLY A 35 10.39 5.72 -40.62
N VAL A 36 11.55 5.92 -39.98
CA VAL A 36 12.56 4.87 -39.85
C VAL A 36 12.43 4.15 -38.50
N GLY A 37 12.11 2.86 -38.56
CA GLY A 37 11.85 2.09 -37.36
C GLY A 37 10.37 2.09 -37.07
N PHE A 38 9.87 1.00 -36.51
CA PHE A 38 8.47 0.96 -36.09
C PHE A 38 8.30 0.36 -34.68
N GLY A 39 8.83 1.05 -33.68
CA GLY A 39 8.49 0.79 -32.29
C GLY A 39 7.35 1.71 -31.88
N PRO A 40 7.03 1.75 -30.59
CA PRO A 40 5.95 2.59 -30.07
C PRO A 40 5.99 4.04 -30.52
N ALA A 41 7.18 4.64 -30.63
CA ALA A 41 7.28 6.06 -30.99
C ALA A 41 6.70 6.34 -32.39
N ASN A 42 7.15 5.61 -33.40
CA ASN A 42 6.62 5.80 -34.75
C ASN A 42 5.21 5.26 -34.90
N LEU A 43 4.86 4.28 -34.07
CA LEU A 43 3.49 3.76 -34.03
C LEU A 43 2.54 4.86 -33.58
N SER A 44 2.95 5.64 -32.59
CA SER A 44 2.13 6.76 -32.14
C SER A 44 2.14 7.85 -33.21
N LEU A 45 3.24 7.96 -33.95
CA LEU A 45 3.29 8.89 -35.07
C LEU A 45 2.24 8.49 -36.15
N ALA A 46 2.24 7.21 -36.52
CA ALA A 46 1.28 6.70 -37.49
C ALA A 46 -0.15 7.00 -37.04
N VAL A 47 -0.40 6.78 -35.75
CA VAL A 47 -1.72 7.05 -35.19
C VAL A 47 -2.04 8.55 -35.25
N ALA A 48 -1.07 9.37 -34.86
CA ALA A 48 -1.24 10.82 -34.94
C ALA A 48 -1.56 11.29 -36.38
N LEU A 49 -0.89 10.69 -37.36
CA LEU A 49 -1.11 10.98 -38.77
C LEU A 49 -2.55 10.67 -39.16
N GLU A 50 -3.01 9.47 -38.81
CA GLU A 50 -4.36 9.07 -39.18
C GLU A 50 -5.44 9.94 -38.51
N GLU A 51 -5.23 10.32 -37.26
CA GLU A 51 -6.24 11.12 -36.58
C GLU A 51 -6.24 12.57 -37.05
N SER A 52 -5.12 13.04 -37.61
CA SER A 52 -5.03 14.43 -38.07
C SER A 52 -5.92 14.59 -39.32
N PRO A 53 -6.63 15.72 -39.42
CA PRO A 53 -7.42 16.00 -40.64
C PRO A 53 -6.55 16.27 -41.86
N ALA A 54 -5.30 16.66 -41.64
CA ALA A 54 -4.32 16.92 -42.71
C ALA A 54 -4.13 15.66 -43.54
N ALA A 55 -4.12 15.83 -44.85
CA ALA A 55 -3.87 14.71 -45.76
C ALA A 55 -2.39 14.60 -46.02
N LEU A 56 -1.74 13.71 -45.28
CA LEU A 56 -0.29 13.53 -45.41
C LEU A 56 0.01 12.10 -45.80
N THR A 57 0.85 11.95 -46.82
CA THR A 57 1.26 10.63 -47.26
C THR A 57 2.44 10.17 -46.42
N SER A 58 2.55 8.86 -46.22
CA SER A 58 3.60 8.35 -45.33
C SER A 58 3.98 6.93 -45.68
N ALA A 59 5.20 6.57 -45.26
CA ALA A 59 5.65 5.20 -45.30
C ALA A 59 6.53 4.93 -44.06
N PHE A 60 6.39 3.71 -43.52
CA PHE A 60 7.20 3.31 -42.38
C PHE A 60 7.99 2.05 -42.70
N PHE A 61 9.25 2.04 -42.28
CA PHE A 61 10.13 0.90 -42.53
C PHE A 61 10.67 0.34 -41.23
N GLU A 62 10.46 -0.96 -41.06
CA GLU A 62 10.97 -1.68 -39.91
C GLU A 62 11.83 -2.84 -40.39
N ARG A 63 13.02 -2.97 -39.81
CA ARG A 63 13.95 -4.02 -40.20
C ARG A 63 13.44 -5.42 -39.84
N ARG A 64 12.79 -5.53 -38.68
CA ARG A 64 12.29 -6.82 -38.22
C ARG A 64 11.05 -7.28 -38.99
N ALA A 65 10.67 -8.54 -38.78
CA ALA A 65 9.53 -9.13 -39.50
C ALA A 65 8.20 -8.56 -39.01
N SER A 66 8.19 -8.05 -37.79
CA SER A 66 6.98 -7.49 -37.19
C SER A 66 7.38 -6.57 -36.04
N ILE A 67 6.42 -6.00 -35.33
CA ILE A 67 6.76 -5.21 -34.15
C ILE A 67 7.43 -6.13 -33.13
N SER A 68 8.58 -5.71 -32.61
CA SER A 68 9.33 -6.53 -31.69
C SER A 68 9.85 -5.61 -30.57
N TRP A 69 9.09 -5.51 -29.50
CA TRP A 69 9.35 -4.51 -28.47
C TRP A 69 10.07 -5.11 -27.24
N HIS A 70 11.41 -5.06 -27.27
CA HIS A 70 12.28 -5.67 -26.25
C HIS A 70 11.80 -7.08 -25.84
N GLN A 71 11.62 -7.94 -26.84
CA GLN A 71 11.17 -9.31 -26.59
C GLN A 71 12.16 -10.13 -25.78
N GLY A 72 13.44 -9.84 -25.93
CA GLY A 72 14.49 -10.43 -25.12
C GLY A 72 14.29 -10.29 -23.61
N MET A 73 13.50 -9.31 -23.23
CA MET A 73 13.27 -9.02 -21.83
C MET A 73 11.81 -9.18 -21.43
N LEU A 74 11.01 -9.82 -22.30
CA LEU A 74 9.62 -10.10 -21.96
C LEU A 74 9.51 -11.22 -20.92
N LEU A 75 10.03 -10.96 -19.73
CA LEU A 75 9.97 -11.91 -18.63
C LEU A 75 8.58 -12.02 -18.06
N PRO A 76 8.24 -13.21 -17.52
CA PRO A 76 6.92 -13.57 -17.00
C PRO A 76 6.26 -12.47 -16.16
N ALA A 77 6.98 -11.85 -15.24
CA ALA A 77 6.27 -10.94 -14.35
C ALA A 77 6.47 -9.45 -14.66
N ALA A 78 7.05 -9.17 -15.83
CA ALA A 78 7.52 -7.81 -16.13
C ALA A 78 6.35 -6.84 -16.26
N LYS A 79 6.44 -5.68 -15.60
CA LYS A 79 5.36 -4.70 -15.59
C LYS A 79 5.83 -3.46 -16.38
N MET A 80 4.89 -2.75 -17.00
CA MET A 80 5.14 -1.43 -17.59
C MET A 80 5.66 -0.49 -16.52
N GLN A 81 6.41 0.51 -16.89
CA GLN A 81 6.88 1.45 -15.92
C GLN A 81 6.09 2.70 -16.02
N VAL A 82 5.13 2.66 -16.87
CA VAL A 82 4.36 3.86 -17.15
C VAL A 82 2.89 3.42 -17.07
N SER A 83 2.04 4.30 -16.54
CA SER A 83 0.57 4.13 -16.44
C SER A 83 -0.15 3.82 -17.75
N PHE A 84 -1.23 3.00 -17.71
CA PHE A 84 -1.94 2.66 -18.96
C PHE A 84 -2.51 3.92 -19.63
N LEU A 85 -2.73 4.99 -18.88
CA LEU A 85 -3.19 6.26 -19.45
C LEU A 85 -2.13 6.88 -20.36
N LYS A 86 -0.88 6.49 -20.16
CA LYS A 86 0.19 6.99 -21.03
C LYS A 86 0.33 6.04 -22.21
N ASP A 87 -0.60 6.10 -23.16
CA ASP A 87 -0.59 5.13 -24.23
C ASP A 87 -0.24 5.83 -25.54
N LEU A 88 -0.78 5.36 -26.64
CA LEU A 88 -0.40 5.92 -27.93
C LEU A 88 -1.01 7.27 -28.24
N ALA A 89 -2.09 7.65 -27.56
CA ALA A 89 -2.86 8.81 -28.00
C ALA A 89 -3.63 9.60 -26.92
N THR A 90 -3.97 8.96 -25.81
CA THR A 90 -4.98 9.47 -24.89
C THR A 90 -4.70 10.91 -24.41
N PHE A 91 -3.46 11.22 -24.07
CA PHE A 91 -3.10 12.56 -23.58
C PHE A 91 -3.35 13.66 -24.63
N ARG A 92 -3.34 13.27 -25.90
CA ARG A 92 -3.60 14.20 -26.98
C ARG A 92 -5.08 14.21 -27.31
N ASN A 93 -5.62 13.01 -27.45
CA ASN A 93 -7.00 12.81 -27.84
C ASN A 93 -7.63 11.81 -26.88
N PRO A 94 -8.36 12.31 -25.87
CA PRO A 94 -8.91 11.48 -24.78
C PRO A 94 -9.98 10.50 -25.27
N ALA A 95 -10.34 10.54 -26.55
CA ALA A 95 -11.35 9.61 -27.06
C ALA A 95 -10.89 8.95 -28.35
N SER A 96 -9.63 8.55 -28.34
CA SER A 96 -8.99 7.90 -29.47
C SER A 96 -9.42 6.43 -29.59
N ARG A 97 -9.66 5.99 -30.83
CA ARG A 97 -9.91 4.60 -31.14
C ARG A 97 -8.68 3.74 -30.85
N PHE A 98 -7.55 4.40 -30.59
CA PHE A 98 -6.30 3.69 -30.36
C PHE A 98 -5.86 3.69 -28.90
N SER A 99 -6.74 4.12 -28.01
CA SER A 99 -6.38 4.15 -26.60
C SER A 99 -6.27 2.74 -26.06
N PHE A 100 -5.55 2.62 -24.93
CA PHE A 100 -5.39 1.35 -24.26
C PHE A 100 -6.77 0.83 -23.78
N VAL A 101 -7.60 1.76 -23.33
CA VAL A 101 -8.95 1.44 -22.90
C VAL A 101 -9.77 0.84 -24.06
N SER A 102 -9.64 1.41 -25.25
CA SER A 102 -10.35 0.88 -26.43
C SER A 102 -9.90 -0.54 -26.70
N PHE A 103 -8.59 -0.75 -26.61
CA PHE A 103 -7.98 -2.07 -26.77
C PHE A 103 -8.62 -3.08 -25.78
N LEU A 104 -8.67 -2.71 -24.51
CA LEU A 104 -9.25 -3.58 -23.47
C LEU A 104 -10.70 -3.94 -23.80
N HIS A 105 -11.43 -2.93 -24.26
CA HIS A 105 -12.83 -3.11 -24.60
C HIS A 105 -13.05 -4.10 -25.74
N GLU A 106 -12.28 -3.96 -26.82
CA GLU A 106 -12.40 -4.88 -27.95
C GLU A 106 -12.02 -6.29 -27.57
N ARG A 107 -11.07 -6.42 -26.65
CA ARG A 107 -10.62 -7.72 -26.17
C ARG A 107 -11.51 -8.21 -25.04
N GLY A 108 -12.59 -7.47 -24.77
CA GLY A 108 -13.50 -7.85 -23.69
C GLY A 108 -12.84 -8.00 -22.33
N ARG A 109 -11.83 -7.18 -22.06
CA ARG A 109 -11.11 -7.26 -20.80
C ARG A 109 -11.03 -5.91 -20.09
N LEU A 110 -11.91 -4.98 -20.44
CA LEU A 110 -11.91 -3.68 -19.77
C LEU A 110 -12.44 -3.79 -18.34
N VAL A 111 -13.56 -4.49 -18.17
CA VAL A 111 -14.17 -4.68 -16.85
C VAL A 111 -13.24 -5.43 -15.90
N ARG A 112 -12.69 -6.54 -16.39
CA ARG A 112 -11.74 -7.33 -15.62
C ARG A 112 -10.54 -6.49 -15.21
N PHE A 113 -9.97 -5.76 -16.18
CA PHE A 113 -8.84 -4.90 -15.90
C PHE A 113 -9.12 -3.85 -14.84
N ALA A 114 -10.27 -3.19 -14.95
CA ALA A 114 -10.62 -2.17 -13.98
C ALA A 114 -10.75 -2.73 -12.58
N ASN A 115 -11.26 -3.95 -12.48
CA ASN A 115 -11.41 -4.62 -11.18
C ASN A 115 -10.10 -4.85 -10.44
N ASN A 116 -9.03 -4.98 -11.21
CA ASN A 116 -7.70 -5.25 -10.70
C ASN A 116 -7.14 -4.04 -9.95
N HIS A 117 -7.61 -2.84 -10.30
CA HIS A 117 -7.11 -1.57 -9.76
C HIS A 117 -5.61 -1.42 -9.81
N ASP A 118 -5.01 -1.78 -10.94
CA ASP A 118 -3.58 -1.63 -11.11
C ASP A 118 -3.35 -0.77 -12.37
N PHE A 119 -2.67 0.38 -12.22
CA PHE A 119 -2.44 1.28 -13.34
C PHE A 119 -1.43 0.72 -14.35
N PHE A 120 -0.68 -0.29 -13.92
CA PHE A 120 0.44 -0.76 -14.73
C PHE A 120 0.16 -2.09 -15.35
N PRO A 121 -0.03 -2.10 -16.67
CA PRO A 121 -0.24 -3.37 -17.36
C PRO A 121 1.02 -4.19 -17.34
N THR A 122 0.96 -5.43 -17.76
CA THR A 122 2.16 -6.22 -17.92
C THR A 122 2.81 -5.85 -19.26
N ARG A 123 4.11 -6.11 -19.36
CA ARG A 123 4.79 -5.88 -20.63
C ARG A 123 4.17 -6.75 -21.73
N ARG A 124 3.74 -7.98 -21.40
CA ARG A 124 3.17 -8.89 -22.39
C ARG A 124 1.89 -8.29 -22.99
N GLU A 125 1.04 -7.76 -22.11
CA GLU A 125 -0.23 -7.16 -22.54
C GLU A 125 -0.01 -5.92 -23.39
N PHE A 126 0.96 -5.10 -22.98
CA PHE A 126 1.27 -3.89 -23.70
C PHE A 126 1.79 -4.23 -25.08
N HIS A 127 2.55 -5.32 -25.18
CA HIS A 127 3.06 -5.75 -26.48
C HIS A 127 1.85 -6.09 -27.38
N ASP A 128 0.83 -6.74 -26.81
CA ASP A 128 -0.36 -7.08 -27.57
C ASP A 128 -1.11 -5.81 -27.99
N TYR A 129 -1.13 -4.83 -27.10
CA TYR A 129 -1.71 -3.53 -27.39
C TYR A 129 -1.08 -2.90 -28.64
N LEU A 130 0.25 -2.91 -28.70
CA LEU A 130 0.95 -2.40 -29.87
C LEU A 130 0.53 -3.08 -31.19
N GLU A 131 0.44 -4.41 -31.16
CA GLU A 131 0.17 -5.18 -32.36
C GLU A 131 -1.25 -4.93 -32.77
N TRP A 132 -2.11 -4.79 -31.77
CA TRP A 132 -3.52 -4.49 -32.01
C TRP A 132 -3.66 -3.11 -32.67
N ALA A 133 -2.89 -2.14 -32.21
CA ALA A 133 -2.97 -0.78 -32.74
C ALA A 133 -2.47 -0.75 -34.19
N GLU A 134 -1.38 -1.47 -34.44
CA GLU A 134 -0.79 -1.58 -35.77
C GLU A 134 -1.79 -2.17 -36.79
N SER A 135 -2.55 -3.21 -36.40
CA SER A 135 -3.54 -3.84 -37.27
C SER A 135 -4.68 -2.90 -37.59
N LYS A 136 -5.12 -2.13 -36.60
CA LYS A 136 -6.23 -1.20 -36.78
C LYS A 136 -5.87 -0.16 -37.84
N LEU A 137 -4.67 0.38 -37.73
CA LEU A 137 -4.17 1.38 -38.69
C LEU A 137 -4.62 1.11 -40.12
N ALA A 138 -5.07 2.14 -40.84
CA ALA A 138 -5.35 1.95 -42.28
C ALA A 138 -4.07 1.68 -43.07
N HIS A 139 -3.06 2.54 -42.85
CA HIS A 139 -1.75 2.43 -43.48
C HIS A 139 -1.11 1.04 -43.26
N GLU A 140 -0.29 0.59 -44.21
CA GLU A 140 0.43 -0.67 -44.09
C GLU A 140 1.94 -0.44 -43.93
N VAL A 141 2.51 -0.91 -42.83
CA VAL A 141 3.93 -0.76 -42.53
C VAL A 141 4.73 -1.76 -43.37
N SER A 142 5.91 -1.37 -43.81
CA SER A 142 6.81 -2.27 -44.55
C SER A 142 7.83 -2.92 -43.61
N TYR A 143 7.62 -4.21 -43.34
CA TYR A 143 8.53 -4.99 -42.51
C TYR A 143 9.67 -5.59 -43.33
N ASP A 144 10.62 -6.23 -42.65
CA ASP A 144 11.81 -6.80 -43.29
C ASP A 144 12.53 -5.78 -44.18
N SER A 145 12.45 -4.52 -43.76
CA SER A 145 12.96 -3.42 -44.56
C SER A 145 13.91 -2.58 -43.75
N GLU A 146 15.22 -2.78 -43.95
CA GLU A 146 16.22 -2.04 -43.17
C GLU A 146 16.72 -0.80 -43.90
N VAL A 147 16.49 0.37 -43.30
CA VAL A 147 16.99 1.61 -43.85
C VAL A 147 18.52 1.63 -43.68
N THR A 148 19.26 1.75 -44.78
CA THR A 148 20.72 1.65 -44.71
C THR A 148 21.43 3.01 -44.80
N ALA A 149 20.72 4.00 -45.34
CA ALA A 149 21.27 5.34 -45.48
C ALA A 149 20.19 6.35 -45.79
N ILE A 150 20.46 7.61 -45.47
CA ILE A 150 19.58 8.71 -45.87
C ILE A 150 20.45 9.72 -46.60
N ARG A 151 20.11 10.03 -47.85
CA ARG A 151 20.92 10.94 -48.65
C ARG A 151 20.12 12.12 -49.18
N PRO A 152 20.81 13.24 -49.42
CA PRO A 152 20.16 14.43 -49.97
C PRO A 152 19.51 14.12 -51.31
N GLY A 153 18.26 14.50 -51.51
CA GLY A 153 17.64 14.41 -52.81
C GLY A 153 18.26 15.38 -53.81
N PRO A 154 17.77 15.37 -55.05
CA PRO A 154 18.38 16.16 -56.13
C PRO A 154 18.40 17.69 -55.93
N GLY A 155 19.50 18.31 -56.35
CA GLY A 155 19.62 19.75 -56.42
C GLY A 155 19.33 20.61 -55.20
N ARG A 156 19.83 21.84 -55.17
CA ARG A 156 19.69 22.70 -54.00
C ARG A 156 18.69 23.85 -54.20
N PRO A 157 18.06 24.27 -53.11
CA PRO A 157 18.29 23.65 -51.80
C PRO A 157 17.52 22.35 -51.75
N VAL A 158 17.99 21.40 -50.94
CA VAL A 158 17.39 20.09 -50.89
C VAL A 158 15.98 20.21 -50.37
N ASP A 159 15.03 19.69 -51.15
CA ASP A 159 13.62 19.75 -50.76
C ASP A 159 13.12 18.37 -50.38
N SER A 160 13.95 17.37 -50.61
CA SER A 160 13.59 16.02 -50.26
C SER A 160 14.83 15.24 -49.86
N VAL A 161 14.61 14.10 -49.22
CA VAL A 161 15.69 13.17 -48.95
C VAL A 161 15.42 11.85 -49.66
N LEU A 162 16.50 11.12 -49.89
CA LEU A 162 16.39 9.81 -50.48
C LEU A 162 16.68 8.79 -49.39
N VAL A 163 15.79 7.81 -49.28
CA VAL A 163 15.88 6.83 -48.22
C VAL A 163 16.18 5.46 -48.82
N ASP A 164 17.35 4.93 -48.50
CA ASP A 164 17.77 3.63 -49.05
C ASP A 164 17.26 2.47 -48.19
N VAL A 165 16.39 1.65 -48.77
CA VAL A 165 15.78 0.56 -48.05
C VAL A 165 16.21 -0.78 -48.62
N SER A 166 16.68 -1.65 -47.74
CA SER A 166 17.16 -2.97 -48.13
C SER A 166 16.15 -4.04 -47.65
N THR A 167 15.59 -4.80 -48.58
CA THR A 167 14.75 -5.93 -48.22
C THR A 167 15.53 -7.23 -48.47
N PRO A 168 14.98 -8.40 -48.08
CA PRO A 168 15.74 -9.65 -48.29
C PRO A 168 16.02 -9.94 -49.76
N GLU A 169 15.05 -9.56 -50.59
CA GLU A 169 15.11 -9.67 -52.02
C GLU A 169 15.91 -8.60 -52.73
N ALA A 170 15.57 -7.34 -52.54
CA ALA A 170 16.16 -6.23 -53.29
C ALA A 170 16.45 -4.99 -52.47
N THR A 171 16.94 -3.94 -53.10
CA THR A 171 17.16 -2.67 -52.42
C THR A 171 16.54 -1.62 -53.26
N ARG A 172 15.88 -0.66 -52.65
CA ARG A 172 15.25 0.40 -53.40
C ARG A 172 15.42 1.73 -52.70
N THR A 173 14.91 2.78 -53.30
CA THR A 173 15.04 4.12 -52.75
C THR A 173 13.70 4.83 -52.81
N VAL A 174 13.31 5.47 -51.70
CA VAL A 174 12.08 6.25 -51.67
C VAL A 174 12.43 7.67 -51.33
N GLU A 175 11.56 8.58 -51.74
CA GLU A 175 11.82 10.01 -51.59
C GLU A 175 10.79 10.61 -50.63
N ALA A 176 11.22 11.56 -49.80
CA ALA A 176 10.33 12.13 -48.80
C ALA A 176 10.69 13.56 -48.46
N ARG A 177 9.66 14.36 -48.17
CA ARG A 177 9.86 15.75 -47.80
C ARG A 177 10.28 15.90 -46.35
N ASN A 178 9.94 14.92 -45.52
CA ASN A 178 10.33 14.88 -44.11
C ASN A 178 10.67 13.46 -43.70
N ILE A 179 11.55 13.34 -42.71
CA ILE A 179 11.88 12.02 -42.22
C ILE A 179 11.88 12.04 -40.69
N VAL A 180 11.36 10.96 -40.11
CA VAL A 180 11.32 10.80 -38.65
C VAL A 180 12.14 9.58 -38.23
N ILE A 181 13.22 9.86 -37.50
CA ILE A 181 14.13 8.79 -37.08
C ILE A 181 13.80 8.32 -35.67
N SER A 182 13.41 7.05 -35.55
CA SER A 182 13.00 6.51 -34.26
C SER A 182 13.52 5.09 -34.11
N THR A 183 14.84 4.93 -34.08
CA THR A 183 15.44 3.60 -34.16
C THR A 183 15.79 2.96 -32.80
N GLY A 184 15.52 3.67 -31.71
CA GLY A 184 15.56 3.09 -30.38
C GLY A 184 16.92 3.12 -29.67
N LEU A 185 16.89 2.77 -28.39
CA LEU A 185 18.10 2.66 -27.57
C LEU A 185 19.08 1.63 -28.13
N VAL A 186 20.36 1.83 -27.86
CA VAL A 186 21.40 0.92 -28.34
C VAL A 186 22.14 0.22 -27.17
N PRO A 187 22.08 -1.12 -27.13
CA PRO A 187 22.70 -1.90 -26.05
C PRO A 187 24.14 -1.48 -25.82
N ARG A 188 24.54 -1.33 -24.56
CA ARG A 188 25.90 -0.96 -24.21
C ARG A 188 26.52 -1.97 -23.25
N MET A 189 27.62 -2.58 -23.69
CA MET A 189 28.35 -3.56 -22.91
C MET A 189 29.35 -2.83 -22.05
N PRO A 190 29.83 -3.47 -20.98
CA PRO A 190 30.91 -2.84 -20.20
C PRO A 190 32.16 -2.64 -21.05
N ALA A 191 32.93 -1.61 -20.78
CA ALA A 191 34.23 -1.43 -21.37
C ALA A 191 35.10 -2.65 -21.13
N GLY A 192 35.63 -3.24 -22.18
CA GLY A 192 36.49 -4.39 -22.03
C GLY A 192 35.83 -5.75 -22.01
N VAL A 193 34.59 -5.79 -22.49
CA VAL A 193 33.79 -6.98 -22.46
C VAL A 193 32.97 -7.06 -23.71
N GLN A 194 33.01 -8.21 -24.35
CA GLN A 194 32.38 -8.41 -25.61
C GLN A 194 31.32 -9.47 -25.51
N SER A 195 30.19 -9.28 -26.17
CA SER A 195 29.15 -10.29 -26.13
C SER A 195 29.69 -11.51 -26.86
N ASP A 196 29.20 -12.67 -26.49
CA ASP A 196 29.73 -13.89 -27.00
C ASP A 196 28.76 -14.98 -26.73
N GLU A 197 29.21 -16.22 -26.81
CA GLU A 197 28.33 -17.34 -26.61
C GLU A 197 27.82 -17.51 -25.20
N PHE A 198 28.59 -17.03 -24.24
CA PHE A 198 28.29 -17.14 -22.84
C PHE A 198 28.46 -15.82 -22.12
N VAL A 199 28.53 -14.74 -22.86
CA VAL A 199 28.43 -13.38 -22.32
C VAL A 199 27.32 -12.63 -23.08
N TRP A 200 26.17 -12.47 -22.44
CA TRP A 200 25.01 -11.86 -23.08
C TRP A 200 24.71 -10.47 -22.57
N HIS A 201 24.25 -9.58 -23.46
CA HIS A 201 23.61 -8.35 -23.03
C HIS A 201 22.18 -8.66 -22.63
N SER A 202 21.67 -7.97 -21.63
CA SER A 202 20.33 -8.19 -21.14
C SER A 202 19.23 -8.15 -22.22
N SER A 203 19.41 -7.29 -23.22
CA SER A 203 18.46 -7.17 -24.31
C SER A 203 18.18 -8.48 -25.05
N ARG A 204 19.14 -9.41 -25.02
CA ARG A 204 19.00 -10.68 -25.72
C ARG A 204 18.82 -11.84 -24.75
N PHE A 205 18.50 -11.55 -23.49
CA PHE A 205 18.46 -12.59 -22.46
C PHE A 205 17.56 -13.78 -22.81
N LEU A 206 16.30 -13.55 -23.09
CA LEU A 206 15.42 -14.62 -23.42
C LEU A 206 15.78 -15.34 -24.68
N ASP A 207 16.38 -14.66 -25.63
CA ASP A 207 16.73 -15.29 -26.87
C ASP A 207 17.80 -16.32 -26.65
N HIS A 208 18.66 -16.00 -25.71
CA HIS A 208 19.79 -16.80 -25.36
C HIS A 208 19.41 -17.85 -24.34
N PHE A 209 18.60 -17.49 -23.39
CA PHE A 209 18.26 -18.38 -22.32
C PHE A 209 17.59 -19.60 -22.82
N ARG A 210 16.70 -19.41 -23.78
CA ARG A 210 15.82 -20.44 -24.26
C ARG A 210 16.42 -21.62 -24.97
N ASP A 211 17.46 -21.42 -25.76
CA ASP A 211 18.10 -22.56 -26.39
C ASP A 211 18.81 -23.43 -25.38
N ARG A 212 19.57 -22.83 -24.51
CA ARG A 212 20.32 -23.56 -23.49
C ARG A 212 19.55 -24.67 -22.82
N ASP A 213 20.29 -25.63 -22.31
CA ASP A 213 19.79 -26.66 -21.40
C ASP A 213 19.85 -26.23 -19.96
N PRO A 214 18.76 -26.44 -19.28
CA PRO A 214 18.61 -26.04 -17.87
C PRO A 214 19.76 -26.47 -16.96
N ARG A 215 20.16 -27.74 -17.08
CA ARG A 215 21.24 -28.27 -16.26
C ARG A 215 22.62 -27.69 -16.59
N SER A 216 22.66 -26.69 -17.47
CA SER A 216 23.92 -26.10 -17.89
C SER A 216 24.08 -24.65 -17.44
N LEU A 217 23.07 -24.11 -16.76
CA LEU A 217 23.16 -22.75 -16.25
C LEU A 217 22.98 -22.76 -14.74
N ARG A 218 23.83 -23.51 -14.05
CA ARG A 218 23.71 -23.59 -12.61
C ARG A 218 24.36 -22.38 -11.92
N ARG A 219 25.32 -21.75 -12.56
CA ARG A 219 25.89 -20.52 -12.03
C ARG A 219 25.81 -19.35 -12.99
N VAL A 220 25.13 -18.29 -12.60
CA VAL A 220 24.95 -17.14 -13.47
C VAL A 220 25.40 -15.87 -12.76
N ALA A 221 26.22 -15.07 -13.43
CA ALA A 221 26.53 -13.71 -12.98
C ALA A 221 25.72 -12.69 -13.77
N VAL A 222 25.10 -11.76 -13.06
CA VAL A 222 24.38 -10.65 -13.67
C VAL A 222 24.97 -9.34 -13.22
N ALA A 223 25.54 -8.59 -14.17
CA ALA A 223 26.12 -7.27 -13.89
C ALA A 223 25.09 -6.15 -14.05
N GLY A 224 25.00 -5.28 -13.04
CA GLY A 224 24.15 -4.11 -13.14
C GLY A 224 23.29 -3.93 -11.90
N GLY A 225 22.87 -2.70 -11.64
CA GLY A 225 22.00 -2.44 -10.50
C GLY A 225 20.68 -1.81 -10.90
N GLY A 226 20.34 -1.89 -12.19
CA GLY A 226 19.12 -1.30 -12.71
C GLY A 226 17.97 -2.26 -12.86
N GLN A 227 16.89 -1.79 -13.50
CA GLN A 227 15.64 -2.55 -13.63
C GLN A 227 15.88 -3.88 -14.37
N SER A 228 16.68 -3.82 -15.44
CA SER A 228 16.99 -5.03 -16.19
C SER A 228 17.70 -6.05 -15.32
N ALA A 229 18.76 -5.64 -14.63
CA ALA A 229 19.51 -6.54 -13.76
C ALA A 229 18.60 -7.17 -12.71
N ALA A 230 17.78 -6.35 -12.06
CA ALA A 230 16.91 -6.83 -10.99
C ALA A 230 15.91 -7.86 -11.52
N GLU A 231 15.27 -7.57 -12.66
CA GLU A 231 14.24 -8.47 -13.19
C GLU A 231 14.84 -9.82 -13.59
N ILE A 232 16.04 -9.77 -14.17
CA ILE A 232 16.70 -10.99 -14.61
C ILE A 232 17.06 -11.87 -13.40
N VAL A 233 17.62 -11.25 -12.36
CA VAL A 233 17.95 -11.99 -11.13
C VAL A 233 16.69 -12.63 -10.51
N ARG A 234 15.60 -11.87 -10.46
CA ARG A 234 14.34 -12.34 -9.91
C ARG A 234 13.81 -13.54 -10.70
N PHE A 235 13.86 -13.43 -12.03
CA PHE A 235 13.42 -14.49 -12.92
C PHE A 235 14.24 -15.76 -12.69
N LEU A 236 15.57 -15.63 -12.69
CA LEU A 236 16.44 -16.79 -12.40
C LEU A 236 16.11 -17.46 -11.10
N HIS A 237 15.83 -16.63 -10.10
CA HIS A 237 15.54 -17.16 -8.77
C HIS A 237 14.23 -17.93 -8.79
N ASP A 238 13.24 -17.39 -9.48
CA ASP A 238 11.93 -18.00 -9.57
C ASP A 238 11.81 -19.18 -10.51
N ASN A 239 12.71 -19.38 -11.40
CA ASN A 239 12.52 -20.27 -12.48
C ASN A 239 13.32 -21.51 -12.36
N ARG A 240 14.39 -21.43 -11.64
CA ARG A 240 15.10 -22.62 -11.24
C ARG A 240 15.26 -22.51 -9.77
N PRO A 241 15.35 -23.67 -9.11
CA PRO A 241 15.49 -23.71 -7.65
C PRO A 241 16.90 -24.11 -7.25
N ASP A 242 17.79 -24.24 -8.23
CA ASP A 242 19.14 -24.62 -7.94
C ASP A 242 20.15 -23.68 -8.48
N THR A 243 19.69 -22.79 -9.31
CA THR A 243 20.57 -21.80 -9.88
C THR A 243 21.16 -20.92 -8.79
N VAL A 244 22.47 -20.69 -8.87
CA VAL A 244 23.15 -19.77 -7.98
C VAL A 244 23.42 -18.51 -8.77
N VAL A 245 23.12 -17.36 -8.19
CA VAL A 245 23.19 -16.10 -8.93
C VAL A 245 24.08 -15.09 -8.24
N HIS A 246 25.02 -14.50 -9.00
CA HIS A 246 25.85 -13.42 -8.49
C HIS A 246 25.41 -12.11 -9.09
N ALA A 247 24.82 -11.25 -8.27
CA ALA A 247 24.41 -9.91 -8.68
C ALA A 247 25.49 -8.90 -8.40
N ILE A 248 26.14 -8.39 -9.46
CA ILE A 248 27.29 -7.51 -9.33
C ILE A 248 26.94 -6.07 -9.71
N MET A 249 27.10 -5.15 -8.76
CA MET A 249 26.67 -3.77 -8.98
C MET A 249 27.51 -2.78 -8.17
N PRO A 250 27.65 -1.55 -8.69
CA PRO A 250 28.49 -0.54 -8.05
C PRO A 250 27.91 0.03 -6.74
N SER A 251 26.60 0.00 -6.56
CA SER A 251 26.01 0.57 -5.34
C SER A 251 26.11 -0.47 -4.20
N TYR A 252 25.74 -0.07 -2.99
CA TYR A 252 25.77 -0.97 -1.82
C TYR A 252 24.52 -1.85 -1.80
N GLY A 253 23.48 -1.43 -2.52
CA GLY A 253 22.26 -2.21 -2.70
C GLY A 253 21.46 -1.52 -3.81
N TYR A 254 20.44 -2.19 -4.33
CA TYR A 254 19.55 -1.56 -5.32
C TYR A 254 19.07 -0.17 -4.85
N VAL A 255 19.07 0.79 -5.76
CA VAL A 255 18.54 2.11 -5.46
C VAL A 255 17.12 2.23 -6.00
N VAL A 256 16.23 2.74 -5.17
CA VAL A 256 14.83 2.78 -5.53
C VAL A 256 14.57 3.81 -6.64
N ALA A 257 13.72 3.47 -7.58
CA ALA A 257 13.26 4.41 -8.57
C ALA A 257 12.35 5.43 -7.97
N ASP A 258 12.54 6.69 -8.33
CA ASP A 258 11.63 7.74 -7.92
C ASP A 258 10.40 7.77 -8.83
N ASN A 259 9.27 7.37 -8.28
CA ASN A 259 8.03 7.34 -9.00
C ASN A 259 6.92 8.03 -8.25
N THR A 260 7.26 9.02 -7.45
CA THR A 260 6.32 9.76 -6.67
C THR A 260 5.72 10.81 -7.57
N PRO A 261 4.59 11.46 -7.22
CA PRO A 261 3.79 12.23 -8.18
C PRO A 261 4.53 13.52 -8.65
N PHE A 262 5.27 14.23 -7.82
CA PHE A 262 5.99 15.38 -8.34
C PHE A 262 7.07 14.96 -9.31
N ALA A 263 7.67 13.83 -9.03
CA ALA A 263 8.72 13.33 -9.85
C ALA A 263 8.21 12.91 -11.19
N ASN A 264 6.98 12.44 -11.22
CA ASN A 264 6.40 12.07 -12.50
C ASN A 264 6.05 13.28 -13.33
N GLN A 265 6.00 14.43 -12.70
CA GLN A 265 5.85 15.69 -13.36
C GLN A 265 6.94 16.08 -14.35
N ILE A 266 8.15 15.61 -14.11
CA ILE A 266 9.26 15.74 -15.01
C ILE A 266 8.85 15.31 -16.41
N PHE A 267 7.90 14.43 -16.47
CA PHE A 267 7.47 13.82 -17.74
C PHE A 267 6.21 14.49 -18.33
N ASP A 268 5.64 15.41 -17.64
CA ASP A 268 4.59 16.20 -18.15
C ASP A 268 5.08 16.90 -19.38
N PRO A 269 4.20 17.09 -20.34
CA PRO A 269 4.54 17.83 -21.56
C PRO A 269 4.99 19.26 -21.23
N ALA A 270 4.41 19.85 -20.20
CA ALA A 270 4.75 21.19 -19.81
C ALA A 270 6.15 21.22 -19.25
N ALA A 271 6.62 20.11 -18.73
CA ALA A 271 7.98 20.01 -18.18
C ALA A 271 9.01 19.88 -19.30
N VAL A 272 8.59 19.39 -20.46
CA VAL A 272 9.44 19.34 -21.64
C VAL A 272 9.83 20.79 -21.96
N ASP A 273 8.85 21.67 -21.94
CA ASP A 273 9.11 23.06 -22.18
C ASP A 273 10.10 23.61 -21.15
N ASP A 274 9.86 23.36 -19.87
CA ASP A 274 10.72 23.83 -18.80
C ASP A 274 12.16 23.40 -19.04
N TYR A 275 12.35 22.12 -19.36
CA TYR A 275 13.68 21.62 -19.64
C TYR A 275 14.27 22.30 -20.90
N PHE A 276 13.50 22.30 -21.98
CA PHE A 276 13.94 22.88 -23.25
C PHE A 276 14.34 24.35 -23.12
N ASP A 277 13.49 25.17 -22.49
CA ASP A 277 13.74 26.61 -22.41
C ASP A 277 14.74 26.94 -21.32
N GLY A 278 15.00 25.98 -20.44
CA GLY A 278 15.88 26.24 -19.31
C GLY A 278 17.34 26.32 -19.71
N SER A 279 18.14 26.95 -18.87
CA SER A 279 19.56 27.08 -19.12
C SER A 279 20.25 25.76 -19.02
N LYS A 280 21.55 25.78 -19.16
CA LYS A 280 22.30 24.57 -19.08
C LYS A 280 22.55 24.23 -17.65
N GLN A 281 22.42 25.19 -16.79
CA GLN A 281 22.43 25.01 -15.36
C GLN A 281 21.19 24.25 -14.93
N ALA A 282 20.05 24.70 -15.40
CA ALA A 282 18.76 24.11 -15.08
C ALA A 282 18.71 22.70 -15.60
N LYS A 283 19.18 22.48 -16.84
CA LYS A 283 19.19 21.14 -17.42
C LYS A 283 19.98 20.17 -16.55
N ASP A 284 21.15 20.62 -16.08
CA ASP A 284 21.97 19.79 -15.20
C ASP A 284 21.22 19.42 -13.92
N ALA A 285 20.43 20.36 -13.40
CA ALA A 285 19.68 20.12 -12.18
C ALA A 285 18.66 19.00 -12.39
N PHE A 286 18.02 18.94 -13.57
CA PHE A 286 17.07 17.87 -13.84
C PHE A 286 17.76 16.53 -13.67
N TRP A 287 18.93 16.39 -14.30
CA TRP A 287 19.68 15.14 -14.26
C TRP A 287 20.24 14.86 -12.86
N ARG A 288 20.75 15.89 -12.20
CA ARG A 288 21.35 15.71 -10.87
C ARG A 288 20.31 15.22 -9.85
N TYR A 289 19.10 15.77 -9.91
CA TYR A 289 18.09 15.43 -8.92
C TYR A 289 17.13 14.31 -9.33
N HIS A 290 16.93 14.12 -10.64
CA HIS A 290 15.81 13.27 -11.05
C HIS A 290 16.18 12.19 -12.07
N ARG A 291 17.43 11.95 -12.32
CA ARG A 291 17.80 10.85 -13.15
C ARG A 291 17.33 9.53 -12.50
N ASN A 292 17.19 9.54 -11.18
CA ASN A 292 16.74 8.37 -10.44
C ASN A 292 15.32 7.94 -10.81
N THR A 293 14.62 8.77 -11.58
CA THR A 293 13.26 8.45 -11.99
C THR A 293 13.24 7.33 -13.02
N ASN A 294 14.41 7.03 -13.56
CA ASN A 294 14.56 6.08 -14.67
C ASN A 294 15.87 5.30 -14.79
N TYR A 295 17.00 5.96 -14.57
CA TYR A 295 18.31 5.33 -14.84
C TYR A 295 18.93 4.72 -13.60
N SER A 296 19.42 3.49 -13.74
CA SER A 296 20.19 2.82 -12.69
C SER A 296 19.38 2.69 -11.40
N VAL A 297 18.10 2.40 -11.55
CA VAL A 297 17.22 2.28 -10.39
C VAL A 297 16.22 1.16 -10.57
N VAL A 298 15.63 0.72 -9.46
CA VAL A 298 14.74 -0.43 -9.52
C VAL A 298 13.45 -0.06 -8.84
N ASP A 299 12.36 -0.55 -9.41
CA ASP A 299 11.01 -0.37 -8.90
C ASP A 299 10.92 -0.95 -7.47
N ASP A 300 10.30 -0.17 -6.60
CA ASP A 300 10.00 -0.55 -5.22
C ASP A 300 9.55 -2.02 -5.05
N GLU A 301 8.52 -2.43 -5.80
CA GLU A 301 7.97 -3.78 -5.62
C GLU A 301 8.99 -4.87 -5.97
N VAL A 302 9.77 -4.64 -7.03
CA VAL A 302 10.77 -5.62 -7.44
C VAL A 302 11.86 -5.74 -6.39
N ILE A 303 12.26 -4.62 -5.79
CA ILE A 303 13.28 -4.62 -4.74
C ILE A 303 12.82 -5.47 -3.53
N ARG A 304 11.59 -5.24 -3.10
CA ARG A 304 11.04 -5.93 -1.94
C ARG A 304 10.86 -7.41 -2.22
N ASP A 305 10.52 -7.78 -3.42
CA ASP A 305 10.37 -9.15 -3.76
C ASP A 305 11.71 -9.86 -3.73
N LEU A 306 12.75 -9.24 -4.22
CA LEU A 306 14.11 -9.80 -4.15
C LEU A 306 14.56 -9.94 -2.70
N TYR A 307 14.25 -8.92 -1.91
CA TYR A 307 14.64 -8.95 -0.52
C TYR A 307 13.93 -10.08 0.23
N ARG A 308 12.64 -10.24 -0.05
CA ARG A 308 11.88 -11.34 0.52
C ARG A 308 12.47 -12.70 0.14
N ARG A 309 12.86 -12.84 -1.12
CA ARG A 309 13.44 -14.09 -1.62
C ARG A 309 14.75 -14.42 -0.92
N GLY A 310 15.56 -13.40 -0.65
CA GLY A 310 16.84 -13.61 -0.01
C GLY A 310 16.62 -14.04 1.43
N TYR A 311 15.68 -13.36 2.08
CA TYR A 311 15.34 -13.65 3.47
C TYR A 311 14.85 -15.08 3.66
N ASP A 312 13.92 -15.53 2.80
CA ASP A 312 13.36 -16.86 2.94
C ASP A 312 14.43 -17.93 2.69
N ASP A 313 15.33 -17.68 1.75
CA ASP A 313 16.43 -18.62 1.50
C ASP A 313 17.33 -18.78 2.72
N GLU A 314 17.61 -17.67 3.40
CA GLU A 314 18.43 -17.69 4.60
C GLU A 314 17.71 -18.52 5.69
N VAL A 315 16.41 -18.28 5.88
CA VAL A 315 15.63 -19.07 6.83
C VAL A 315 15.71 -20.56 6.50
N ALA A 316 15.66 -20.90 5.22
CA ALA A 316 15.69 -22.29 4.77
C ALA A 316 17.10 -22.88 4.83
N GLY A 317 18.09 -22.03 5.11
CA GLY A 317 19.47 -22.48 5.14
C GLY A 317 20.02 -22.80 3.75
N ALA A 318 19.44 -22.18 2.71
CA ALA A 318 19.87 -22.45 1.34
C ALA A 318 20.07 -21.17 0.53
N PRO A 319 21.10 -20.38 0.87
CA PRO A 319 21.35 -19.12 0.15
C PRO A 319 21.73 -19.37 -1.31
N ARG A 320 21.15 -18.57 -2.21
CA ARG A 320 21.43 -18.69 -3.63
C ARG A 320 21.77 -17.33 -4.26
N LEU A 321 21.25 -16.25 -3.67
CA LEU A 321 21.50 -14.93 -4.22
C LEU A 321 22.72 -14.30 -3.55
N ASN A 322 23.78 -14.10 -4.33
CA ASN A 322 25.00 -13.50 -3.82
C ASN A 322 25.17 -12.07 -4.34
N PHE A 323 24.87 -11.10 -3.48
CA PHE A 323 24.94 -9.69 -3.88
C PHE A 323 26.37 -9.19 -3.70
N VAL A 324 26.99 -8.84 -4.82
CA VAL A 324 28.37 -8.43 -4.83
C VAL A 324 28.32 -6.95 -5.08
N ASN A 325 28.28 -6.20 -3.97
CA ASN A 325 28.01 -4.78 -4.02
C ASN A 325 29.31 -3.98 -4.05
N LEU A 326 29.20 -2.69 -4.41
CA LEU A 326 30.36 -1.82 -4.54
C LEU A 326 31.38 -2.40 -5.52
N ALA A 327 30.89 -2.92 -6.65
CA ALA A 327 31.76 -3.65 -7.60
C ALA A 327 31.38 -3.46 -9.08
N HIS A 328 32.34 -3.66 -9.97
CA HIS A 328 32.12 -3.59 -11.43
C HIS A 328 32.69 -4.82 -12.09
N VAL A 329 32.01 -5.29 -13.13
CA VAL A 329 32.61 -6.29 -13.99
C VAL A 329 33.59 -5.57 -14.95
N VAL A 330 34.84 -6.03 -15.04
CA VAL A 330 35.82 -5.35 -15.89
C VAL A 330 36.39 -6.26 -17.00
N GLY A 331 36.09 -7.54 -16.96
CA GLY A 331 36.51 -8.43 -18.03
C GLY A 331 35.83 -9.79 -17.98
N ALA A 332 35.85 -10.50 -19.11
CA ALA A 332 35.31 -11.85 -19.20
C ALA A 332 36.08 -12.67 -20.23
N LYS A 333 36.37 -13.92 -19.88
CA LYS A 333 37.10 -14.84 -20.75
C LYS A 333 36.51 -16.23 -20.57
N ARG A 334 36.53 -17.02 -21.62
CA ARG A 334 36.11 -18.38 -21.52
C ARG A 334 37.28 -19.31 -21.29
N ILE A 335 37.24 -20.09 -20.25
CA ILE A 335 38.38 -20.96 -19.89
C ILE A 335 37.87 -22.35 -19.60
N ALA A 336 37.95 -23.21 -20.61
CA ALA A 336 37.45 -24.58 -20.56
C ALA A 336 35.93 -24.49 -20.46
N ASP A 337 35.27 -25.02 -19.47
CA ASP A 337 33.87 -24.86 -19.57
C ASP A 337 33.28 -23.86 -18.63
N ASP A 338 34.04 -22.85 -18.27
CA ASP A 338 33.55 -21.78 -17.41
C ASP A 338 33.77 -20.40 -17.97
N THR A 339 32.95 -19.46 -17.52
CA THR A 339 33.10 -18.10 -17.89
C THR A 339 33.75 -17.34 -16.77
N ARG A 340 34.97 -16.90 -16.99
CA ARG A 340 35.70 -16.28 -15.92
C ARG A 340 35.51 -14.76 -15.93
N VAL A 341 34.77 -14.27 -14.93
CA VAL A 341 34.43 -12.87 -14.85
C VAL A 341 35.41 -12.18 -13.94
N THR A 342 36.09 -11.16 -14.44
CA THR A 342 36.94 -10.35 -13.61
C THR A 342 36.15 -9.22 -12.95
N VAL A 343 36.14 -9.21 -11.63
CA VAL A 343 35.38 -8.24 -10.86
C VAL A 343 36.30 -7.27 -10.15
N TYR A 344 36.02 -5.98 -10.24
CA TYR A 344 36.78 -5.01 -9.47
C TYR A 344 36.00 -4.58 -8.23
N SER A 345 36.59 -4.80 -7.07
CA SER A 345 36.01 -4.41 -5.80
C SER A 345 36.46 -3.02 -5.37
N MET A 346 35.55 -2.04 -5.32
CA MET A 346 35.89 -0.71 -4.81
C MET A 346 36.33 -0.73 -3.34
N ALA A 347 35.72 -1.60 -2.54
CA ALA A 347 36.02 -1.65 -1.13
C ALA A 347 37.48 -2.03 -0.87
N ARG A 348 37.98 -3.03 -1.59
CA ARG A 348 39.35 -3.49 -1.43
C ARG A 348 40.31 -2.94 -2.49
N GLU A 349 39.77 -2.22 -3.47
CA GLU A 349 40.60 -1.65 -4.55
C GLU A 349 41.51 -2.70 -5.15
N GLU A 350 40.90 -3.77 -5.62
CA GLU A 350 41.53 -5.04 -6.00
C GLU A 350 40.64 -5.79 -7.03
N SER A 351 41.20 -6.59 -7.88
CA SER A 351 40.33 -7.44 -8.64
C SER A 351 40.55 -8.93 -8.44
N TYR A 352 39.52 -9.71 -8.70
CA TYR A 352 39.56 -11.15 -8.64
C TYR A 352 38.67 -11.78 -9.72
N ASP A 353 38.85 -13.07 -9.92
CA ASP A 353 38.15 -13.84 -10.86
C ASP A 353 36.95 -14.56 -10.26
N LEU A 354 35.85 -14.60 -11.01
CA LEU A 354 34.63 -15.29 -10.59
C LEU A 354 34.23 -16.25 -11.65
N ASP A 355 34.15 -17.53 -11.39
CA ASP A 355 33.84 -18.47 -12.43
C ASP A 355 32.35 -18.82 -12.47
N VAL A 356 31.77 -18.84 -13.65
CA VAL A 356 30.34 -19.09 -13.87
C VAL A 356 30.10 -19.75 -15.19
N ASP A 357 28.83 -20.04 -15.45
CA ASP A 357 28.39 -20.61 -16.70
C ASP A 357 28.12 -19.54 -17.72
N VAL A 358 27.44 -18.51 -17.29
CA VAL A 358 27.05 -17.39 -18.14
C VAL A 358 27.18 -16.07 -17.42
N LEU A 359 27.71 -15.07 -18.12
CA LEU A 359 27.66 -13.70 -17.64
C LEU A 359 26.57 -12.93 -18.39
N VAL A 360 25.59 -12.40 -17.66
CA VAL A 360 24.61 -11.52 -18.28
C VAL A 360 24.94 -10.07 -17.89
N CYS A 361 25.20 -9.24 -18.90
CA CYS A 361 25.45 -7.83 -18.68
C CYS A 361 24.18 -7.00 -18.83
N ALA A 362 23.60 -6.60 -17.72
CA ALA A 362 22.43 -5.73 -17.73
C ALA A 362 22.96 -4.30 -17.49
N THR A 363 23.86 -3.87 -18.36
CA THR A 363 24.61 -2.64 -18.15
C THR A 363 24.05 -1.43 -18.91
N GLY A 364 22.81 -1.54 -19.38
CA GLY A 364 22.10 -0.40 -19.92
C GLY A 364 22.26 -0.17 -21.40
N TYR A 365 21.94 1.04 -21.84
CA TYR A 365 21.87 1.39 -23.25
C TYR A 365 22.44 2.76 -23.53
N ASP A 366 22.82 2.97 -24.79
CA ASP A 366 23.24 4.26 -25.30
C ASP A 366 22.15 4.84 -26.18
N PRO A 367 21.85 6.11 -25.98
CA PRO A 367 20.78 6.83 -26.67
C PRO A 367 20.93 6.78 -28.19
N MET A 368 19.78 6.84 -28.85
CA MET A 368 19.64 6.85 -30.29
C MET A 368 20.58 7.91 -30.84
N ASP A 369 21.28 7.55 -31.88
CA ASP A 369 22.16 8.47 -32.52
C ASP A 369 21.66 8.82 -33.89
N PRO A 370 21.14 10.12 -33.99
CA PRO A 370 20.57 10.39 -35.31
C PRO A 370 21.60 10.22 -36.38
N GLY A 371 22.84 10.38 -36.00
CA GLY A 371 23.92 10.52 -36.91
C GLY A 371 24.35 9.43 -37.81
N ASP A 372 24.00 8.21 -37.53
CA ASP A 372 24.56 7.12 -38.30
C ASP A 372 23.83 6.76 -39.54
N LEU A 373 22.63 7.25 -39.71
CA LEU A 373 21.97 7.12 -40.99
C LEU A 373 22.28 8.39 -41.78
N LEU A 374 22.52 9.47 -41.07
CA LEU A 374 22.64 10.74 -41.67
C LEU A 374 23.72 11.00 -42.66
N GLY A 375 24.82 10.30 -42.58
CA GLY A 375 25.90 10.55 -43.52
C GLY A 375 26.13 12.03 -43.99
N GLU A 376 25.97 12.27 -45.29
CA GLU A 376 26.22 13.57 -45.94
C GLU A 376 25.34 14.66 -45.38
N LEU A 377 24.10 14.30 -45.07
CA LEU A 377 23.17 15.31 -44.59
C LEU A 377 23.66 15.90 -43.30
N ALA A 378 24.53 15.17 -42.60
CA ALA A 378 25.05 15.65 -41.33
C ALA A 378 25.83 16.95 -41.49
N GLU A 379 26.40 17.17 -42.69
CA GLU A 379 27.11 18.42 -42.98
C GLU A 379 26.18 19.62 -42.85
N HIS A 380 24.90 19.43 -43.19
CA HIS A 380 23.91 20.51 -43.17
C HIS A 380 23.16 20.57 -41.82
N CYS A 381 23.61 19.82 -40.82
CA CYS A 381 22.99 19.83 -39.50
C CYS A 381 23.86 20.48 -38.44
N VAL A 382 23.28 21.31 -37.62
CA VAL A 382 24.00 22.17 -36.73
C VAL A 382 24.34 21.60 -35.35
N GLN A 383 25.62 21.50 -35.05
CA GLN A 383 26.02 21.16 -33.72
C GLN A 383 26.21 22.37 -32.88
N ASP A 384 26.39 22.16 -31.60
CA ASP A 384 26.53 23.23 -30.67
C ASP A 384 27.96 23.16 -30.25
N ALA A 385 28.28 23.84 -29.18
CA ALA A 385 29.66 23.94 -28.70
C ALA A 385 30.25 22.57 -28.34
N GLU A 386 29.51 21.79 -27.54
CA GLU A 386 29.99 20.48 -27.10
C GLU A 386 29.83 19.40 -28.17
N GLY A 387 29.53 19.83 -29.40
CA GLY A 387 29.42 18.91 -30.52
C GLY A 387 28.15 18.09 -30.66
N ARG A 388 27.07 18.58 -30.09
CA ARG A 388 25.77 17.93 -30.05
C ARG A 388 24.74 18.46 -31.05
N TRP A 389 23.87 17.60 -31.64
CA TRP A 389 22.91 18.13 -32.60
C TRP A 389 22.00 19.18 -31.96
N GLN A 390 21.84 20.32 -32.64
CA GLN A 390 20.83 21.27 -32.21
C GLN A 390 19.47 20.78 -32.66
N VAL A 391 18.49 20.87 -31.79
CA VAL A 391 17.15 20.40 -32.09
C VAL A 391 16.11 21.39 -31.61
N ASP A 392 15.16 21.73 -32.47
CA ASP A 392 14.07 22.61 -32.13
C ASP A 392 13.11 21.90 -31.23
N ARG A 393 12.28 22.66 -30.54
CA ARG A 393 11.29 22.13 -29.63
C ARG A 393 10.36 21.17 -30.30
N ASP A 394 10.02 21.43 -31.53
CA ASP A 394 9.16 20.47 -32.21
C ASP A 394 9.88 19.22 -32.72
N TYR A 395 11.07 18.95 -32.14
CA TYR A 395 11.85 17.72 -32.38
C TYR A 395 12.55 17.70 -33.76
N ARG A 396 12.67 18.84 -34.38
CA ARG A 396 13.25 18.95 -35.68
C ARG A 396 14.70 19.35 -35.57
N MET A 397 15.55 18.69 -36.31
CA MET A 397 16.97 19.07 -36.31
C MET A 397 17.16 20.45 -36.95
N VAL A 398 18.01 21.25 -36.33
CA VAL A 398 18.41 22.53 -36.90
C VAL A 398 19.33 22.30 -38.11
N THR A 399 18.94 22.86 -39.25
CA THR A 399 19.74 22.77 -40.47
C THR A 399 20.17 24.11 -41.08
N THR A 400 21.20 24.08 -41.93
CA THR A 400 21.57 25.24 -42.75
C THR A 400 20.48 25.48 -43.82
N PRO A 401 20.47 26.63 -44.43
CA PRO A 401 19.43 26.95 -45.40
C PRO A 401 19.51 26.03 -46.60
N ASP A 402 20.60 25.27 -46.69
CA ASP A 402 20.79 24.34 -47.76
C ASP A 402 19.89 23.14 -47.63
N LEU A 403 19.41 22.92 -46.43
CA LEU A 403 18.48 21.86 -46.18
C LEU A 403 17.16 22.45 -45.84
N ARG A 404 16.13 22.00 -46.54
CA ARG A 404 14.79 22.48 -46.26
C ARG A 404 13.82 21.36 -45.87
N CYS A 405 14.17 20.13 -46.17
CA CYS A 405 13.41 18.98 -45.74
C CYS A 405 13.49 18.83 -44.21
N GLY A 406 12.46 18.35 -43.57
CA GLY A 406 12.43 18.11 -42.13
C GLY A 406 12.99 16.79 -41.63
N ILE A 407 13.92 16.87 -40.68
CA ILE A 407 14.45 15.70 -40.00
C ILE A 407 14.07 15.73 -38.53
N TYR A 408 13.13 14.86 -38.15
CA TYR A 408 12.63 14.82 -36.78
C TYR A 408 13.17 13.62 -36.00
N LEU A 409 13.36 13.82 -34.70
CA LEU A 409 13.92 12.78 -33.84
C LEU A 409 12.96 12.35 -32.73
N GLN A 410 12.62 11.07 -32.71
CA GLN A 410 11.96 10.52 -31.53
C GLN A 410 12.95 9.58 -30.85
N GLY A 411 13.57 10.06 -29.78
CA GLY A 411 14.79 9.44 -29.26
C GLY A 411 15.96 10.37 -29.57
N GLY A 412 17.07 10.22 -28.84
CA GLY A 412 18.26 11.01 -29.11
C GLY A 412 18.14 12.49 -28.78
N THR A 413 17.15 12.84 -27.96
CA THR A 413 16.94 14.25 -27.61
C THR A 413 17.12 14.48 -26.13
N GLU A 414 17.81 13.55 -25.47
CA GLU A 414 18.09 13.65 -24.05
C GLU A 414 18.69 15.00 -23.68
N HIS A 415 19.59 15.50 -24.51
CA HIS A 415 20.21 16.75 -24.22
C HIS A 415 19.29 17.93 -24.36
N THR A 416 18.43 17.88 -25.31
CA THR A 416 17.70 19.10 -25.67
C THR A 416 16.31 19.08 -25.05
N HIS A 417 15.68 17.90 -25.01
CA HIS A 417 14.30 17.80 -24.52
C HIS A 417 14.20 17.10 -23.17
N GLY A 418 15.25 16.38 -22.75
CA GLY A 418 15.20 15.83 -21.41
C GLY A 418 14.93 14.35 -21.26
N LEU A 419 14.63 13.96 -20.02
CA LEU A 419 14.56 12.56 -19.61
C LEU A 419 13.39 11.79 -20.24
N SER A 420 12.49 12.49 -20.87
CA SER A 420 11.39 11.86 -21.53
C SER A 420 11.71 11.22 -22.86
N SER A 421 12.91 11.39 -23.37
CA SER A 421 13.23 10.97 -24.71
C SER A 421 13.12 9.53 -25.11
N SER A 422 13.66 8.62 -24.32
CA SER A 422 13.58 7.23 -24.64
C SER A 422 12.38 6.56 -24.04
N LEU A 423 11.64 7.31 -23.26
CA LEU A 423 10.54 6.77 -22.50
C LEU A 423 9.17 6.73 -23.21
N LEU A 424 8.17 6.13 -22.55
CA LEU A 424 6.78 6.04 -23.03
C LEU A 424 5.83 7.08 -22.41
N SER A 425 6.38 7.94 -21.57
CA SER A 425 5.62 8.93 -20.82
C SER A 425 4.82 9.92 -21.70
N ASN A 426 5.37 10.27 -22.87
CA ASN A 426 4.91 11.41 -23.68
C ASN A 426 4.68 11.16 -25.16
N LEU A 427 4.34 9.91 -25.49
CA LEU A 427 4.13 9.51 -26.88
C LEU A 427 3.08 10.33 -27.61
N ALA A 428 1.92 10.53 -26.98
CA ALA A 428 0.80 11.20 -27.64
C ALA A 428 1.12 12.63 -28.06
N THR A 429 1.70 13.40 -27.14
CA THR A 429 1.96 14.81 -27.39
C THR A 429 3.14 15.02 -28.34
N ARG A 430 4.19 14.23 -28.16
CA ARG A 430 5.38 14.33 -29.00
C ARG A 430 5.04 14.05 -30.46
N SER A 431 4.31 12.96 -30.70
CA SER A 431 3.91 12.57 -32.05
C SER A 431 2.98 13.67 -32.64
N GLY A 432 2.10 14.22 -31.81
CA GLY A 432 1.17 15.21 -32.28
C GLY A 432 1.89 16.50 -32.67
N GLU A 433 2.87 16.90 -31.87
CA GLU A 433 3.67 18.08 -32.17
C GLU A 433 4.41 17.94 -33.50
N ILE A 434 4.93 16.75 -33.77
CA ILE A 434 5.67 16.49 -34.98
C ILE A 434 4.73 16.54 -36.19
N VAL A 435 3.58 15.87 -36.10
CA VAL A 435 2.58 15.94 -37.16
C VAL A 435 2.18 17.40 -37.43
N SER A 436 1.90 18.16 -36.38
CA SER A 436 1.55 19.56 -36.57
C SER A 436 2.62 20.38 -37.27
N SER A 437 3.86 20.15 -36.87
CA SER A 437 5.01 20.83 -37.44
C SER A 437 5.09 20.57 -38.95
N ILE A 438 4.94 19.30 -39.31
CA ILE A 438 5.03 18.90 -40.71
C ILE A 438 3.91 19.55 -41.52
N GLU A 439 2.69 19.55 -40.97
CA GLU A 439 1.55 20.20 -41.62
C GLU A 439 1.80 21.71 -41.77
N ARG A 440 2.31 22.34 -40.72
CA ARG A 440 2.56 23.78 -40.70
C ARG A 440 3.52 24.24 -41.81
N ARG A 441 4.53 23.43 -42.10
CA ARG A 441 5.56 23.80 -43.06
C ARG A 441 5.17 23.45 -44.49
N LYS A 442 4.28 22.46 -44.62
CA LYS A 442 3.75 22.09 -45.92
C LYS A 442 2.96 23.29 -46.50
N PRO B 29 -47.62 17.29 -28.59
CA PRO B 29 -46.26 16.74 -28.74
C PRO B 29 -45.95 15.60 -27.75
N THR B 30 -45.94 14.38 -28.26
CA THR B 30 -45.64 13.22 -27.42
C THR B 30 -44.17 12.80 -27.53
N HIS B 31 -43.48 12.79 -26.38
CA HIS B 31 -42.08 12.36 -26.32
C HIS B 31 -41.95 10.83 -26.33
N ASP B 32 -40.88 10.35 -26.95
CA ASP B 32 -40.50 8.95 -26.87
C ASP B 32 -40.21 8.55 -25.42
N VAL B 33 -39.52 9.41 -24.69
CA VAL B 33 -39.19 9.07 -23.32
C VAL B 33 -39.10 10.32 -22.43
N VAL B 34 -39.63 10.21 -21.22
CA VAL B 34 -39.48 11.24 -20.20
C VAL B 34 -38.71 10.68 -18.99
N GLY B 35 -37.71 11.41 -18.53
CA GLY B 35 -36.95 11.05 -17.35
C GLY B 35 -37.36 11.82 -16.13
N VAL B 36 -37.74 11.11 -15.07
CA VAL B 36 -38.04 11.74 -13.79
C VAL B 36 -36.82 11.74 -12.87
N GLY B 37 -36.37 12.95 -12.52
CA GLY B 37 -35.16 13.12 -11.74
C GLY B 37 -33.95 13.27 -12.66
N PHE B 38 -32.96 14.04 -12.22
CA PHE B 38 -31.74 14.16 -13.01
C PHE B 38 -30.48 14.01 -12.16
N GLY B 39 -30.29 12.82 -11.62
CA GLY B 39 -29.03 12.46 -10.98
C GLY B 39 -28.19 11.73 -12.03
N PRO B 40 -27.08 11.13 -11.60
CA PRO B 40 -26.19 10.42 -12.52
C PRO B 40 -26.88 9.38 -13.41
N ALA B 41 -27.88 8.67 -12.90
CA ALA B 41 -28.55 7.62 -13.66
C ALA B 41 -29.22 8.18 -14.91
N ASN B 42 -30.00 9.22 -14.74
CA ASN B 42 -30.69 9.82 -15.83
C ASN B 42 -29.84 10.66 -16.71
N LEU B 43 -28.76 11.17 -16.15
CA LEU B 43 -27.70 11.82 -16.92
C LEU B 43 -27.09 10.80 -17.88
N SER B 44 -26.68 9.69 -17.34
CA SER B 44 -26.26 8.56 -18.08
C SER B 44 -27.17 8.27 -19.25
N LEU B 45 -28.45 8.22 -18.96
CA LEU B 45 -29.52 7.95 -19.92
C LEU B 45 -29.52 9.01 -21.02
N ALA B 46 -29.46 10.29 -20.60
CA ALA B 46 -29.40 11.38 -21.58
C ALA B 46 -28.21 11.20 -22.52
N VAL B 47 -27.05 10.87 -21.95
CA VAL B 47 -25.85 10.58 -22.73
C VAL B 47 -26.05 9.41 -23.69
N ALA B 48 -26.61 8.32 -23.19
CA ALA B 48 -26.89 7.15 -24.03
C ALA B 48 -27.83 7.53 -25.19
N LEU B 49 -28.83 8.37 -24.91
CA LEU B 49 -29.77 8.83 -25.95
C LEU B 49 -29.05 9.61 -27.07
N GLU B 50 -28.19 10.55 -26.66
CA GLU B 50 -27.42 11.34 -27.59
C GLU B 50 -26.49 10.50 -28.46
N GLU B 51 -25.82 9.51 -27.87
CA GLU B 51 -24.88 8.69 -28.61
C GLU B 51 -25.56 7.67 -29.51
N SER B 52 -26.79 7.32 -29.18
CA SER B 52 -27.52 6.35 -30.01
C SER B 52 -27.84 7.02 -31.37
N PRO B 53 -27.73 6.24 -32.46
CA PRO B 53 -28.16 6.72 -33.79
C PRO B 53 -29.69 6.88 -33.92
N ALA B 54 -30.44 6.17 -33.08
CA ALA B 54 -31.91 6.27 -33.03
C ALA B 54 -32.31 7.70 -32.73
N ALA B 55 -33.29 8.19 -33.48
CA ALA B 55 -33.85 9.51 -33.26
C ALA B 55 -34.99 9.42 -32.26
N LEU B 56 -34.68 9.70 -31.00
CA LEU B 56 -35.66 9.62 -29.94
C LEU B 56 -35.79 10.98 -29.26
N THR B 57 -37.03 11.42 -29.10
CA THR B 57 -37.31 12.68 -28.42
C THR B 57 -37.37 12.41 -26.92
N SER B 58 -36.95 13.37 -26.11
CA SER B 58 -36.91 13.16 -24.67
C SER B 58 -36.90 14.44 -23.85
N ALA B 59 -37.48 14.37 -22.66
CA ALA B 59 -37.47 15.48 -21.72
C ALA B 59 -37.10 14.97 -20.35
N PHE B 60 -36.38 15.76 -19.60
CA PHE B 60 -35.99 15.39 -18.25
C PHE B 60 -36.45 16.45 -17.25
N PHE B 61 -36.97 16.00 -16.11
CA PHE B 61 -37.45 16.92 -15.08
C PHE B 61 -36.74 16.67 -13.77
N GLU B 62 -36.16 17.74 -13.22
CA GLU B 62 -35.50 17.69 -11.94
C GLU B 62 -36.11 18.74 -11.03
N ARG B 63 -36.44 18.33 -9.81
CA ARG B 63 -37.07 19.23 -8.84
C ARG B 63 -36.14 20.36 -8.41
N ARG B 64 -34.88 20.07 -8.24
CA ARG B 64 -33.90 21.04 -7.76
C ARG B 64 -33.44 22.01 -8.84
N ALA B 65 -32.82 23.11 -8.42
CA ALA B 65 -32.43 24.19 -9.32
C ALA B 65 -31.34 23.77 -10.31
N SER B 66 -30.60 22.73 -9.94
CA SER B 66 -29.52 22.20 -10.78
C SER B 66 -29.16 20.82 -10.30
N ILE B 67 -28.22 20.15 -10.96
CA ILE B 67 -27.76 18.86 -10.47
C ILE B 67 -27.26 19.02 -9.02
N SER B 68 -27.76 18.17 -8.11
CA SER B 68 -27.39 18.27 -6.72
C SER B 68 -27.16 16.86 -6.19
N TRP B 69 -25.90 16.41 -6.26
CA TRP B 69 -25.57 15.01 -5.98
C TRP B 69 -25.01 14.80 -4.55
N HIS B 70 -25.92 14.54 -3.62
CA HIS B 70 -25.61 14.37 -2.19
C HIS B 70 -24.70 15.47 -1.66
N GLN B 71 -25.10 16.72 -1.90
CA GLN B 71 -24.28 17.85 -1.50
C GLN B 71 -24.15 17.98 0.01
N GLY B 72 -25.16 17.53 0.74
CA GLY B 72 -25.13 17.49 2.20
C GLY B 72 -23.98 16.67 2.74
N MET B 73 -23.43 15.77 1.91
CA MET B 73 -22.34 14.90 2.35
C MET B 73 -21.05 15.16 1.57
N LEU B 74 -20.98 16.28 0.83
CA LEU B 74 -19.76 16.64 0.13
C LEU B 74 -18.67 17.14 1.09
N LEU B 75 -18.22 16.25 1.96
CA LEU B 75 -17.17 16.55 2.91
C LEU B 75 -15.80 16.68 2.23
N PRO B 76 -14.93 17.53 2.79
CA PRO B 76 -13.60 17.85 2.28
C PRO B 76 -12.81 16.65 1.72
N ALA B 77 -12.76 15.54 2.44
CA ALA B 77 -11.89 14.46 1.96
C ALA B 77 -12.61 13.29 1.26
N ALA B 78 -13.91 13.46 0.99
CA ALA B 78 -14.75 12.36 0.53
C ALA B 78 -14.30 11.83 -0.85
N LYS B 79 -14.14 10.51 -0.96
CA LYS B 79 -13.67 9.92 -2.21
C LYS B 79 -14.71 8.96 -2.82
N MET B 80 -14.80 8.98 -4.15
CA MET B 80 -15.72 8.08 -4.86
C MET B 80 -15.53 6.65 -4.36
N GLN B 81 -16.60 5.86 -4.37
CA GLN B 81 -16.45 4.45 -4.01
C GLN B 81 -16.31 3.59 -5.24
N VAL B 82 -16.26 4.25 -6.40
CA VAL B 82 -16.20 3.53 -7.65
C VAL B 82 -15.06 4.15 -8.50
N SER B 83 -14.36 3.31 -9.26
CA SER B 83 -13.28 3.72 -10.16
C SER B 83 -13.68 4.79 -11.21
N PHE B 84 -12.74 5.66 -11.61
CA PHE B 84 -13.09 6.69 -12.61
C PHE B 84 -13.49 6.03 -13.94
N LEU B 85 -13.06 4.79 -14.17
CA LEU B 85 -13.45 4.11 -15.41
C LEU B 85 -14.94 3.79 -15.40
N LYS B 86 -15.55 3.75 -14.22
CA LYS B 86 -16.99 3.52 -14.13
C LYS B 86 -17.70 4.86 -14.16
N ASP B 87 -17.76 5.47 -15.34
CA ASP B 87 -18.31 6.80 -15.45
C ASP B 87 -19.65 6.74 -16.17
N LEU B 88 -20.01 7.78 -16.89
CA LEU B 88 -21.30 7.81 -17.55
C LEU B 88 -21.41 6.92 -18.78
N ALA B 89 -20.28 6.55 -19.40
CA ALA B 89 -20.37 5.93 -20.72
C ALA B 89 -19.30 4.92 -21.10
N THR B 90 -18.15 4.98 -20.44
CA THR B 90 -16.93 4.30 -20.93
C THR B 90 -17.10 2.77 -21.15
N PHE B 91 -17.77 2.08 -20.21
CA PHE B 91 -17.99 0.65 -20.34
C PHE B 91 -18.84 0.25 -21.54
N ARG B 92 -19.73 1.09 -21.99
CA ARG B 92 -20.42 0.85 -23.21
C ARG B 92 -19.71 1.45 -24.42
N ASN B 93 -19.31 2.70 -24.32
CA ASN B 93 -18.49 3.30 -25.36
C ASN B 93 -17.12 3.81 -24.91
N PRO B 94 -16.07 2.97 -25.32
CA PRO B 94 -14.77 3.36 -24.78
C PRO B 94 -14.23 4.67 -25.25
N ALA B 95 -14.72 5.18 -26.35
CA ALA B 95 -14.32 6.46 -26.85
C ALA B 95 -15.40 7.51 -26.85
N SER B 96 -16.07 7.70 -25.75
CA SER B 96 -17.10 8.67 -25.61
C SER B 96 -16.59 10.07 -25.28
N ARG B 97 -17.30 11.08 -25.79
CA ARG B 97 -16.98 12.46 -25.49
C ARG B 97 -17.40 12.81 -24.07
N PHE B 98 -18.15 11.89 -23.44
CA PHE B 98 -18.61 12.12 -22.08
C PHE B 98 -17.83 11.36 -21.00
N SER B 99 -16.75 10.71 -21.39
CA SER B 99 -15.95 9.96 -20.41
C SER B 99 -15.31 10.88 -19.39
N PHE B 100 -14.95 10.32 -18.24
CA PHE B 100 -14.26 11.07 -17.20
C PHE B 100 -12.91 11.56 -17.72
N VAL B 101 -12.28 10.72 -18.54
CA VAL B 101 -10.99 11.06 -19.15
C VAL B 101 -11.14 12.31 -20.00
N SER B 102 -12.18 12.35 -20.84
CA SER B 102 -12.44 13.52 -21.67
C SER B 102 -12.55 14.75 -20.79
N PHE B 103 -13.38 14.65 -19.75
CA PHE B 103 -13.56 15.72 -18.77
C PHE B 103 -12.19 16.20 -18.25
N LEU B 104 -11.35 15.27 -17.83
CA LEU B 104 -10.03 15.65 -17.32
C LEU B 104 -9.21 16.42 -18.35
N HIS B 105 -9.30 15.94 -19.59
CA HIS B 105 -8.56 16.54 -20.70
C HIS B 105 -8.99 17.98 -20.94
N GLU B 106 -10.29 18.21 -21.01
CA GLU B 106 -10.84 19.53 -21.29
C GLU B 106 -10.47 20.49 -20.17
N ARG B 107 -10.42 19.97 -18.95
CA ARG B 107 -10.05 20.79 -17.81
C ARG B 107 -8.52 20.92 -17.68
N GLY B 108 -7.79 20.28 -18.59
CA GLY B 108 -6.34 20.31 -18.54
C GLY B 108 -5.77 19.67 -17.28
N ARG B 109 -6.41 18.62 -16.79
CA ARG B 109 -5.96 17.92 -15.59
C ARG B 109 -5.64 16.45 -15.82
N LEU B 110 -5.82 15.97 -17.04
CA LEU B 110 -5.61 14.56 -17.30
C LEU B 110 -4.20 14.10 -16.88
N VAL B 111 -3.17 14.86 -17.28
CA VAL B 111 -1.79 14.49 -16.97
C VAL B 111 -1.54 14.51 -15.48
N ARG B 112 -1.98 15.59 -14.83
CA ARG B 112 -1.87 15.70 -13.39
C ARG B 112 -2.55 14.54 -12.69
N PHE B 113 -3.79 14.25 -13.10
CA PHE B 113 -4.55 13.14 -12.52
C PHE B 113 -3.86 11.79 -12.67
N ALA B 114 -3.36 11.50 -13.84
CA ALA B 114 -2.65 10.32 -14.07
C ALA B 114 -1.46 10.15 -13.12
N ASN B 115 -0.74 11.21 -12.82
CA ASN B 115 0.41 11.12 -11.97
C ASN B 115 0.13 10.78 -10.52
N ASN B 116 -1.09 11.02 -10.10
CA ASN B 116 -1.49 10.73 -8.77
C ASN B 116 -1.68 9.23 -8.46
N HIS B 117 -1.99 8.48 -9.49
CA HIS B 117 -2.09 7.03 -9.43
C HIS B 117 -3.16 6.49 -8.50
N ASP B 118 -4.25 7.21 -8.35
CA ASP B 118 -5.40 6.80 -7.61
C ASP B 118 -6.59 6.68 -8.60
N PHE B 119 -7.26 5.56 -8.54
CA PHE B 119 -8.41 5.24 -9.38
C PHE B 119 -9.68 5.99 -8.92
N PHE B 120 -9.61 6.55 -7.71
CA PHE B 120 -10.80 7.09 -7.09
C PHE B 120 -10.74 8.62 -6.99
N PRO B 121 -11.56 9.28 -7.82
CA PRO B 121 -11.62 10.74 -7.76
C PRO B 121 -12.25 11.17 -6.46
N THR B 122 -12.16 12.45 -6.13
CA THR B 122 -12.92 12.97 -4.99
C THR B 122 -14.37 13.15 -5.40
N ARG B 123 -15.23 13.17 -4.39
CA ARG B 123 -16.63 13.44 -4.65
C ARG B 123 -16.80 14.84 -5.25
N ARG B 124 -15.99 15.79 -4.80
CA ARG B 124 -16.06 17.16 -5.31
C ARG B 124 -15.79 17.21 -6.81
N GLU B 125 -14.76 16.50 -7.25
CA GLU B 125 -14.38 16.48 -8.65
C GLU B 125 -15.44 15.76 -9.48
N PHE B 126 -15.98 14.67 -8.95
CA PHE B 126 -16.98 13.91 -9.67
C PHE B 126 -18.24 14.74 -9.86
N HIS B 127 -18.55 15.57 -8.87
CA HIS B 127 -19.70 16.46 -8.97
C HIS B 127 -19.47 17.43 -10.14
N ASP B 128 -18.24 17.95 -10.27
CA ASP B 128 -17.93 18.82 -11.41
C ASP B 128 -18.05 18.07 -12.74
N TYR B 129 -17.61 16.82 -12.74
CA TYR B 129 -17.75 15.96 -13.90
C TYR B 129 -19.22 15.90 -14.36
N LEU B 130 -20.16 15.71 -13.43
CA LEU B 130 -21.57 15.62 -13.77
C LEU B 130 -22.09 16.91 -14.42
N GLU B 131 -21.77 18.04 -13.78
CA GLU B 131 -22.18 19.34 -14.28
C GLU B 131 -21.59 19.57 -15.66
N TRP B 132 -20.31 19.23 -15.81
CA TRP B 132 -19.66 19.34 -17.12
C TRP B 132 -20.36 18.51 -18.20
N ALA B 133 -20.78 17.31 -17.84
CA ALA B 133 -21.43 16.42 -18.81
C ALA B 133 -22.81 16.97 -19.19
N GLU B 134 -23.52 17.48 -18.20
CA GLU B 134 -24.83 18.06 -18.42
C GLU B 134 -24.75 19.27 -19.42
N SER B 135 -23.74 20.12 -19.26
CA SER B 135 -23.55 21.28 -20.14
C SER B 135 -23.24 20.88 -21.57
N LYS B 136 -22.49 19.83 -21.75
CA LYS B 136 -22.12 19.36 -23.05
C LYS B 136 -23.26 18.77 -23.83
N LEU B 137 -24.18 18.20 -23.12
CA LEU B 137 -25.41 17.66 -23.71
C LEU B 137 -26.09 18.66 -24.64
N ALA B 138 -26.59 18.17 -25.78
CA ALA B 138 -27.50 18.92 -26.66
C ALA B 138 -28.90 19.18 -26.11
N HIS B 139 -29.41 18.26 -25.30
CA HIS B 139 -30.69 18.47 -24.64
C HIS B 139 -30.53 19.40 -23.44
N GLU B 140 -31.62 20.04 -23.03
CA GLU B 140 -31.63 20.95 -21.95
C GLU B 140 -32.53 20.31 -20.93
N VAL B 141 -32.14 20.27 -19.67
CA VAL B 141 -32.94 19.59 -18.67
C VAL B 141 -33.81 20.64 -18.07
N SER B 142 -35.04 20.34 -17.78
CA SER B 142 -35.92 21.27 -17.07
C SER B 142 -35.78 21.19 -15.56
N TYR B 143 -35.13 22.20 -14.98
CA TYR B 143 -34.95 22.26 -13.52
C TYR B 143 -36.13 22.93 -12.85
N ASP B 144 -36.10 22.98 -11.51
CA ASP B 144 -37.22 23.53 -10.72
C ASP B 144 -38.57 22.92 -11.14
N SER B 145 -38.52 21.68 -11.55
CA SER B 145 -39.68 21.00 -12.08
C SER B 145 -39.94 19.68 -11.35
N GLU B 146 -40.88 19.70 -10.42
CA GLU B 146 -41.20 18.50 -9.67
C GLU B 146 -42.30 17.70 -10.35
N VAL B 147 -42.03 16.42 -10.61
CA VAL B 147 -43.05 15.52 -11.11
C VAL B 147 -43.93 15.11 -9.94
N THR B 148 -45.24 15.36 -10.03
CA THR B 148 -46.13 15.14 -8.88
C THR B 148 -46.98 13.89 -9.03
N ALA B 149 -47.13 13.43 -10.27
CA ALA B 149 -47.94 12.24 -10.56
C ALA B 149 -47.72 11.76 -11.98
N ILE B 150 -47.96 10.47 -12.19
CA ILE B 150 -47.93 9.91 -13.54
C ILE B 150 -49.26 9.22 -13.78
N ARG B 151 -49.96 9.63 -14.81
CA ARG B 151 -51.31 9.17 -15.11
C ARG B 151 -51.40 8.42 -16.42
N PRO B 152 -52.35 7.49 -16.57
CA PRO B 152 -52.61 6.86 -17.87
C PRO B 152 -53.06 7.87 -18.89
N GLY B 153 -52.45 7.89 -20.06
CA GLY B 153 -52.94 8.72 -21.14
C GLY B 153 -54.30 8.24 -21.64
N PRO B 154 -54.83 8.93 -22.64
CA PRO B 154 -56.14 8.63 -23.26
C PRO B 154 -56.18 7.41 -24.15
N GLY B 155 -57.29 6.71 -24.11
CA GLY B 155 -57.47 5.52 -24.90
C GLY B 155 -57.10 4.22 -24.21
N ARG B 156 -57.50 3.14 -24.84
CA ARG B 156 -57.16 1.84 -24.41
C ARG B 156 -56.86 1.07 -25.63
N PRO B 157 -55.83 0.23 -25.66
CA PRO B 157 -54.86 0.14 -24.57
C PRO B 157 -54.09 1.44 -24.48
N VAL B 158 -53.56 1.69 -23.30
CA VAL B 158 -52.83 2.91 -22.96
C VAL B 158 -51.49 2.94 -23.71
N ASP B 159 -51.31 3.93 -24.60
CA ASP B 159 -50.10 4.01 -25.42
C ASP B 159 -49.18 5.12 -24.98
N SER B 160 -49.65 5.91 -24.04
CA SER B 160 -48.84 6.97 -23.50
C SER B 160 -49.19 7.21 -22.05
N VAL B 161 -48.34 7.95 -21.37
CA VAL B 161 -48.65 8.42 -20.04
C VAL B 161 -48.57 9.92 -19.96
N LEU B 162 -49.27 10.46 -18.99
CA LEU B 162 -49.23 11.87 -18.77
C LEU B 162 -48.45 12.22 -17.51
N VAL B 163 -47.49 13.10 -17.65
CA VAL B 163 -46.62 13.45 -16.56
C VAL B 163 -46.90 14.80 -15.98
N ASP B 164 -47.41 14.86 -14.78
CA ASP B 164 -47.73 16.13 -14.15
C ASP B 164 -46.51 16.80 -13.54
N VAL B 165 -46.15 17.96 -14.09
CA VAL B 165 -44.98 18.69 -13.67
C VAL B 165 -45.37 20.01 -13.03
N SER B 166 -44.85 20.23 -11.83
CA SER B 166 -45.12 21.45 -11.10
C SER B 166 -43.87 22.35 -11.09
N THR B 167 -44.00 23.56 -11.61
CA THR B 167 -42.91 24.54 -11.53
C THR B 167 -43.28 25.60 -10.47
N PRO B 168 -42.36 26.53 -10.14
CA PRO B 168 -42.71 27.54 -9.13
C PRO B 168 -43.90 28.41 -9.56
N GLU B 169 -43.92 28.80 -10.83
CA GLU B 169 -45.02 29.62 -11.36
C GLU B 169 -46.28 28.80 -11.67
N ALA B 170 -46.15 27.79 -12.54
CA ALA B 170 -47.31 27.10 -13.10
C ALA B 170 -47.35 25.60 -12.81
N THR B 171 -48.31 24.93 -13.44
CA THR B 171 -48.32 23.47 -13.52
C THR B 171 -48.69 23.09 -14.93
N ARG B 172 -48.14 21.97 -15.39
CA ARG B 172 -48.40 21.50 -16.76
C ARG B 172 -48.37 19.99 -16.83
N THR B 173 -48.68 19.47 -18.01
CA THR B 173 -48.70 18.04 -18.26
C THR B 173 -48.03 17.73 -19.58
N VAL B 174 -47.13 16.76 -19.58
CA VAL B 174 -46.51 16.30 -20.81
C VAL B 174 -46.84 14.83 -21.04
N GLU B 175 -46.76 14.42 -22.31
CA GLU B 175 -47.19 13.09 -22.69
C GLU B 175 -45.96 12.33 -23.22
N ALA B 176 -45.87 11.05 -22.89
CA ALA B 176 -44.73 10.25 -23.30
C ALA B 176 -45.07 8.79 -23.55
N ARG B 177 -44.38 8.18 -24.51
CA ARG B 177 -44.55 6.76 -24.80
C ARG B 177 -43.82 5.85 -23.83
N ASN B 178 -42.79 6.40 -23.18
CA ASN B 178 -42.02 5.70 -22.17
C ASN B 178 -41.61 6.64 -21.07
N ILE B 179 -41.45 6.09 -19.88
CA ILE B 179 -41.02 6.91 -18.78
C ILE B 179 -39.90 6.19 -17.99
N VAL B 180 -38.90 6.94 -17.57
CA VAL B 180 -37.80 6.38 -16.79
C VAL B 180 -37.71 7.03 -15.42
N ILE B 181 -38.03 6.26 -14.39
CA ILE B 181 -38.05 6.76 -13.02
C ILE B 181 -36.70 6.54 -12.31
N SER B 182 -36.06 7.63 -11.93
CA SER B 182 -34.73 7.58 -11.30
C SER B 182 -34.62 8.64 -10.22
N THR B 183 -35.42 8.50 -9.18
CA THR B 183 -35.57 9.56 -8.19
C THR B 183 -34.69 9.38 -6.95
N GLY B 184 -33.90 8.31 -6.92
CA GLY B 184 -32.84 8.16 -5.94
C GLY B 184 -33.23 7.50 -4.62
N LEU B 185 -32.21 7.22 -3.80
CA LEU B 185 -32.38 6.67 -2.46
C LEU B 185 -33.19 7.60 -1.56
N VAL B 186 -33.83 7.04 -0.55
CA VAL B 186 -34.66 7.83 0.35
C VAL B 186 -34.16 7.73 1.78
N PRO B 187 -33.81 8.88 2.40
CA PRO B 187 -33.25 8.87 3.76
C PRO B 187 -34.14 8.07 4.70
N ARG B 188 -33.51 7.31 5.59
CA ARG B 188 -34.24 6.53 6.58
C ARG B 188 -33.75 6.80 8.01
N MET B 189 -34.62 7.36 8.84
CA MET B 189 -34.29 7.66 10.22
C MET B 189 -34.51 6.40 11.06
N PRO B 190 -33.89 6.35 12.26
CA PRO B 190 -34.18 5.20 13.15
C PRO B 190 -35.66 5.19 13.53
N ALA B 191 -36.22 4.02 13.79
CA ALA B 191 -37.62 3.95 14.24
C ALA B 191 -37.79 4.70 15.54
N GLY B 192 -38.75 5.63 15.58
CA GLY B 192 -39.04 6.33 16.81
C GLY B 192 -38.19 7.58 17.00
N VAL B 193 -37.55 8.03 15.93
CA VAL B 193 -36.72 9.24 15.96
C VAL B 193 -37.06 10.11 14.76
N GLN B 194 -37.30 11.37 15.03
CA GLN B 194 -37.64 12.25 13.96
C GLN B 194 -36.66 13.35 13.76
N SER B 195 -36.35 13.68 12.52
CA SER B 195 -35.44 14.77 12.25
C SER B 195 -35.93 16.10 12.78
N ASP B 196 -35.02 17.02 13.07
CA ASP B 196 -35.39 18.20 13.79
C ASP B 196 -34.32 19.26 13.82
N GLU B 197 -34.59 20.36 14.51
CA GLU B 197 -33.59 21.37 14.76
C GLU B 197 -32.26 20.77 15.27
N PHE B 198 -32.31 19.72 16.06
CA PHE B 198 -31.09 19.19 16.64
C PHE B 198 -30.87 17.73 16.39
N VAL B 199 -31.67 17.17 15.52
CA VAL B 199 -31.56 15.78 15.11
C VAL B 199 -31.54 15.73 13.57
N TRP B 200 -30.37 15.49 13.00
CA TRP B 200 -30.23 15.53 11.55
C TRP B 200 -29.98 14.14 10.94
N HIS B 201 -30.53 13.93 9.74
CA HIS B 201 -30.11 12.79 8.93
C HIS B 201 -28.82 13.17 8.22
N SER B 202 -27.92 12.20 8.09
CA SER B 202 -26.64 12.42 7.44
C SER B 202 -26.73 13.13 6.09
N SER B 203 -27.78 12.86 5.32
CA SER B 203 -27.93 13.45 3.98
C SER B 203 -27.98 14.99 4.00
N ARG B 204 -28.33 15.53 5.12
CA ARG B 204 -28.39 16.92 5.24
C ARG B 204 -27.39 17.50 6.21
N PHE B 205 -26.33 16.79 6.47
CA PHE B 205 -25.31 17.21 7.43
C PHE B 205 -24.68 18.59 7.15
N LEU B 206 -24.12 18.81 5.96
CA LEU B 206 -23.47 20.10 5.71
C LEU B 206 -24.49 21.24 5.64
N ASP B 207 -25.70 20.94 5.16
CA ASP B 207 -26.79 21.93 5.17
C ASP B 207 -26.95 22.53 6.56
N HIS B 208 -27.10 21.67 7.56
CA HIS B 208 -27.29 22.14 8.93
C HIS B 208 -25.97 22.66 9.52
N PHE B 209 -24.87 21.98 9.24
CA PHE B 209 -23.60 22.27 9.90
C PHE B 209 -23.03 23.64 9.56
N ARG B 210 -23.15 24.04 8.30
CA ARG B 210 -22.64 25.32 7.84
C ARG B 210 -23.40 26.52 8.45
N ASP B 211 -24.61 26.28 8.94
CA ASP B 211 -25.42 27.32 9.59
C ASP B 211 -25.02 27.58 11.05
N ARG B 212 -24.91 26.51 11.85
CA ARG B 212 -24.63 26.63 13.28
C ARG B 212 -23.32 27.33 13.62
N ASP B 213 -23.32 27.95 14.81
CA ASP B 213 -22.12 28.54 15.40
C ASP B 213 -21.22 27.45 15.98
N PRO B 214 -19.93 27.48 15.62
CA PRO B 214 -18.92 26.49 16.04
C PRO B 214 -18.94 26.19 17.54
N ARG B 215 -18.97 27.24 18.35
CA ARG B 215 -18.95 27.10 19.80
C ARG B 215 -20.22 26.46 20.36
N SER B 216 -21.06 25.99 19.44
CA SER B 216 -22.33 25.44 19.79
C SER B 216 -22.51 23.98 19.40
N LEU B 217 -21.46 23.37 18.87
CA LEU B 217 -21.52 21.96 18.52
C LEU B 217 -20.40 21.24 19.25
N ARG B 218 -20.32 21.44 20.56
CA ARG B 218 -19.21 20.90 21.32
C ARG B 218 -19.33 19.41 21.57
N ARG B 219 -20.59 18.96 21.56
CA ARG B 219 -21.00 17.58 21.82
C ARG B 219 -21.81 16.97 20.68
N VAL B 220 -21.27 16.04 19.90
CA VAL B 220 -22.07 15.49 18.81
C VAL B 220 -22.13 13.96 18.93
N ALA B 221 -23.35 13.44 18.82
CA ALA B 221 -23.55 12.01 18.64
C ALA B 221 -23.81 11.69 17.17
N VAL B 222 -23.14 10.66 16.68
CA VAL B 222 -23.38 10.14 15.34
C VAL B 222 -23.78 8.68 15.40
N ALA B 223 -25.00 8.39 14.96
CA ALA B 223 -25.50 7.00 14.93
C ALA B 223 -25.22 6.33 13.60
N GLY B 224 -24.66 5.12 13.64
CA GLY B 224 -24.45 4.35 12.43
C GLY B 224 -23.02 3.80 12.37
N GLY B 225 -22.82 2.75 11.59
CA GLY B 225 -21.49 2.16 11.47
C GLY B 225 -21.07 2.08 10.02
N GLY B 226 -21.76 2.81 9.14
CA GLY B 226 -21.46 2.79 7.72
C GLY B 226 -20.56 3.91 7.24
N GLN B 227 -20.44 4.04 5.92
CA GLN B 227 -19.54 5.01 5.29
C GLN B 227 -19.92 6.44 5.69
N SER B 228 -21.22 6.75 5.69
CA SER B 228 -21.67 8.09 6.09
C SER B 228 -21.25 8.38 7.54
N ALA B 229 -21.55 7.47 8.45
CA ALA B 229 -21.21 7.67 9.85
C ALA B 229 -19.72 7.92 10.04
N ALA B 230 -18.91 7.12 9.36
CA ALA B 230 -17.45 7.18 9.53
C ALA B 230 -16.91 8.50 9.00
N GLU B 231 -17.40 8.92 7.82
CA GLU B 231 -16.90 10.15 7.23
C GLU B 231 -17.25 11.36 8.08
N ILE B 232 -18.47 11.38 8.61
CA ILE B 232 -18.91 12.49 9.45
C ILE B 232 -18.06 12.56 10.73
N VAL B 233 -17.86 11.44 11.39
CA VAL B 233 -17.03 11.44 12.59
C VAL B 233 -15.61 11.94 12.27
N ARG B 234 -15.01 11.49 11.18
CA ARG B 234 -13.69 11.95 10.81
C ARG B 234 -13.67 13.45 10.54
N PHE B 235 -14.63 13.93 9.81
CA PHE B 235 -14.72 15.35 9.53
C PHE B 235 -14.80 16.18 10.82
N LEU B 236 -15.67 15.78 11.74
CA LEU B 236 -15.79 16.48 13.01
C LEU B 236 -14.48 16.49 13.79
N HIS B 237 -13.79 15.36 13.73
CA HIS B 237 -12.52 15.25 14.44
C HIS B 237 -11.48 16.18 13.82
N ASP B 238 -11.52 16.28 12.51
CA ASP B 238 -10.56 17.06 11.76
C ASP B 238 -10.83 18.53 11.68
N ASN B 239 -12.00 18.98 12.05
CA ASN B 239 -12.41 20.32 11.73
C ASN B 239 -12.75 21.13 12.92
N ARG B 240 -12.72 20.52 14.07
CA ARG B 240 -12.87 21.24 15.31
C ARG B 240 -12.20 20.43 16.37
N PRO B 241 -11.06 21.02 16.94
CA PRO B 241 -10.33 20.12 17.82
C PRO B 241 -10.81 20.03 19.25
N ASP B 242 -11.93 20.63 19.56
CA ASP B 242 -12.47 20.51 20.88
C ASP B 242 -13.87 19.97 20.87
N THR B 243 -14.28 19.44 19.74
CA THR B 243 -15.51 18.69 19.63
C THR B 243 -15.33 17.29 20.22
N VAL B 244 -16.30 16.88 21.04
CA VAL B 244 -16.33 15.52 21.56
C VAL B 244 -17.37 14.76 20.72
N VAL B 245 -17.03 13.56 20.28
CA VAL B 245 -17.92 12.81 19.42
C VAL B 245 -18.26 11.43 20.00
N HIS B 246 -19.54 11.09 19.97
CA HIS B 246 -19.99 9.74 20.35
C HIS B 246 -20.44 9.01 19.11
N ALA B 247 -19.69 7.98 18.74
CA ALA B 247 -20.00 7.15 17.58
C ALA B 247 -20.76 5.90 18.02
N ILE B 248 -22.05 5.87 17.72
CA ILE B 248 -22.93 4.80 18.23
C ILE B 248 -23.32 3.84 17.12
N MET B 249 -22.93 2.58 17.27
CA MET B 249 -23.14 1.58 16.23
C MET B 249 -23.34 0.17 16.80
N PRO B 250 -24.10 -0.67 16.06
CA PRO B 250 -24.45 -2.01 16.54
C PRO B 250 -23.28 -3.01 16.55
N SER B 251 -22.30 -2.84 15.68
CA SER B 251 -21.16 -3.75 15.63
C SER B 251 -20.16 -3.42 16.74
N TYR B 252 -19.14 -4.26 16.92
CA TYR B 252 -18.11 -4.04 17.95
C TYR B 252 -17.07 -3.05 17.48
N GLY B 253 -17.02 -2.83 16.18
CA GLY B 253 -16.18 -1.83 15.54
C GLY B 253 -16.62 -1.73 14.09
N TYR B 254 -16.13 -0.71 13.37
CA TYR B 254 -16.40 -0.61 11.94
C TYR B 254 -16.08 -1.90 11.21
N VAL B 255 -16.98 -2.29 10.30
CA VAL B 255 -16.71 -3.45 9.45
C VAL B 255 -16.17 -2.97 8.10
N VAL B 256 -15.10 -3.63 7.65
CA VAL B 256 -14.47 -3.21 6.40
C VAL B 256 -15.38 -3.52 5.19
N ALA B 257 -15.33 -2.61 4.23
CA ALA B 257 -16.00 -2.76 2.99
C ALA B 257 -15.14 -3.69 2.12
N ASP B 258 -15.77 -4.63 1.43
CA ASP B 258 -15.03 -5.60 0.63
C ASP B 258 -14.98 -4.94 -0.70
N ASN B 259 -13.76 -4.59 -1.11
CA ASN B 259 -13.54 -4.16 -2.49
C ASN B 259 -12.43 -4.86 -3.24
N THR B 260 -12.15 -6.09 -2.82
CA THR B 260 -11.32 -7.05 -3.52
C THR B 260 -11.92 -7.43 -4.89
N PRO B 261 -11.06 -7.76 -5.87
CA PRO B 261 -11.42 -7.83 -7.29
C PRO B 261 -12.55 -8.85 -7.57
N PHE B 262 -12.55 -10.00 -6.88
CA PHE B 262 -13.56 -11.03 -7.15
C PHE B 262 -14.93 -10.67 -6.64
N ALA B 263 -14.99 -10.20 -5.40
CA ALA B 263 -16.26 -9.77 -4.85
C ALA B 263 -16.77 -8.61 -5.70
N ASN B 264 -15.85 -7.75 -6.17
CA ASN B 264 -16.24 -6.60 -6.97
C ASN B 264 -16.90 -7.03 -8.30
N GLN B 265 -16.67 -8.28 -8.72
CA GLN B 265 -17.27 -8.80 -9.96
C GLN B 265 -18.79 -8.89 -9.91
N ILE B 266 -19.39 -8.83 -8.72
CA ILE B 266 -20.83 -8.83 -8.64
C ILE B 266 -21.40 -7.58 -9.33
N PHE B 267 -20.54 -6.59 -9.57
CA PHE B 267 -21.00 -5.37 -10.25
C PHE B 267 -20.76 -5.38 -11.77
N ASP B 268 -20.11 -6.45 -12.25
CA ASP B 268 -19.86 -6.65 -13.68
C ASP B 268 -21.24 -6.69 -14.32
N PRO B 269 -21.35 -6.18 -15.55
CA PRO B 269 -22.56 -6.33 -16.39
C PRO B 269 -23.03 -7.77 -16.43
N ALA B 270 -22.12 -8.71 -16.65
CA ALA B 270 -22.53 -10.10 -16.73
C ALA B 270 -23.12 -10.64 -15.40
N ALA B 271 -22.72 -10.04 -14.27
CA ALA B 271 -23.19 -10.49 -12.97
C ALA B 271 -24.62 -10.08 -12.73
N VAL B 272 -25.05 -9.01 -13.38
CA VAL B 272 -26.45 -8.62 -13.39
C VAL B 272 -27.28 -9.73 -14.02
N ASP B 273 -26.85 -10.26 -15.15
CA ASP B 273 -27.42 -11.46 -15.66
C ASP B 273 -27.43 -12.61 -14.66
N ASP B 274 -26.36 -12.75 -13.89
CA ASP B 274 -26.20 -13.91 -13.05
C ASP B 274 -27.14 -13.88 -11.86
N TYR B 275 -27.38 -12.71 -11.34
CA TYR B 275 -28.34 -12.42 -10.29
C TYR B 275 -29.78 -12.54 -10.84
N PHE B 276 -30.03 -11.91 -11.99
CA PHE B 276 -31.37 -11.84 -12.55
C PHE B 276 -31.90 -13.25 -12.86
N ASP B 277 -31.10 -14.06 -13.55
CA ASP B 277 -31.54 -15.38 -13.98
C ASP B 277 -31.51 -16.39 -12.85
N GLY B 278 -30.80 -16.05 -11.78
CA GLY B 278 -30.64 -16.99 -10.69
C GLY B 278 -31.90 -17.17 -9.87
N SER B 279 -32.01 -18.31 -9.23
CA SER B 279 -33.06 -18.59 -8.29
C SER B 279 -33.08 -17.66 -7.11
N LYS B 280 -34.08 -17.78 -6.27
CA LYS B 280 -34.14 -17.00 -5.07
C LYS B 280 -32.93 -17.30 -4.23
N GLN B 281 -32.59 -18.57 -4.17
CA GLN B 281 -31.51 -19.09 -3.41
C GLN B 281 -30.23 -18.38 -3.71
N ALA B 282 -29.89 -18.34 -4.97
CA ALA B 282 -28.75 -17.61 -5.40
C ALA B 282 -28.91 -16.12 -5.17
N LYS B 283 -30.07 -15.56 -5.33
CA LYS B 283 -30.18 -14.15 -4.98
C LYS B 283 -29.87 -13.92 -3.51
N ASP B 284 -30.40 -14.80 -2.65
CA ASP B 284 -30.16 -14.65 -1.21
C ASP B 284 -28.68 -14.79 -0.93
N ALA B 285 -28.00 -15.67 -1.67
CA ALA B 285 -26.56 -15.88 -1.46
C ALA B 285 -25.77 -14.62 -1.82
N PHE B 286 -26.19 -13.88 -2.85
CA PHE B 286 -25.50 -12.64 -3.16
C PHE B 286 -25.51 -11.70 -1.96
N TRP B 287 -26.68 -11.54 -1.35
CA TRP B 287 -26.84 -10.64 -0.22
C TRP B 287 -26.12 -11.20 1.03
N ARG B 288 -26.25 -12.50 1.27
CA ARG B 288 -25.66 -13.11 2.47
C ARG B 288 -24.13 -12.95 2.43
N TYR B 289 -23.52 -13.18 1.27
CA TYR B 289 -22.07 -13.14 1.22
C TYR B 289 -21.46 -11.79 0.84
N HIS B 290 -22.20 -10.96 0.10
CA HIS B 290 -21.56 -9.80 -0.51
C HIS B 290 -22.27 -8.47 -0.25
N ARG B 291 -23.21 -8.43 0.68
CA ARG B 291 -23.85 -7.15 1.01
C ARG B 291 -22.76 -6.22 1.60
N ASN B 292 -21.72 -6.84 2.17
CA ASN B 292 -20.58 -6.11 2.71
C ASN B 292 -19.70 -5.42 1.65
N THR B 293 -20.12 -5.46 0.39
CA THR B 293 -19.42 -4.71 -0.65
C THR B 293 -19.89 -3.26 -0.66
N ASN B 294 -20.99 -2.99 0.06
CA ASN B 294 -21.63 -1.68 0.01
C ASN B 294 -22.38 -1.23 1.26
N TYR B 295 -23.11 -2.14 1.91
CA TYR B 295 -24.00 -1.71 2.99
C TYR B 295 -23.39 -1.91 4.38
N SER B 296 -23.52 -0.87 5.21
CA SER B 296 -23.11 -0.95 6.60
C SER B 296 -21.65 -1.28 6.76
N VAL B 297 -20.83 -0.76 5.87
CA VAL B 297 -19.41 -1.02 5.89
C VAL B 297 -18.62 0.24 5.59
N VAL B 298 -17.33 0.22 5.92
CA VAL B 298 -16.52 1.44 5.79
C VAL B 298 -15.25 1.09 5.03
N ASP B 299 -14.86 2.00 4.15
CA ASP B 299 -13.65 1.88 3.36
C ASP B 299 -12.41 1.72 4.27
N ASP B 300 -11.54 0.80 3.89
CA ASP B 300 -10.29 0.49 4.57
C ASP B 300 -9.51 1.75 5.02
N GLU B 301 -9.29 2.69 4.10
CA GLU B 301 -8.46 3.85 4.43
C GLU B 301 -9.13 4.71 5.50
N VAL B 302 -10.45 4.91 5.39
CA VAL B 302 -11.17 5.72 6.37
C VAL B 302 -11.13 5.07 7.76
N ILE B 303 -11.22 3.75 7.80
CA ILE B 303 -11.13 3.07 9.09
C ILE B 303 -9.77 3.31 9.77
N ARG B 304 -8.70 3.17 9.00
CA ARG B 304 -7.33 3.30 9.52
C ARG B 304 -7.06 4.74 9.94
N ASP B 305 -7.59 5.69 9.19
CA ASP B 305 -7.43 7.10 9.54
C ASP B 305 -8.09 7.36 10.90
N LEU B 306 -9.32 6.86 11.08
CA LEU B 306 -10.02 7.03 12.35
C LEU B 306 -9.27 6.37 13.51
N TYR B 307 -8.71 5.20 13.23
CA TYR B 307 -7.98 4.49 14.25
C TYR B 307 -6.73 5.24 14.64
N ARG B 308 -6.06 5.81 13.65
CA ARG B 308 -4.86 6.59 13.87
C ARG B 308 -5.20 7.82 14.72
N ARG B 309 -6.32 8.46 14.39
CA ARG B 309 -6.78 9.62 15.13
C ARG B 309 -6.98 9.31 16.61
N GLY B 310 -7.66 8.20 16.89
CA GLY B 310 -7.92 7.81 18.25
C GLY B 310 -6.65 7.52 19.00
N TYR B 311 -5.73 6.81 18.35
CA TYR B 311 -4.45 6.47 18.95
C TYR B 311 -3.68 7.72 19.35
N ASP B 312 -3.62 8.71 18.47
CA ASP B 312 -2.85 9.90 18.67
C ASP B 312 -3.46 10.76 19.73
N ASP B 313 -4.74 10.62 19.97
CA ASP B 313 -5.39 11.39 21.01
C ASP B 313 -5.15 10.77 22.35
N GLU B 314 -4.94 9.47 22.35
CA GLU B 314 -4.66 8.74 23.56
C GLU B 314 -3.24 8.97 24.03
N VAL B 315 -2.34 9.06 23.09
CA VAL B 315 -0.96 9.44 23.37
C VAL B 315 -0.87 10.85 23.95
N ALA B 316 -1.64 11.77 23.37
CA ALA B 316 -1.67 13.17 23.82
C ALA B 316 -2.43 13.35 25.14
N GLY B 317 -3.07 12.29 25.63
CA GLY B 317 -3.87 12.39 26.83
C GLY B 317 -5.16 13.19 26.68
N ALA B 318 -5.70 13.26 25.47
CA ALA B 318 -6.88 14.07 25.19
C ALA B 318 -7.89 13.32 24.31
N PRO B 319 -8.50 12.26 24.88
CA PRO B 319 -9.49 11.48 24.12
C PRO B 319 -10.72 12.29 23.75
N ARG B 320 -11.21 12.12 22.53
CA ARG B 320 -12.36 12.86 22.03
C ARG B 320 -13.36 11.94 21.33
N LEU B 321 -12.84 10.86 20.76
CA LEU B 321 -13.70 9.91 20.06
C LEU B 321 -14.17 8.82 21.00
N ASN B 322 -15.47 8.80 21.25
CA ASN B 322 -16.04 7.77 22.10
C ASN B 322 -16.85 6.79 21.27
N PHE B 323 -16.30 5.59 21.10
CA PHE B 323 -16.97 4.57 20.34
C PHE B 323 -17.90 3.78 21.25
N VAL B 324 -19.20 3.92 20.98
CA VAL B 324 -20.22 3.24 21.75
C VAL B 324 -20.68 2.08 20.88
N ASN B 325 -20.03 0.93 21.10
CA ASN B 325 -20.25 -0.21 20.24
C ASN B 325 -21.32 -1.16 20.78
N LEU B 326 -21.80 -2.09 19.94
CA LEU B 326 -22.90 -2.98 20.29
C LEU B 326 -24.12 -2.21 20.80
N ALA B 327 -24.49 -1.15 20.10
CA ALA B 327 -25.58 -0.28 20.57
C ALA B 327 -26.42 0.34 19.47
N HIS B 328 -27.62 0.78 19.82
CA HIS B 328 -28.53 1.45 18.86
C HIS B 328 -29.09 2.70 19.51
N VAL B 329 -29.26 3.74 18.72
CA VAL B 329 -30.03 4.90 19.16
C VAL B 329 -31.52 4.53 19.03
N VAL B 330 -32.31 4.68 20.10
CA VAL B 330 -33.72 4.31 20.06
C VAL B 330 -34.68 5.49 20.30
N GLY B 331 -34.14 6.63 20.74
CA GLY B 331 -34.94 7.84 20.89
C GLY B 331 -34.14 9.13 21.03
N ALA B 332 -34.79 10.25 20.73
CA ALA B 332 -34.20 11.56 20.98
C ALA B 332 -35.24 12.58 21.40
N LYS B 333 -34.88 13.43 22.37
CA LYS B 333 -35.77 14.47 22.87
C LYS B 333 -34.93 15.69 23.20
N ARG B 334 -35.50 16.88 22.98
CA ARG B 334 -34.79 18.12 23.33
C ARG B 334 -35.23 18.52 24.74
N ILE B 335 -34.27 18.68 25.64
CA ILE B 335 -34.55 19.04 27.04
C ILE B 335 -33.66 20.20 27.46
N ALA B 336 -34.24 21.40 27.42
CA ALA B 336 -33.53 22.65 27.70
C ALA B 336 -32.49 22.85 26.61
N ASP B 337 -31.23 22.93 27.00
CA ASP B 337 -30.15 23.17 26.03
C ASP B 337 -29.47 21.87 25.54
N ASP B 338 -30.04 20.72 25.91
CA ASP B 338 -29.48 19.42 25.57
C ASP B 338 -30.37 18.57 24.67
N THR B 339 -29.74 17.87 23.72
CA THR B 339 -30.43 16.82 22.99
C THR B 339 -30.16 15.51 23.71
N ARG B 340 -31.22 14.90 24.22
CA ARG B 340 -31.05 13.68 25.01
C ARG B 340 -31.30 12.45 24.14
N VAL B 341 -30.24 11.68 23.93
CA VAL B 341 -30.28 10.53 23.05
C VAL B 341 -30.44 9.29 23.91
N THR B 342 -31.46 8.50 23.62
CA THR B 342 -31.63 7.26 24.34
C THR B 342 -30.92 6.17 23.57
N VAL B 343 -29.99 5.50 24.26
CA VAL B 343 -29.17 4.48 23.63
C VAL B 343 -29.47 3.12 24.22
N TYR B 344 -29.70 2.12 23.37
CA TYR B 344 -29.87 0.76 23.88
C TYR B 344 -28.56 -0.02 23.75
N SER B 345 -28.05 -0.50 24.87
CA SER B 345 -26.85 -1.33 24.91
C SER B 345 -27.16 -2.82 24.83
N MET B 346 -26.63 -3.49 23.85
CA MET B 346 -26.91 -4.88 23.69
C MET B 346 -26.14 -5.71 24.66
N ALA B 347 -24.94 -5.28 24.99
CA ALA B 347 -24.14 -6.04 25.91
C ALA B 347 -24.79 -6.11 27.26
N ARG B 348 -25.34 -5.01 27.69
CA ARG B 348 -25.92 -4.87 29.01
C ARG B 348 -27.39 -5.10 28.96
N GLU B 349 -27.96 -4.85 27.81
CA GLU B 349 -29.37 -5.09 27.63
C GLU B 349 -30.21 -4.09 28.38
N GLU B 350 -29.76 -2.87 28.49
CA GLU B 350 -30.54 -1.82 29.12
C GLU B 350 -30.47 -0.58 28.24
N SER B 351 -31.15 0.48 28.63
CA SER B 351 -31.15 1.69 27.88
C SER B 351 -30.65 2.75 28.81
N TYR B 352 -30.12 3.83 28.28
CA TYR B 352 -29.65 4.94 29.09
C TYR B 352 -29.60 6.19 28.24
N ASP B 353 -29.39 7.32 28.89
CA ASP B 353 -29.52 8.60 28.22
C ASP B 353 -28.14 9.20 28.03
N LEU B 354 -27.96 9.90 26.91
CA LEU B 354 -26.69 10.50 26.57
C LEU B 354 -27.01 11.92 26.13
N ASP B 355 -26.39 12.92 26.75
CA ASP B 355 -26.70 14.31 26.42
C ASP B 355 -25.65 14.91 25.48
N VAL B 356 -26.10 15.50 24.39
CA VAL B 356 -25.24 16.11 23.40
C VAL B 356 -25.83 17.41 22.89
N ASP B 357 -25.19 18.00 21.92
CA ASP B 357 -25.73 19.18 21.27
C ASP B 357 -26.54 18.83 20.05
N VAL B 358 -26.09 17.88 19.25
CA VAL B 358 -26.76 17.49 18.05
C VAL B 358 -26.64 16.02 17.90
N LEU B 359 -27.72 15.36 17.50
CA LEU B 359 -27.69 13.99 17.04
C LEU B 359 -27.67 13.88 15.52
N VAL B 360 -26.61 13.29 14.96
CA VAL B 360 -26.62 13.02 13.54
C VAL B 360 -26.88 11.54 13.30
N CYS B 361 -27.97 11.26 12.56
CA CYS B 361 -28.32 9.89 12.23
C CYS B 361 -27.81 9.50 10.86
N ALA B 362 -26.71 8.76 10.83
CA ALA B 362 -26.18 8.25 9.58
C ALA B 362 -26.69 6.81 9.42
N THR B 363 -28.00 6.67 9.39
CA THR B 363 -28.62 5.36 9.51
C THR B 363 -29.11 4.82 8.18
N GLY B 364 -28.63 5.41 7.10
CA GLY B 364 -28.80 4.83 5.78
C GLY B 364 -30.04 5.29 5.03
N TYR B 365 -30.42 4.50 4.02
CA TYR B 365 -31.46 4.91 3.08
C TYR B 365 -32.37 3.75 2.72
N ASP B 366 -33.56 4.07 2.23
CA ASP B 366 -34.41 3.06 1.65
C ASP B 366 -34.30 3.13 0.15
N PRO B 367 -34.48 1.99 -0.51
CA PRO B 367 -34.46 1.95 -1.98
C PRO B 367 -35.48 2.89 -2.60
N MET B 368 -35.20 3.33 -3.82
CA MET B 368 -36.21 4.01 -4.63
C MET B 368 -37.47 3.13 -4.71
N ASP B 369 -38.64 3.71 -4.65
CA ASP B 369 -39.94 3.03 -4.83
C ASP B 369 -40.82 3.73 -5.85
N PRO B 370 -41.02 3.17 -7.01
CA PRO B 370 -41.80 3.86 -8.06
C PRO B 370 -43.27 3.99 -7.69
N GLY B 371 -43.65 3.27 -6.64
CA GLY B 371 -45.01 3.20 -6.16
C GLY B 371 -45.76 4.51 -6.04
N ASP B 372 -45.22 5.42 -5.23
CA ASP B 372 -45.90 6.68 -4.92
C ASP B 372 -46.22 7.48 -6.18
N LEU B 373 -45.22 7.65 -7.04
CA LEU B 373 -45.40 8.38 -8.28
C LEU B 373 -46.42 7.77 -9.25
N LEU B 374 -46.55 6.45 -9.20
CA LEU B 374 -47.36 5.75 -10.19
C LEU B 374 -48.89 5.83 -10.04
N GLY B 375 -49.40 5.93 -8.81
CA GLY B 375 -50.84 6.00 -8.61
C GLY B 375 -51.66 4.94 -9.35
N GLU B 376 -52.51 5.40 -10.25
CA GLU B 376 -53.45 4.54 -11.01
C GLU B 376 -52.75 3.47 -11.83
N LEU B 377 -51.63 3.85 -12.44
CA LEU B 377 -50.93 2.92 -13.30
C LEU B 377 -50.48 1.68 -12.54
N ALA B 378 -50.37 1.79 -11.21
CA ALA B 378 -49.91 0.66 -10.39
C ALA B 378 -50.84 -0.54 -10.55
N GLU B 379 -52.10 -0.27 -10.88
CA GLU B 379 -53.08 -1.33 -11.07
C GLU B 379 -52.69 -2.21 -12.25
N HIS B 380 -52.03 -1.63 -13.25
CA HIS B 380 -51.61 -2.35 -14.44
C HIS B 380 -50.18 -2.90 -14.33
N CYS B 381 -49.57 -2.69 -13.16
CA CYS B 381 -48.23 -3.21 -12.90
C CYS B 381 -48.34 -4.50 -12.08
N VAL B 382 -47.66 -5.55 -12.55
CA VAL B 382 -47.74 -6.84 -11.90
C VAL B 382 -46.81 -7.03 -10.70
N GLN B 383 -47.35 -7.53 -9.59
CA GLN B 383 -46.55 -7.82 -8.41
C GLN B 383 -46.22 -9.30 -8.34
N ASP B 384 -45.23 -9.66 -7.52
CA ASP B 384 -44.90 -11.07 -7.31
C ASP B 384 -45.64 -11.59 -6.07
N ALA B 385 -45.28 -12.80 -5.64
CA ALA B 385 -45.85 -13.38 -4.41
C ALA B 385 -45.68 -12.47 -3.19
N GLU B 386 -44.44 -12.02 -2.97
CA GLU B 386 -44.09 -11.21 -1.79
C GLU B 386 -44.49 -9.73 -1.94
N GLY B 387 -45.27 -9.44 -2.99
CA GLY B 387 -45.88 -8.14 -3.29
C GLY B 387 -44.94 -7.09 -3.91
N ARG B 388 -43.82 -7.51 -4.48
CA ARG B 388 -42.90 -6.57 -5.10
C ARG B 388 -43.13 -6.43 -6.61
N TRP B 389 -42.66 -5.34 -7.21
CA TRP B 389 -42.84 -5.15 -8.65
C TRP B 389 -42.05 -6.16 -9.47
N GLN B 390 -42.71 -6.75 -10.47
CA GLN B 390 -41.98 -7.59 -11.40
C GLN B 390 -41.31 -6.69 -12.42
N VAL B 391 -40.05 -6.99 -12.75
CA VAL B 391 -39.30 -6.17 -13.67
C VAL B 391 -38.56 -7.04 -14.64
N ASP B 392 -38.62 -6.72 -15.93
CA ASP B 392 -37.88 -7.44 -16.95
C ASP B 392 -36.36 -7.12 -16.88
N ARG B 393 -35.57 -7.92 -17.58
CA ARG B 393 -34.12 -7.82 -17.55
C ARG B 393 -33.67 -6.43 -18.00
N ASP B 394 -34.44 -5.85 -18.94
CA ASP B 394 -34.15 -4.52 -19.50
C ASP B 394 -34.69 -3.36 -18.66
N TYR B 395 -34.98 -3.65 -17.38
CA TYR B 395 -35.36 -2.66 -16.39
C TYR B 395 -36.78 -2.14 -16.56
N ARG B 396 -37.56 -2.81 -17.41
CA ARG B 396 -38.93 -2.38 -17.70
C ARG B 396 -39.94 -3.12 -16.82
N MET B 397 -40.80 -2.36 -16.16
CA MET B 397 -41.83 -2.98 -15.31
C MET B 397 -42.74 -3.91 -16.12
N VAL B 398 -43.09 -5.04 -15.53
CA VAL B 398 -44.05 -5.95 -16.12
C VAL B 398 -45.46 -5.38 -15.96
N THR B 399 -46.15 -5.25 -17.10
CA THR B 399 -47.52 -4.74 -17.10
C THR B 399 -48.55 -5.67 -17.76
N THR B 400 -49.81 -5.46 -17.40
CA THR B 400 -50.92 -6.14 -18.07
C THR B 400 -51.01 -5.62 -19.52
N PRO B 401 -51.81 -6.29 -20.38
CA PRO B 401 -51.88 -5.86 -21.79
C PRO B 401 -52.60 -4.54 -22.00
N ASP B 402 -53.20 -4.07 -20.96
CA ASP B 402 -53.92 -2.85 -21.00
C ASP B 402 -53.03 -1.67 -20.97
N LEU B 403 -51.73 -1.90 -20.97
CA LEU B 403 -50.75 -0.84 -20.91
C LEU B 403 -49.58 -1.26 -21.76
N ARG B 404 -49.24 -0.45 -22.75
CA ARG B 404 -48.15 -0.71 -23.65
C ARG B 404 -47.04 0.34 -23.54
N CYS B 405 -47.26 1.24 -22.59
CA CYS B 405 -46.32 2.30 -22.27
C CYS B 405 -45.21 1.81 -21.34
N GLY B 406 -43.98 1.91 -21.82
CA GLY B 406 -42.79 1.53 -21.10
C GLY B 406 -42.51 2.30 -19.83
N ILE B 407 -42.43 1.61 -18.70
CA ILE B 407 -42.01 2.19 -17.44
C ILE B 407 -40.71 1.53 -16.97
N TYR B 408 -39.60 2.28 -17.10
CA TYR B 408 -38.28 1.77 -16.73
C TYR B 408 -37.79 2.29 -15.37
N LEU B 409 -37.06 1.46 -14.66
CA LEU B 409 -36.55 1.84 -13.34
C LEU B 409 -35.04 1.87 -13.29
N GLN B 410 -34.48 3.02 -12.92
CA GLN B 410 -33.06 3.08 -12.57
C GLN B 410 -33.00 3.35 -11.07
N GLY B 411 -32.83 2.29 -10.29
CA GLY B 411 -33.04 2.34 -8.86
C GLY B 411 -34.26 1.46 -8.58
N GLY B 412 -34.40 0.99 -7.35
CA GLY B 412 -35.57 0.22 -6.96
C GLY B 412 -35.60 -1.18 -7.56
N THR B 413 -34.46 -1.68 -8.03
CA THR B 413 -34.43 -3.00 -8.64
C THR B 413 -33.53 -3.95 -7.85
N GLU B 414 -33.45 -3.71 -6.59
CA GLU B 414 -32.53 -4.39 -5.73
C GLU B 414 -32.94 -5.84 -5.64
N HIS B 415 -34.24 -6.09 -5.72
CA HIS B 415 -34.78 -7.46 -5.61
C HIS B 415 -34.76 -8.23 -6.92
N THR B 416 -34.67 -7.54 -8.05
CA THR B 416 -34.68 -8.23 -9.33
C THR B 416 -33.32 -8.23 -10.02
N HIS B 417 -32.61 -7.10 -9.92
CA HIS B 417 -31.32 -6.95 -10.60
C HIS B 417 -30.12 -6.97 -9.67
N GLY B 418 -30.33 -6.78 -8.38
CA GLY B 418 -29.20 -6.95 -7.49
C GLY B 418 -28.57 -5.69 -6.93
N LEU B 419 -27.39 -5.86 -6.34
CA LEU B 419 -26.73 -4.85 -5.51
C LEU B 419 -26.23 -3.64 -6.32
N SER B 420 -26.19 -3.78 -7.64
CA SER B 420 -25.77 -2.67 -8.46
C SER B 420 -26.83 -1.59 -8.59
N SER B 421 -28.05 -1.88 -8.14
CA SER B 421 -29.21 -1.01 -8.47
C SER B 421 -29.08 0.46 -8.06
N SER B 422 -28.63 0.72 -6.85
CA SER B 422 -28.52 2.10 -6.38
C SER B 422 -27.12 2.70 -6.63
N LEU B 423 -26.21 1.94 -7.25
CA LEU B 423 -24.81 2.36 -7.30
C LEU B 423 -24.38 2.93 -8.66
N LEU B 424 -23.14 3.39 -8.72
CA LEU B 424 -22.54 3.95 -9.93
C LEU B 424 -21.77 2.94 -10.77
N SER B 425 -21.72 1.70 -10.30
CA SER B 425 -20.92 0.62 -10.91
C SER B 425 -21.27 0.35 -12.38
N ASN B 426 -22.53 0.52 -12.76
CA ASN B 426 -23.06 0.04 -14.03
C ASN B 426 -23.88 1.04 -14.87
N LEU B 427 -23.58 2.33 -14.72
CA LEU B 427 -24.31 3.37 -15.42
C LEU B 427 -24.36 3.21 -16.94
N ALA B 428 -23.20 3.00 -17.55
CA ALA B 428 -23.12 2.95 -19.01
C ALA B 428 -23.97 1.85 -19.62
N THR B 429 -23.87 0.65 -19.06
CA THR B 429 -24.55 -0.48 -19.65
C THR B 429 -26.07 -0.45 -19.39
N ARG B 430 -26.47 -0.11 -18.19
CA ARG B 430 -27.87 -0.04 -17.85
C ARG B 430 -28.60 0.98 -18.70
N SER B 431 -28.05 2.18 -18.81
CA SER B 431 -28.64 3.23 -19.63
C SER B 431 -28.70 2.78 -21.10
N GLY B 432 -27.64 2.14 -21.56
CA GLY B 432 -27.60 1.68 -22.94
C GLY B 432 -28.65 0.63 -23.22
N GLU B 433 -28.86 -0.27 -22.30
CA GLU B 433 -29.85 -1.28 -22.44
C GLU B 433 -31.25 -0.75 -22.42
N ILE B 434 -31.53 0.28 -21.64
CA ILE B 434 -32.83 0.93 -21.62
C ILE B 434 -33.11 1.62 -22.95
N VAL B 435 -32.14 2.39 -23.44
CA VAL B 435 -32.28 3.06 -24.74
C VAL B 435 -32.54 2.03 -25.85
N SER B 436 -31.79 0.93 -25.85
CA SER B 436 -31.98 -0.11 -26.86
C SER B 436 -33.38 -0.71 -26.80
N SER B 437 -33.85 -0.96 -25.58
CA SER B 437 -35.18 -1.49 -25.35
C SER B 437 -36.25 -0.58 -25.92
N ILE B 438 -36.15 0.71 -25.62
CA ILE B 438 -37.09 1.70 -26.11
C ILE B 438 -37.08 1.74 -27.64
N GLU B 439 -35.94 1.61 -28.23
CA GLU B 439 -35.88 1.72 -29.64
C GLU B 439 -36.34 0.45 -30.31
N ARG B 440 -36.12 -0.67 -29.67
CA ARG B 440 -36.58 -1.95 -30.15
C ARG B 440 -38.10 -2.02 -30.13
N ARG B 441 -38.71 -1.26 -29.26
CA ARG B 441 -40.14 -1.26 -29.15
C ARG B 441 -40.87 -0.16 -29.90
N LYS B 442 -40.15 0.87 -30.30
CA LYS B 442 -40.73 1.90 -31.15
C LYS B 442 -41.06 1.20 -32.45
N SER B 443 -40.12 0.38 -32.91
CA SER B 443 -40.30 -0.36 -34.15
C SER B 443 -38.96 -0.64 -34.84
N PRO C 29 4.12 -39.54 42.44
CA PRO C 29 4.44 -38.15 42.06
C PRO C 29 3.28 -37.44 41.34
N THR C 30 2.59 -36.56 42.07
CA THR C 30 1.47 -35.82 41.48
C THR C 30 1.89 -34.43 40.99
N HIS C 31 1.67 -34.18 39.69
CA HIS C 31 1.98 -32.89 39.07
C HIS C 31 0.91 -31.84 39.37
N ASP C 32 1.34 -30.60 39.54
CA ASP C 32 0.41 -29.47 39.61
C ASP C 32 -0.41 -29.34 38.32
N VAL C 33 0.22 -29.52 37.18
CA VAL C 33 -0.51 -29.39 35.93
C VAL C 33 0.05 -30.31 34.83
N VAL C 34 -0.87 -30.93 34.09
CA VAL C 34 -0.51 -31.73 32.92
C VAL C 34 -1.13 -31.10 31.66
N GLY C 35 -0.32 -30.90 30.64
CA GLY C 35 -0.80 -30.39 29.37
C GLY C 35 -0.98 -31.48 28.32
N VAL C 36 -2.19 -31.57 27.78
CA VAL C 36 -2.48 -32.48 26.68
C VAL C 36 -2.34 -31.79 25.32
N GLY C 37 -1.40 -32.28 24.52
CA GLY C 37 -1.08 -31.65 23.26
C GLY C 37 0.05 -30.64 23.43
N PHE C 38 0.92 -30.53 22.43
CA PHE C 38 1.93 -29.49 22.48
C PHE C 38 2.01 -28.65 21.18
N GLY C 39 0.96 -27.89 20.91
CA GLY C 39 0.99 -26.89 19.87
C GLY C 39 1.31 -25.57 20.55
N PRO C 40 1.19 -24.46 19.81
CA PRO C 40 1.49 -23.12 20.33
C PRO C 40 0.80 -22.79 21.66
N ALA C 41 -0.43 -23.23 21.84
CA ALA C 41 -1.18 -22.88 23.04
C ALA C 41 -0.49 -23.43 24.31
N ASN C 42 -0.21 -24.73 24.33
CA ASN C 42 0.49 -25.28 25.50
C ASN C 42 1.95 -24.86 25.58
N LEU C 43 2.58 -24.62 24.43
CA LEU C 43 3.91 -24.06 24.43
C LEU C 43 3.89 -22.75 25.20
N SER C 44 2.93 -21.89 24.91
CA SER C 44 2.87 -20.62 25.63
C SER C 44 2.58 -20.87 27.09
N LEU C 45 1.81 -21.92 27.38
CA LEU C 45 1.59 -22.30 28.76
C LEU C 45 2.91 -22.69 29.44
N ALA C 46 3.68 -23.58 28.80
CA ALA C 46 4.99 -23.94 29.32
C ALA C 46 5.86 -22.70 29.59
N VAL C 47 5.88 -21.77 28.64
CA VAL C 47 6.62 -20.54 28.79
C VAL C 47 6.10 -19.73 29.98
N ALA C 48 4.78 -19.62 30.11
CA ALA C 48 4.17 -18.87 31.20
C ALA C 48 4.56 -19.51 32.56
N LEU C 49 4.57 -20.84 32.62
CA LEU C 49 4.95 -21.58 33.81
C LEU C 49 6.40 -21.26 34.23
N GLU C 50 7.32 -21.28 33.26
CA GLU C 50 8.71 -21.01 33.56
C GLU C 50 8.95 -19.57 34.01
N GLU C 51 8.25 -18.62 33.40
CA GLU C 51 8.44 -17.23 33.78
C GLU C 51 7.78 -16.89 35.11
N SER C 52 6.78 -17.67 35.50
CA SER C 52 6.11 -17.42 36.79
C SER C 52 7.07 -17.73 37.94
N PRO C 53 7.04 -16.91 39.00
CA PRO C 53 7.84 -17.20 40.19
C PRO C 53 7.30 -18.41 40.97
N ALA C 54 6.01 -18.71 40.80
CA ALA C 54 5.38 -19.89 41.40
C ALA C 54 6.12 -21.17 41.00
N ALA C 55 6.38 -22.02 41.99
CA ALA C 55 7.00 -23.31 41.74
C ALA C 55 5.93 -24.35 41.46
N LEU C 56 5.69 -24.59 40.18
CA LEU C 56 4.68 -25.55 39.77
C LEU C 56 5.30 -26.65 38.95
N THR C 57 4.97 -27.88 39.29
CA THR C 57 5.45 -29.02 38.54
C THR C 57 4.52 -29.26 37.35
N SER C 58 5.08 -29.75 36.25
CA SER C 58 4.29 -29.95 35.05
C SER C 58 4.82 -31.06 34.17
N ALA C 59 3.91 -31.59 33.34
CA ALA C 59 4.29 -32.48 32.27
C ALA C 59 3.43 -32.24 31.03
N PHE C 60 4.04 -32.34 29.86
CA PHE C 60 3.34 -32.17 28.61
C PHE C 60 3.45 -33.40 27.72
N PHE C 61 2.32 -33.79 27.13
CA PHE C 61 2.29 -34.96 26.27
C PHE C 61 1.82 -34.58 24.88
N GLU C 62 2.61 -34.96 23.89
CA GLU C 62 2.31 -34.73 22.49
C GLU C 62 2.36 -36.06 21.75
N ARG C 63 1.34 -36.35 20.99
CA ARG C 63 1.27 -37.59 20.26
C ARG C 63 2.20 -37.72 19.07
N ARG C 64 2.69 -36.62 18.56
CA ARG C 64 3.63 -36.70 17.46
C ARG C 64 5.05 -36.65 17.87
N ALA C 65 5.93 -36.94 16.94
CA ALA C 65 7.34 -37.11 17.29
C ALA C 65 8.00 -35.81 17.72
N SER C 66 7.40 -34.69 17.30
CA SER C 66 7.91 -33.35 17.62
C SER C 66 6.80 -32.34 17.38
N ILE C 67 7.08 -31.07 17.63
CA ILE C 67 6.10 -30.04 17.31
C ILE C 67 5.78 -30.11 15.81
N SER C 68 4.50 -30.18 15.48
CA SER C 68 4.06 -30.30 14.09
C SER C 68 2.88 -29.35 13.87
N TRP C 69 3.17 -28.14 13.42
CA TRP C 69 2.16 -27.08 13.37
C TRP C 69 1.61 -26.89 11.95
N HIS C 70 0.52 -27.61 11.65
CA HIS C 70 -0.14 -27.63 10.35
C HIS C 70 0.88 -27.77 9.21
N GLN C 71 1.74 -28.77 9.29
CA GLN C 71 2.77 -28.94 8.28
C GLN C 71 2.19 -29.29 6.91
N GLY C 72 1.02 -29.92 6.90
CA GLY C 72 0.35 -30.25 5.66
C GLY C 72 0.05 -29.01 4.81
N MET C 73 0.01 -27.85 5.46
CA MET C 73 -0.31 -26.59 4.81
C MET C 73 0.84 -25.59 4.84
N LEU C 74 2.05 -26.07 5.14
CA LEU C 74 3.23 -25.21 5.06
C LEU C 74 3.64 -24.95 3.62
N LEU C 75 2.76 -24.26 2.89
CA LEU C 75 3.04 -23.91 1.51
C LEU C 75 4.09 -22.81 1.42
N PRO C 76 4.85 -22.81 0.32
CA PRO C 76 5.98 -21.90 0.05
C PRO C 76 5.71 -20.45 0.45
N ALA C 77 4.55 -19.89 0.11
CA ALA C 77 4.39 -18.45 0.33
C ALA C 77 3.52 -18.10 1.55
N ALA C 78 3.19 -19.11 2.36
CA ALA C 78 2.17 -18.95 3.39
C ALA C 78 2.64 -17.95 4.47
N LYS C 79 1.76 -17.01 4.85
CA LYS C 79 2.13 -15.96 5.80
C LYS C 79 1.30 -16.17 7.06
N MET C 80 1.84 -15.79 8.21
CA MET C 80 1.07 -15.72 9.45
C MET C 80 -0.15 -14.80 9.28
N GLN C 81 -1.24 -15.08 9.97
CA GLN C 81 -2.38 -14.18 9.92
C GLN C 81 -2.38 -13.24 11.11
N VAL C 82 -1.33 -13.30 11.89
CA VAL C 82 -1.26 -12.54 13.11
C VAL C 82 0.15 -11.89 13.15
N SER C 83 0.21 -10.65 13.64
CA SER C 83 1.47 -9.89 13.84
C SER C 83 2.58 -10.57 14.67
N PHE C 84 3.85 -10.34 14.34
CA PHE C 84 4.93 -11.01 15.11
C PHE C 84 4.89 -10.59 16.58
N LEU C 85 4.28 -9.44 16.89
CA LEU C 85 4.14 -9.01 18.29
C LEU C 85 3.20 -9.92 19.05
N LYS C 86 2.35 -10.64 18.34
CA LYS C 86 1.45 -11.60 18.97
C LYS C 86 2.13 -12.95 19.03
N ASP C 87 3.11 -13.10 19.92
CA ASP C 87 3.91 -14.30 19.95
C ASP C 87 3.57 -15.09 21.21
N LEU C 88 4.53 -15.83 21.75
CA LEU C 88 4.27 -16.66 22.91
C LEU C 88 4.10 -15.91 24.22
N ALA C 89 4.59 -14.67 24.30
CA ALA C 89 4.73 -14.05 25.62
C ALA C 89 4.66 -12.52 25.68
N THR C 90 5.00 -11.84 24.58
CA THR C 90 5.27 -10.40 24.58
C THR C 90 4.14 -9.55 25.21
N PHE C 91 2.88 -9.83 24.86
CA PHE C 91 1.75 -9.07 25.43
C PHE C 91 1.64 -9.16 26.95
N ARG C 92 2.17 -10.24 27.51
CA ARG C 92 2.17 -10.41 28.96
C ARG C 92 3.46 -9.84 29.53
N ASN C 93 4.57 -10.22 28.90
CA ASN C 93 5.89 -9.85 29.39
C ASN C 93 6.69 -9.30 28.19
N PRO C 94 6.75 -7.98 28.07
CA PRO C 94 7.35 -7.29 26.92
C PRO C 94 8.88 -7.50 26.83
N ALA C 95 9.47 -8.23 27.78
CA ALA C 95 10.90 -8.46 27.72
C ALA C 95 11.23 -9.92 28.00
N SER C 96 10.42 -10.78 27.40
CA SER C 96 10.56 -12.22 27.51
C SER C 96 11.72 -12.76 26.68
N ARG C 97 12.43 -13.74 27.24
CA ARG C 97 13.49 -14.42 26.51
C ARG C 97 12.87 -15.31 25.43
N PHE C 98 11.54 -15.43 25.44
CA PHE C 98 10.86 -16.24 24.46
C PHE C 98 10.13 -15.47 23.38
N SER C 99 10.36 -14.16 23.33
CA SER C 99 9.71 -13.33 22.32
C SER C 99 10.22 -13.64 20.91
N PHE C 100 9.40 -13.29 19.92
CA PHE C 100 9.79 -13.47 18.52
C PHE C 100 11.05 -12.65 18.20
N VAL C 101 11.10 -11.45 18.77
CA VAL C 101 12.26 -10.59 18.62
C VAL C 101 13.55 -11.25 19.17
N SER C 102 13.46 -11.89 20.34
CA SER C 102 14.62 -12.59 20.90
C SER C 102 15.08 -13.70 19.95
N PHE C 103 14.11 -14.41 19.37
CA PHE C 103 14.36 -15.48 18.42
C PHE C 103 15.14 -14.91 17.21
N LEU C 104 14.65 -13.79 16.67
CA LEU C 104 15.30 -13.17 15.50
C LEU C 104 16.71 -12.79 15.85
N HIS C 105 16.88 -12.30 17.07
CA HIS C 105 18.20 -11.83 17.52
C HIS C 105 19.21 -12.97 17.60
N GLU C 106 18.80 -14.04 18.24
CA GLU C 106 19.64 -15.21 18.40
C GLU C 106 19.96 -15.87 17.10
N ARG C 107 19.10 -15.71 16.11
CA ARG C 107 19.38 -16.27 14.82
C ARG C 107 20.22 -15.33 13.97
N GLY C 108 20.41 -14.11 14.46
CA GLY C 108 21.09 -13.06 13.72
C GLY C 108 20.28 -12.52 12.55
N ARG C 109 18.96 -12.46 12.72
CA ARG C 109 18.08 -12.01 11.64
C ARG C 109 17.09 -10.92 12.09
N LEU C 110 17.39 -10.26 13.20
CA LEU C 110 16.54 -9.17 13.68
C LEU C 110 16.66 -7.92 12.79
N VAL C 111 17.90 -7.57 12.44
CA VAL C 111 18.14 -6.39 11.62
C VAL C 111 17.57 -6.57 10.23
N ARG C 112 17.84 -7.72 9.63
CA ARG C 112 17.30 -8.05 8.32
C ARG C 112 15.77 -8.03 8.34
N PHE C 113 15.17 -8.65 9.35
CA PHE C 113 13.72 -8.68 9.48
C PHE C 113 13.12 -7.29 9.59
N ALA C 114 13.74 -6.44 10.41
CA ALA C 114 13.22 -5.10 10.59
C ALA C 114 13.24 -4.28 9.30
N ASN C 115 14.27 -4.52 8.50
CA ASN C 115 14.41 -3.83 7.23
C ASN C 115 13.29 -4.12 6.24
N ASN C 116 12.68 -5.29 6.39
CA ASN C 116 11.63 -5.78 5.52
C ASN C 116 10.33 -4.99 5.72
N HIS C 117 10.17 -4.43 6.91
CA HIS C 117 8.96 -3.72 7.33
C HIS C 117 7.66 -4.48 7.09
N ASP C 118 7.67 -5.76 7.44
CA ASP C 118 6.47 -6.60 7.30
C ASP C 118 6.14 -7.19 8.67
N PHE C 119 4.94 -6.93 9.20
CA PHE C 119 4.56 -7.44 10.53
C PHE C 119 4.32 -8.94 10.54
N PHE C 120 4.17 -9.53 9.36
CA PHE C 120 3.72 -10.90 9.27
C PHE C 120 4.85 -11.81 8.80
N PRO C 121 5.37 -12.62 9.71
CA PRO C 121 6.39 -13.59 9.34
C PRO C 121 5.79 -14.65 8.43
N THR C 122 6.64 -15.44 7.78
CA THR C 122 6.13 -16.59 7.04
C THR C 122 5.76 -17.71 8.03
N ARG C 123 4.89 -18.62 7.59
CA ARG C 123 4.54 -19.75 8.42
C ARG C 123 5.79 -20.61 8.69
N ARG C 124 6.66 -20.72 7.69
CA ARG C 124 7.89 -21.50 7.84
C ARG C 124 8.76 -20.98 8.98
N GLU C 125 8.93 -19.66 9.02
CA GLU C 125 9.74 -19.02 10.04
C GLU C 125 9.11 -19.15 11.40
N PHE C 126 7.78 -19.02 11.45
CA PHE C 126 7.10 -19.12 12.72
C PHE C 126 7.23 -20.53 13.29
N HIS C 127 7.21 -21.51 12.39
CA HIS C 127 7.39 -22.90 12.80
C HIS C 127 8.76 -23.05 13.46
N ASP C 128 9.77 -22.39 12.88
CA ASP C 128 11.13 -22.44 13.45
C ASP C 128 11.17 -21.75 14.81
N TYR C 129 10.42 -20.65 14.92
CA TYR C 129 10.26 -19.95 16.20
C TYR C 129 9.74 -20.90 17.30
N LEU C 130 8.70 -21.68 17.00
CA LEU C 130 8.14 -22.63 17.96
C LEU C 130 9.16 -23.66 18.44
N GLU C 131 9.91 -24.22 17.50
CA GLU C 131 10.88 -25.27 17.82
C GLU C 131 12.00 -24.67 18.65
N TRP C 132 12.42 -23.46 18.27
CA TRP C 132 13.42 -22.72 19.04
C TRP C 132 12.98 -22.45 20.47
N ALA C 133 11.71 -22.08 20.67
CA ALA C 133 11.20 -21.79 22.01
C ALA C 133 11.15 -23.07 22.83
N GLU C 134 10.76 -24.17 22.19
CA GLU C 134 10.66 -25.47 22.85
C GLU C 134 12.04 -25.91 23.36
N SER C 135 13.08 -25.71 22.56
CA SER C 135 14.44 -26.10 22.95
C SER C 135 14.97 -25.28 24.14
N LYS C 136 14.66 -23.99 24.13
CA LYS C 136 15.11 -23.10 25.19
C LYS C 136 14.53 -23.53 26.53
N LEU C 137 13.24 -23.88 26.52
CA LEU C 137 12.55 -24.36 27.72
C LEU C 137 13.43 -25.25 28.60
N ALA C 138 13.36 -25.09 29.91
CA ALA C 138 14.02 -26.05 30.79
C ALA C 138 13.35 -27.42 30.81
N HIS C 139 12.04 -27.46 31.00
CA HIS C 139 11.24 -28.66 30.93
C HIS C 139 11.36 -29.35 29.63
N GLU C 140 11.32 -30.65 29.63
CA GLU C 140 11.37 -31.41 28.43
C GLU C 140 9.95 -31.89 28.15
N VAL C 141 9.54 -31.92 26.89
CA VAL C 141 8.20 -32.30 26.55
C VAL C 141 8.24 -33.79 26.31
N SER C 142 7.15 -34.48 26.51
CA SER C 142 7.09 -35.89 26.13
C SER C 142 6.46 -36.09 24.76
N TYR C 143 7.25 -36.56 23.82
CA TYR C 143 6.71 -36.79 22.49
C TYR C 143 6.32 -38.27 22.32
N ASP C 144 5.73 -38.60 21.17
CA ASP C 144 5.25 -39.96 20.88
C ASP C 144 4.38 -40.47 22.00
N SER C 145 3.65 -39.56 22.63
CA SER C 145 2.85 -39.88 23.79
C SER C 145 1.43 -39.43 23.62
N GLU C 146 0.54 -40.35 23.27
CA GLU C 146 -0.86 -40.01 23.08
C GLU C 146 -1.66 -40.19 24.36
N VAL C 147 -2.35 -39.14 24.78
CA VAL C 147 -3.27 -39.23 25.89
C VAL C 147 -4.55 -39.91 25.38
N THR C 148 -4.93 -41.03 25.99
CA THR C 148 -6.08 -41.83 25.50
C THR C 148 -7.32 -41.65 26.35
N ALA C 149 -7.14 -41.19 27.59
CA ALA C 149 -8.27 -40.96 28.49
C ALA C 149 -7.85 -40.14 29.69
N ILE C 150 -8.83 -39.49 30.32
CA ILE C 150 -8.63 -38.78 31.56
C ILE C 150 -9.67 -39.28 32.54
N ARG C 151 -9.21 -39.84 33.66
CA ARG C 151 -10.12 -40.45 34.64
C ARG C 151 -10.01 -39.77 36.00
N PRO C 152 -11.09 -39.85 36.80
CA PRO C 152 -11.07 -39.33 38.17
C PRO C 152 -10.02 -40.07 39.00
N GLY C 153 -9.18 -39.34 39.72
CA GLY C 153 -8.29 -39.97 40.67
C GLY C 153 -9.05 -40.57 41.84
N PRO C 154 -8.35 -41.25 42.73
CA PRO C 154 -9.01 -41.95 43.84
C PRO C 154 -9.33 -41.01 44.98
N GLY C 155 -10.60 -40.74 45.24
CA GLY C 155 -10.93 -39.84 46.31
C GLY C 155 -12.29 -39.28 46.08
N ARG C 156 -12.95 -38.92 47.14
CA ARG C 156 -14.14 -38.15 47.02
C ARG C 156 -14.05 -37.08 48.04
N PRO C 157 -14.22 -35.82 47.64
CA PRO C 157 -14.35 -35.53 46.21
C PRO C 157 -12.97 -35.68 45.60
N VAL C 158 -12.93 -35.77 44.29
CA VAL C 158 -11.68 -35.85 43.54
C VAL C 158 -10.68 -34.68 43.52
N ASP C 159 -9.44 -34.94 43.96
CA ASP C 159 -8.45 -33.88 44.10
C ASP C 159 -7.40 -33.98 43.01
N SER C 160 -7.48 -35.06 42.25
CA SER C 160 -6.56 -35.24 41.15
C SER C 160 -7.24 -35.99 40.01
N VAL C 161 -6.61 -36.00 38.85
CA VAL C 161 -7.08 -36.81 37.76
C VAL C 161 -5.99 -37.69 37.26
N LEU C 162 -6.36 -38.78 36.64
CA LEU C 162 -5.42 -39.71 36.14
C LEU C 162 -5.39 -39.51 34.67
N VAL C 163 -4.24 -39.65 34.08
CA VAL C 163 -4.05 -39.30 32.72
C VAL C 163 -3.37 -40.41 32.03
N ASP C 164 -4.08 -41.09 31.16
CA ASP C 164 -3.52 -42.23 30.50
C ASP C 164 -2.74 -41.88 29.31
N VAL C 165 -1.52 -42.33 29.29
CA VAL C 165 -0.62 -42.02 28.20
C VAL C 165 -0.10 -43.28 27.52
N SER C 166 -0.25 -43.32 26.21
CA SER C 166 0.18 -44.45 25.41
C SER C 166 1.42 -44.08 24.60
N THR C 167 2.51 -44.80 24.81
CA THR C 167 3.70 -44.60 24.00
C THR C 167 3.83 -45.79 23.02
N PRO C 168 4.81 -45.75 22.09
CA PRO C 168 4.91 -46.89 21.15
C PRO C 168 5.22 -48.21 21.87
N GLU C 169 6.08 -48.17 22.89
CA GLU C 169 6.42 -49.37 23.64
C GLU C 169 5.37 -49.74 24.71
N ALA C 170 5.09 -48.80 25.60
CA ALA C 170 4.29 -49.12 26.79
C ALA C 170 3.04 -48.28 26.93
N THR C 171 2.38 -48.41 28.08
CA THR C 171 1.31 -47.50 28.49
C THR C 171 1.55 -47.19 29.97
N ARG C 172 1.19 -45.97 30.38
CA ARG C 172 1.32 -45.59 31.77
C ARG C 172 0.25 -44.60 32.18
N THR C 173 0.38 -44.10 33.39
CA THR C 173 -0.60 -43.23 34.00
C THR C 173 0.05 -42.15 34.84
N VAL C 174 -0.53 -40.96 34.85
CA VAL C 174 0.07 -39.88 35.57
C VAL C 174 -1.00 -39.20 36.31
N GLU C 175 -0.67 -38.68 37.49
CA GLU C 175 -1.64 -38.02 38.35
C GLU C 175 -1.37 -36.53 38.42
N ALA C 176 -2.41 -35.73 38.25
CA ALA C 176 -2.26 -34.28 38.27
C ALA C 176 -3.40 -33.57 38.99
N ARG C 177 -3.07 -32.44 39.62
CA ARG C 177 -4.07 -31.62 40.31
C ARG C 177 -4.87 -30.74 39.35
N ASN C 178 -4.28 -30.47 38.19
CA ASN C 178 -4.92 -29.71 37.13
C ASN C 178 -4.55 -30.25 35.78
N ILE C 179 -5.45 -30.17 34.83
CA ILE C 179 -5.10 -30.46 33.43
C ILE C 179 -5.47 -29.34 32.51
N VAL C 180 -4.69 -29.23 31.47
CA VAL C 180 -4.95 -28.25 30.41
C VAL C 180 -5.08 -28.93 29.06
N ILE C 181 -6.30 -28.94 28.52
CA ILE C 181 -6.56 -29.58 27.24
C ILE C 181 -6.40 -28.62 26.05
N SER C 182 -5.45 -28.91 25.19
CA SER C 182 -5.12 -28.07 24.04
C SER C 182 -4.84 -28.91 22.80
N THR C 183 -5.82 -29.70 22.41
CA THR C 183 -5.66 -30.67 21.33
C THR C 183 -5.77 -30.20 19.88
N GLY C 184 -6.40 -29.07 19.64
CA GLY C 184 -6.55 -28.57 18.30
C GLY C 184 -7.88 -28.55 17.58
N LEU C 185 -7.83 -28.09 16.36
CA LEU C 185 -8.98 -27.93 15.55
C LEU C 185 -9.13 -29.23 14.82
N VAL C 186 -10.35 -29.68 14.62
CA VAL C 186 -10.56 -30.94 13.96
C VAL C 186 -11.00 -30.82 12.52
N PRO C 187 -10.26 -31.42 11.61
CA PRO C 187 -10.63 -31.35 10.19
C PRO C 187 -12.09 -31.74 9.98
N ARG C 188 -12.80 -30.98 9.18
CA ARG C 188 -14.17 -31.28 8.79
C ARG C 188 -14.34 -31.46 7.29
N MET C 189 -14.85 -32.60 6.88
CA MET C 189 -15.10 -32.91 5.50
C MET C 189 -16.54 -32.51 5.20
N PRO C 190 -16.85 -32.31 3.90
CA PRO C 190 -18.25 -32.04 3.55
C PRO C 190 -19.13 -33.22 3.94
N ALA C 191 -20.34 -32.92 4.33
CA ALA C 191 -21.37 -33.92 4.52
C ALA C 191 -21.40 -34.93 3.39
N GLY C 192 -21.23 -36.18 3.74
CA GLY C 192 -21.34 -37.22 2.79
C GLY C 192 -20.17 -37.40 1.90
N VAL C 193 -18.99 -37.06 2.43
CA VAL C 193 -17.73 -37.24 1.76
C VAL C 193 -16.67 -37.70 2.70
N GLN C 194 -16.03 -38.77 2.31
CA GLN C 194 -15.05 -39.37 3.11
C GLN C 194 -13.70 -39.24 2.44
N SER C 195 -12.69 -38.90 3.23
CA SER C 195 -11.32 -38.76 2.70
C SER C 195 -10.84 -40.11 2.20
N ASP C 196 -9.80 -40.09 1.41
CA ASP C 196 -9.48 -41.13 0.52
C ASP C 196 -8.12 -40.82 -0.07
N GLU C 197 -7.57 -41.70 -0.85
CA GLU C 197 -6.35 -41.43 -1.57
C GLU C 197 -6.46 -40.41 -2.70
N PHE C 198 -7.69 -40.08 -3.06
CA PHE C 198 -7.93 -39.19 -4.16
C PHE C 198 -8.77 -38.04 -3.71
N VAL C 199 -9.09 -37.99 -2.45
CA VAL C 199 -9.97 -37.03 -1.89
C VAL C 199 -9.34 -36.66 -0.58
N TRP C 200 -8.71 -35.53 -0.57
CA TRP C 200 -7.93 -35.08 0.58
C TRP C 200 -8.56 -33.91 1.32
N HIS C 201 -8.42 -33.90 2.65
CA HIS C 201 -8.68 -32.68 3.41
C HIS C 201 -7.46 -31.78 3.30
N SER C 202 -7.69 -30.47 3.26
CA SER C 202 -6.61 -29.50 3.11
C SER C 202 -5.47 -29.67 4.13
N SER C 203 -5.82 -30.07 5.36
CA SER C 203 -4.82 -30.30 6.41
C SER C 203 -3.72 -31.28 6.05
N ARG C 204 -4.02 -32.17 5.12
CA ARG C 204 -3.05 -33.18 4.68
C ARG C 204 -2.54 -32.95 3.25
N PHE C 205 -2.71 -31.75 2.77
CA PHE C 205 -2.42 -31.45 1.41
C PHE C 205 -1.01 -31.74 0.94
N LEU C 206 -0.03 -31.41 1.75
CA LEU C 206 1.34 -31.59 1.36
C LEU C 206 1.88 -32.96 1.59
N ASP C 207 1.32 -33.66 2.56
CA ASP C 207 1.59 -35.06 2.74
C ASP C 207 1.16 -35.85 1.55
N HIS C 208 -0.01 -35.59 1.01
CA HIS C 208 -0.38 -36.34 -0.17
C HIS C 208 0.34 -35.84 -1.40
N PHE C 209 0.50 -34.51 -1.52
CA PHE C 209 1.01 -33.91 -2.75
C PHE C 209 2.46 -34.25 -3.08
N ARG C 210 3.26 -34.05 -2.06
CA ARG C 210 4.64 -33.98 -2.22
C ARG C 210 5.07 -34.88 -3.28
N ASP C 211 5.02 -36.18 -3.01
CA ASP C 211 5.64 -37.13 -3.92
C ASP C 211 4.71 -37.76 -4.91
N ARG C 212 3.50 -37.26 -5.04
CA ARG C 212 2.60 -37.74 -6.04
C ARG C 212 3.22 -37.37 -7.35
N ASP C 213 3.12 -38.28 -8.33
CA ASP C 213 3.64 -38.01 -9.66
C ASP C 213 3.05 -36.75 -10.25
N PRO C 214 3.90 -35.80 -10.61
CA PRO C 214 3.43 -34.54 -11.23
C PRO C 214 2.48 -34.75 -12.44
N ARG C 215 2.85 -35.62 -13.38
CA ARG C 215 2.02 -35.91 -14.57
C ARG C 215 0.70 -36.61 -14.23
N SER C 216 0.38 -36.75 -12.95
CA SER C 216 -0.83 -37.47 -12.56
C SER C 216 -1.83 -36.55 -11.87
N LEU C 217 -1.48 -35.27 -11.71
CA LEU C 217 -2.41 -34.33 -11.10
C LEU C 217 -2.67 -33.18 -12.06
N ARG C 218 -3.14 -33.49 -13.26
CA ARG C 218 -3.37 -32.44 -14.26
C ARG C 218 -4.70 -31.73 -14.04
N ARG C 219 -5.58 -32.35 -13.31
CA ARG C 219 -6.87 -31.79 -13.00
C ARG C 219 -7.18 -31.84 -11.52
N VAL C 220 -7.28 -30.72 -10.86
CA VAL C 220 -7.56 -30.72 -9.43
C VAL C 220 -8.77 -29.85 -9.13
N ALA C 221 -9.68 -30.38 -8.34
CA ALA C 221 -10.76 -29.59 -7.75
C ALA C 221 -10.44 -29.25 -6.29
N VAL C 222 -10.66 -27.99 -5.95
CA VAL C 222 -10.52 -27.54 -4.58
C VAL C 222 -11.82 -26.94 -4.11
N ALA C 223 -12.41 -27.53 -3.07
CA ALA C 223 -13.68 -27.06 -2.52
C ALA C 223 -13.41 -26.12 -1.36
N GLY C 224 -14.09 -24.98 -1.35
CA GLY C 224 -14.00 -24.03 -0.26
C GLY C 224 -13.68 -22.62 -0.72
N GLY C 225 -14.05 -21.63 0.10
CA GLY C 225 -13.77 -20.25 -0.22
C GLY C 225 -12.94 -19.52 0.82
N GLY C 226 -12.28 -20.27 1.70
CA GLY C 226 -11.50 -19.69 2.78
C GLY C 226 -10.01 -19.63 2.47
N GLN C 227 -9.23 -19.27 3.50
CA GLN C 227 -7.79 -19.07 3.40
C GLN C 227 -7.09 -20.35 2.89
N SER C 228 -7.51 -21.50 3.41
CA SER C 228 -6.91 -22.77 2.96
C SER C 228 -7.16 -23.00 1.47
N ALA C 229 -8.42 -22.88 1.04
CA ALA C 229 -8.76 -23.06 -0.38
C ALA C 229 -7.95 -22.12 -1.28
N ALA C 230 -7.88 -20.86 -0.91
CA ALA C 230 -7.21 -19.86 -1.74
C ALA C 230 -5.70 -20.16 -1.84
N GLU C 231 -5.07 -20.52 -0.72
CA GLU C 231 -3.63 -20.75 -0.74
C GLU C 231 -3.29 -21.99 -1.58
N ILE C 232 -4.11 -23.04 -1.48
CA ILE C 232 -3.87 -24.25 -2.26
C ILE C 232 -4.01 -23.98 -3.77
N VAL C 233 -5.09 -23.30 -4.16
CA VAL C 233 -5.28 -22.95 -5.56
C VAL C 233 -4.06 -22.12 -6.07
N ARG C 234 -3.64 -21.15 -5.27
CA ARG C 234 -2.51 -20.31 -5.64
C ARG C 234 -1.25 -21.16 -5.86
N PHE C 235 -0.97 -22.03 -4.91
CA PHE C 235 0.18 -22.94 -4.97
C PHE C 235 0.14 -23.80 -6.23
N LEU C 236 -1.01 -24.42 -6.50
CA LEU C 236 -1.16 -25.24 -7.70
C LEU C 236 -0.89 -24.42 -8.96
N HIS C 237 -1.36 -23.20 -8.96
CA HIS C 237 -1.16 -22.34 -10.08
C HIS C 237 0.29 -21.92 -10.24
N ASP C 238 0.91 -21.62 -9.12
CA ASP C 238 2.31 -21.34 -9.11
C ASP C 238 3.24 -22.46 -9.36
N ASN C 239 2.88 -23.67 -9.01
CA ASN C 239 3.85 -24.75 -9.08
C ASN C 239 3.84 -25.73 -10.23
N ARG C 240 2.75 -25.97 -10.89
CA ARG C 240 2.77 -26.67 -12.18
C ARG C 240 2.10 -25.84 -13.26
N PRO C 241 2.87 -25.52 -14.30
CA PRO C 241 2.38 -24.64 -15.36
C PRO C 241 1.35 -25.32 -16.25
N ASP C 242 0.75 -26.43 -15.83
CA ASP C 242 -0.23 -26.99 -16.71
C ASP C 242 -1.43 -27.51 -16.02
N THR C 243 -1.45 -27.47 -14.71
CA THR C 243 -2.57 -27.97 -13.98
C THR C 243 -3.75 -27.13 -14.21
N VAL C 244 -4.85 -27.78 -14.35
CA VAL C 244 -6.13 -27.11 -14.46
C VAL C 244 -6.82 -27.24 -13.10
N VAL C 245 -7.38 -26.14 -12.61
CA VAL C 245 -7.91 -26.13 -11.26
C VAL C 245 -9.35 -25.64 -11.25
N HIS C 246 -10.20 -26.36 -10.53
CA HIS C 246 -11.60 -25.97 -10.33
C HIS C 246 -11.79 -25.55 -8.90
N ALA C 247 -12.03 -24.26 -8.70
CA ALA C 247 -12.25 -23.72 -7.38
C ALA C 247 -13.74 -23.61 -7.11
N ILE C 248 -14.23 -24.47 -6.21
CA ILE C 248 -15.67 -24.60 -5.97
C ILE C 248 -16.05 -24.02 -4.61
N MET C 249 -16.90 -23.00 -4.63
CA MET C 249 -17.25 -22.29 -3.40
C MET C 249 -18.66 -21.69 -3.43
N PRO C 250 -19.30 -21.56 -2.25
CA PRO C 250 -20.69 -21.10 -2.19
C PRO C 250 -20.87 -19.61 -2.52
N SER C 251 -19.85 -18.78 -2.32
CA SER C 251 -19.99 -17.35 -2.56
C SER C 251 -19.80 -17.06 -4.06
N TYR C 252 -20.10 -15.84 -4.48
CA TYR C 252 -19.91 -15.44 -5.88
C TYR C 252 -18.42 -15.19 -6.18
N GLY C 253 -17.63 -14.96 -5.15
CA GLY C 253 -16.19 -14.79 -5.26
C GLY C 253 -15.60 -14.81 -3.86
N TYR C 254 -14.29 -14.92 -3.74
CA TYR C 254 -13.67 -14.88 -2.41
C TYR C 254 -14.15 -13.65 -1.64
N VAL C 255 -14.43 -13.83 -0.36
CA VAL C 255 -14.77 -12.71 0.52
C VAL C 255 -13.52 -12.27 1.30
N VAL C 256 -13.31 -10.95 1.37
CA VAL C 256 -12.11 -10.46 2.00
C VAL C 256 -12.15 -10.66 3.53
N ALA C 257 -10.99 -10.95 4.08
CA ALA C 257 -10.83 -11.07 5.53
C ALA C 257 -10.75 -9.64 6.07
N ASP C 258 -11.42 -9.39 7.19
CA ASP C 258 -11.41 -8.03 7.75
C ASP C 258 -10.27 -8.07 8.73
N ASN C 259 -9.24 -7.29 8.42
CA ASN C 259 -8.16 -7.04 9.37
C ASN C 259 -7.84 -5.60 9.64
N THR C 260 -8.83 -4.75 9.48
CA THR C 260 -8.78 -3.37 9.89
C THR C 260 -8.69 -3.25 11.40
N PRO C 261 -8.07 -2.15 11.90
CA PRO C 261 -7.61 -2.03 13.30
C PRO C 261 -8.76 -2.17 14.31
N PHE C 262 -9.95 -1.62 14.02
CA PHE C 262 -11.06 -1.67 14.96
C PHE C 262 -11.66 -3.06 15.10
N ALA C 263 -11.93 -3.69 13.95
CA ALA C 263 -12.47 -5.04 13.98
C ALA C 263 -11.46 -5.93 14.68
N ASN C 264 -10.18 -5.67 14.50
CA ASN C 264 -9.10 -6.48 15.13
C ASN C 264 -9.04 -6.34 16.60
N GLN C 265 -9.75 -5.34 17.10
CA GLN C 265 -9.82 -5.17 18.54
C GLN C 265 -10.64 -6.26 19.24
N ILE C 266 -11.42 -7.02 18.50
CA ILE C 266 -12.15 -8.11 19.13
C ILE C 266 -11.17 -9.15 19.67
N PHE C 267 -9.93 -9.06 19.27
CA PHE C 267 -8.91 -9.89 19.83
C PHE C 267 -8.07 -9.24 20.92
N ASP C 268 -8.37 -8.01 21.27
CA ASP C 268 -7.83 -7.40 22.43
C ASP C 268 -8.22 -8.25 23.63
N PRO C 269 -7.24 -8.38 24.62
CA PRO C 269 -7.68 -9.11 25.82
C PRO C 269 -8.86 -8.52 26.57
N ALA C 270 -9.06 -7.24 26.48
CA ALA C 270 -10.21 -6.62 27.07
C ALA C 270 -11.46 -6.99 26.33
N ALA C 271 -11.31 -7.37 25.07
CA ALA C 271 -12.48 -7.76 24.30
C ALA C 271 -12.96 -9.17 24.66
N VAL C 272 -12.05 -9.97 25.21
CA VAL C 272 -12.42 -11.27 25.74
C VAL C 272 -13.43 -11.05 26.88
N ASP C 273 -13.15 -10.12 27.75
CA ASP C 273 -14.05 -9.78 28.81
C ASP C 273 -15.40 -9.41 28.29
N ASP C 274 -15.38 -8.49 27.34
CA ASP C 274 -16.53 -7.92 26.70
C ASP C 274 -17.46 -8.96 26.07
N TYR C 275 -16.89 -9.97 25.45
CA TYR C 275 -17.66 -11.07 24.97
C TYR C 275 -18.13 -11.86 26.16
N PHE C 276 -17.21 -12.28 27.02
CA PHE C 276 -17.55 -13.18 28.13
C PHE C 276 -18.68 -12.62 29.00
N ASP C 277 -18.58 -11.37 29.39
CA ASP C 277 -19.56 -10.75 30.28
C ASP C 277 -20.83 -10.36 29.54
N GLY C 278 -20.77 -10.31 28.20
CA GLY C 278 -21.90 -9.85 27.42
C GLY C 278 -23.03 -10.88 27.36
N SER C 279 -24.25 -10.41 27.15
CA SER C 279 -25.42 -11.23 26.94
C SER C 279 -25.33 -12.12 25.71
N LYS C 280 -26.25 -13.08 25.59
CA LYS C 280 -26.26 -13.95 24.41
C LYS C 280 -26.47 -13.10 23.14
N GLN C 281 -27.26 -12.05 23.28
CA GLN C 281 -27.54 -11.14 22.18
C GLN C 281 -26.26 -10.45 21.71
N ALA C 282 -25.42 -10.04 22.67
CA ALA C 282 -24.14 -9.41 22.38
C ALA C 282 -23.18 -10.42 21.73
N LYS C 283 -23.17 -11.64 22.26
CA LYS C 283 -22.33 -12.70 21.70
C LYS C 283 -22.66 -12.96 20.23
N ASP C 284 -23.95 -12.99 19.93
CA ASP C 284 -24.41 -13.23 18.55
C ASP C 284 -23.95 -12.08 17.64
N ALA C 285 -23.97 -10.87 18.17
CA ALA C 285 -23.52 -9.72 17.41
C ALA C 285 -22.03 -9.83 17.04
N PHE C 286 -21.18 -10.34 17.94
CA PHE C 286 -19.80 -10.53 17.57
C PHE C 286 -19.66 -11.41 16.34
N TRP C 287 -20.40 -12.52 16.34
CA TRP C 287 -20.35 -13.49 15.24
C TRP C 287 -21.00 -12.92 13.99
N ARG C 288 -22.11 -12.26 14.10
CA ARG C 288 -22.74 -11.79 12.89
C ARG C 288 -22.00 -10.64 12.21
N TYR C 289 -21.35 -9.81 12.98
CA TYR C 289 -20.59 -8.71 12.36
C TYR C 289 -19.12 -9.01 12.09
N HIS C 290 -18.50 -9.90 12.88
CA HIS C 290 -17.05 -10.01 12.83
C HIS C 290 -16.52 -11.42 12.61
N ARG C 291 -17.34 -12.37 12.22
CA ARG C 291 -16.77 -13.66 11.89
C ARG C 291 -15.91 -13.56 10.66
N ASN C 292 -16.15 -12.50 9.91
CA ASN C 292 -15.38 -12.09 8.76
C ASN C 292 -13.94 -11.78 9.03
N THR C 293 -13.57 -11.80 10.29
CA THR C 293 -12.20 -11.54 10.66
C THR C 293 -11.33 -12.79 10.54
N ASN C 294 -11.98 -13.94 10.40
CA ASN C 294 -11.28 -15.22 10.43
C ASN C 294 -11.89 -16.37 9.62
N TYR C 295 -13.21 -16.53 9.67
CA TYR C 295 -13.84 -17.70 9.06
C TYR C 295 -14.35 -17.45 7.63
N SER C 296 -14.03 -18.38 6.75
CA SER C 296 -14.56 -18.35 5.38
C SER C 296 -14.20 -17.07 4.65
N VAL C 297 -12.97 -16.59 4.88
CA VAL C 297 -12.51 -15.38 4.24
C VAL C 297 -11.05 -15.50 3.81
N VAL C 298 -10.62 -14.62 2.92
CA VAL C 298 -9.29 -14.72 2.37
C VAL C 298 -8.61 -13.37 2.51
N ASP C 299 -7.33 -13.42 2.86
CA ASP C 299 -6.45 -12.27 2.94
C ASP C 299 -6.43 -11.47 1.63
N ASP C 300 -6.56 -10.15 1.77
CA ASP C 300 -6.53 -9.19 0.67
C ASP C 300 -5.41 -9.51 -0.36
N GLU C 301 -4.17 -9.68 0.10
CA GLU C 301 -3.08 -9.88 -0.85
C GLU C 301 -3.22 -11.20 -1.63
N VAL C 302 -3.69 -12.26 -0.98
CA VAL C 302 -3.86 -13.53 -1.65
C VAL C 302 -4.94 -13.44 -2.70
N ILE C 303 -6.04 -12.74 -2.37
CA ILE C 303 -7.09 -12.50 -3.36
C ILE C 303 -6.56 -11.81 -4.61
N ARG C 304 -5.78 -10.73 -4.41
CA ARG C 304 -5.30 -9.93 -5.53
C ARG C 304 -4.30 -10.70 -6.35
N ASP C 305 -3.51 -11.52 -5.70
CA ASP C 305 -2.56 -12.36 -6.43
C ASP C 305 -3.30 -13.37 -7.33
N LEU C 306 -4.36 -13.99 -6.80
CA LEU C 306 -5.15 -14.92 -7.60
C LEU C 306 -5.83 -14.22 -8.79
N TYR C 307 -6.33 -13.03 -8.52
CA TYR C 307 -6.99 -12.26 -9.55
C TYR C 307 -6.00 -11.89 -10.66
N ARG C 308 -4.80 -11.51 -10.25
CA ARG C 308 -3.77 -11.17 -11.22
C ARG C 308 -3.39 -12.37 -12.07
N ARG C 309 -3.34 -13.55 -11.45
CA ARG C 309 -3.00 -14.77 -12.17
C ARG C 309 -4.06 -15.09 -13.21
N GLY C 310 -5.32 -14.97 -12.82
CA GLY C 310 -6.39 -15.24 -13.75
C GLY C 310 -6.33 -14.30 -14.94
N TYR C 311 -6.14 -13.01 -14.66
CA TYR C 311 -6.08 -11.98 -15.68
C TYR C 311 -4.96 -12.31 -16.68
N ASP C 312 -3.76 -12.58 -16.17
CA ASP C 312 -2.62 -12.83 -17.06
C ASP C 312 -2.85 -14.06 -17.93
N ASP C 313 -3.50 -15.09 -17.38
CA ASP C 313 -3.80 -16.29 -18.16
C ASP C 313 -4.75 -15.98 -19.32
N GLU C 314 -5.74 -15.13 -19.05
CA GLU C 314 -6.69 -14.70 -20.07
C GLU C 314 -5.95 -13.96 -21.18
N VAL C 315 -5.08 -13.04 -20.79
CA VAL C 315 -4.27 -12.30 -21.77
C VAL C 315 -3.47 -13.26 -22.64
N ALA C 316 -2.90 -14.27 -22.02
CA ALA C 316 -2.06 -15.27 -22.69
C ALA C 316 -2.90 -16.27 -23.52
N GLY C 317 -4.22 -16.23 -23.36
CA GLY C 317 -5.10 -17.15 -24.05
C GLY C 317 -5.01 -18.58 -23.52
N ALA C 318 -4.67 -18.71 -22.23
CA ALA C 318 -4.47 -20.02 -21.63
C ALA C 318 -5.11 -20.08 -20.25
N PRO C 319 -6.45 -20.02 -20.19
CA PRO C 319 -7.13 -20.07 -18.88
C PRO C 319 -6.93 -21.43 -18.22
N ARG C 320 -6.77 -21.37 -16.91
CA ARG C 320 -6.38 -22.47 -16.13
C ARG C 320 -7.25 -22.53 -14.89
N LEU C 321 -7.62 -21.39 -14.36
CA LEU C 321 -8.35 -21.29 -13.10
C LEU C 321 -9.84 -21.20 -13.35
N ASN C 322 -10.58 -22.26 -12.99
CA ASN C 322 -12.04 -22.22 -13.23
C ASN C 322 -12.75 -22.03 -11.92
N PHE C 323 -13.45 -20.95 -11.78
CA PHE C 323 -14.09 -20.67 -10.53
C PHE C 323 -15.50 -21.02 -10.57
N VAL C 324 -15.88 -22.01 -9.80
CA VAL C 324 -17.24 -22.47 -9.75
C VAL C 324 -17.90 -21.89 -8.54
N ASN C 325 -18.43 -20.72 -8.73
CA ASN C 325 -19.05 -19.99 -7.72
C ASN C 325 -20.54 -20.37 -7.51
N LEU C 326 -21.09 -19.98 -6.40
CA LEU C 326 -22.40 -20.36 -5.90
C LEU C 326 -22.74 -21.85 -5.95
N ALA C 327 -21.91 -22.63 -5.31
CA ALA C 327 -21.80 -24.01 -5.52
C ALA C 327 -21.28 -24.73 -4.26
N HIS C 328 -21.62 -25.99 -4.09
CA HIS C 328 -20.91 -26.81 -3.16
C HIS C 328 -20.70 -28.16 -3.65
N VAL C 329 -19.65 -28.76 -3.14
CA VAL C 329 -19.36 -30.16 -3.40
C VAL C 329 -20.29 -31.01 -2.50
N VAL C 330 -21.05 -31.93 -3.09
CA VAL C 330 -21.97 -32.78 -2.30
C VAL C 330 -21.63 -34.28 -2.33
N GLY C 331 -20.70 -34.68 -3.20
CA GLY C 331 -20.25 -36.06 -3.22
C GLY C 331 -19.01 -36.31 -4.07
N ALA C 332 -18.34 -37.43 -3.80
CA ALA C 332 -17.19 -37.85 -4.59
C ALA C 332 -17.12 -39.37 -4.69
N LYS C 333 -16.79 -39.87 -5.87
CA LYS C 333 -16.65 -41.29 -6.13
C LYS C 333 -15.49 -41.52 -7.08
N ARG C 334 -14.76 -42.62 -6.92
CA ARG C 334 -13.71 -42.95 -7.86
C ARG C 334 -14.29 -43.86 -8.96
N ILE C 335 -14.12 -43.47 -10.23
CA ILE C 335 -14.66 -44.23 -11.36
C ILE C 335 -13.59 -44.38 -12.44
N ALA C 336 -12.93 -45.53 -12.41
CA ALA C 336 -11.80 -45.83 -13.28
C ALA C 336 -10.66 -44.93 -12.88
N ASP C 337 -10.15 -44.15 -13.83
CA ASP C 337 -9.03 -43.24 -13.58
C ASP C 337 -9.46 -41.82 -13.16
N ASP C 338 -10.74 -41.65 -12.89
CA ASP C 338 -11.27 -40.33 -12.57
C ASP C 338 -11.89 -40.26 -11.17
N THR C 339 -11.68 -39.13 -10.50
CA THR C 339 -12.45 -38.80 -9.31
C THR C 339 -13.64 -37.95 -9.75
N ARG C 340 -14.83 -38.45 -9.50
CA ARG C 340 -16.02 -37.78 -9.99
C ARG C 340 -16.67 -36.99 -8.87
N VAL C 341 -16.64 -35.66 -9.00
CA VAL C 341 -17.11 -34.77 -7.94
C VAL C 341 -18.51 -34.35 -8.32
N THR C 342 -19.45 -34.55 -7.41
CA THR C 342 -20.80 -34.08 -7.62
C THR C 342 -20.93 -32.69 -7.03
N VAL C 343 -21.27 -31.74 -7.89
CA VAL C 343 -21.39 -30.34 -7.51
C VAL C 343 -22.84 -29.88 -7.53
N TYR C 344 -23.27 -29.21 -6.47
CA TYR C 344 -24.59 -28.62 -6.51
C TYR C 344 -24.52 -27.12 -6.84
N SER C 345 -25.16 -26.73 -7.93
CA SER C 345 -25.24 -25.32 -8.33
C SER C 345 -26.45 -24.62 -7.74
N MET C 346 -26.24 -23.62 -6.87
CA MET C 346 -27.36 -22.84 -6.36
C MET C 346 -28.09 -22.05 -7.47
N ALA C 347 -27.35 -21.62 -8.48
CA ALA C 347 -27.93 -20.74 -9.49
C ALA C 347 -28.97 -21.51 -10.29
N ARG C 348 -28.61 -22.69 -10.75
CA ARG C 348 -29.48 -23.56 -11.51
C ARG C 348 -30.36 -24.48 -10.70
N GLU C 349 -30.02 -24.63 -9.45
CA GLU C 349 -30.68 -25.54 -8.54
C GLU C 349 -30.65 -26.96 -9.04
N GLU C 350 -29.50 -27.43 -9.47
CA GLU C 350 -29.32 -28.79 -9.89
C GLU C 350 -27.93 -29.34 -9.52
N SER C 351 -27.67 -30.60 -9.82
CA SER C 351 -26.45 -31.28 -9.48
C SER C 351 -25.84 -31.78 -10.74
N TYR C 352 -24.53 -31.87 -10.84
CA TYR C 352 -23.87 -32.36 -12.04
C TYR C 352 -22.52 -32.91 -11.64
N ASP C 353 -21.87 -33.60 -12.55
CA ASP C 353 -20.62 -34.27 -12.21
C ASP C 353 -19.44 -33.56 -12.86
N LEU C 354 -18.31 -33.57 -12.16
CA LEU C 354 -17.11 -32.91 -12.63
C LEU C 354 -16.01 -33.95 -12.44
N ASP C 355 -15.28 -34.30 -13.49
CA ASP C 355 -14.20 -35.30 -13.38
C ASP C 355 -12.84 -34.64 -13.23
N VAL C 356 -12.10 -35.04 -12.20
CA VAL C 356 -10.75 -34.56 -11.94
C VAL C 356 -9.87 -35.71 -11.47
N ASP C 357 -8.59 -35.45 -11.26
CA ASP C 357 -7.69 -36.47 -10.72
C ASP C 357 -7.81 -36.56 -9.20
N VAL C 358 -7.88 -35.41 -8.54
CA VAL C 358 -7.94 -35.30 -7.07
C VAL C 358 -8.92 -34.23 -6.62
N LEU C 359 -9.69 -34.52 -5.59
CA LEU C 359 -10.50 -33.53 -4.92
C LEU C 359 -9.84 -33.10 -3.62
N VAL C 360 -9.53 -31.82 -3.49
CA VAL C 360 -9.04 -31.31 -2.20
C VAL C 360 -10.16 -30.55 -1.51
N CYS C 361 -10.54 -31.01 -0.33
CA CYS C 361 -11.56 -30.34 0.44
C CYS C 361 -10.95 -29.39 1.46
N ALA C 362 -10.99 -28.10 1.15
CA ALA C 362 -10.53 -27.08 2.08
C ALA C 362 -11.78 -26.54 2.79
N THR C 363 -12.50 -27.43 3.43
CA THR C 363 -13.80 -27.09 3.97
C THR C 363 -13.81 -26.79 5.44
N GLY C 364 -12.64 -26.53 6.01
CA GLY C 364 -12.55 -25.99 7.36
C GLY C 364 -12.41 -27.03 8.47
N TYR C 365 -12.71 -26.60 9.70
CA TYR C 365 -12.43 -27.39 10.90
C TYR C 365 -13.58 -27.25 11.89
N ASP C 366 -13.69 -28.23 12.79
CA ASP C 366 -14.57 -28.09 13.93
C ASP C 366 -13.72 -27.68 15.14
N PRO C 367 -14.34 -26.97 16.07
CA PRO C 367 -13.66 -26.55 17.30
C PRO C 367 -13.18 -27.74 18.10
N MET C 368 -12.28 -27.56 19.04
CA MET C 368 -11.77 -28.61 19.90
C MET C 368 -12.81 -28.95 20.91
N ASP C 369 -13.20 -30.21 20.98
CA ASP C 369 -14.15 -30.64 22.00
C ASP C 369 -13.53 -31.56 23.04
N PRO C 370 -13.55 -31.03 24.33
CA PRO C 370 -12.83 -31.86 25.32
C PRO C 370 -13.54 -33.15 25.66
N GLY C 371 -14.86 -33.17 25.51
CA GLY C 371 -15.69 -34.31 25.74
C GLY C 371 -15.21 -35.72 25.46
N ASP C 372 -14.65 -35.99 24.31
CA ASP C 372 -14.14 -37.35 24.08
C ASP C 372 -13.08 -37.77 25.11
N LEU C 373 -12.10 -36.93 25.31
CA LEU C 373 -11.04 -37.23 26.26
C LEU C 373 -11.54 -37.37 27.71
N LEU C 374 -12.57 -36.64 28.08
CA LEU C 374 -12.96 -36.63 29.44
C LEU C 374 -13.66 -37.90 29.82
N GLY C 375 -14.50 -38.41 28.94
CA GLY C 375 -15.37 -39.52 29.25
C GLY C 375 -15.92 -39.41 30.64
N GLU C 376 -15.53 -40.36 31.46
CA GLU C 376 -15.92 -40.46 32.84
C GLU C 376 -16.07 -39.14 33.54
N LEU C 377 -15.15 -38.23 33.34
CA LEU C 377 -15.24 -36.96 34.04
C LEU C 377 -16.40 -36.06 33.57
N ALA C 378 -16.90 -36.25 32.36
CA ALA C 378 -17.89 -35.34 31.82
C ALA C 378 -19.05 -35.11 32.76
N GLU C 379 -19.30 -36.09 33.61
CA GLU C 379 -20.51 -36.06 34.38
C GLU C 379 -20.48 -35.03 35.49
N HIS C 380 -19.30 -34.72 35.98
CA HIS C 380 -19.09 -33.70 37.00
C HIS C 380 -18.86 -32.30 36.36
N CYS C 381 -18.92 -32.27 35.03
CA CYS C 381 -18.82 -31.02 34.27
C CYS C 381 -20.21 -30.49 33.92
N VAL C 382 -20.47 -29.23 34.25
CA VAL C 382 -21.79 -28.64 34.06
C VAL C 382 -22.05 -28.11 32.65
N GLN C 383 -23.22 -28.44 32.10
CA GLN C 383 -23.61 -27.95 30.77
C GLN C 383 -24.62 -26.83 30.91
N ASP C 384 -24.79 -26.06 29.83
CA ASP C 384 -25.79 -24.99 29.85
C ASP C 384 -27.09 -25.52 29.27
N ALA C 385 -28.03 -24.62 29.02
CA ALA C 385 -29.31 -24.97 28.40
C ALA C 385 -29.13 -25.69 27.06
N GLU C 386 -28.31 -25.10 26.19
CA GLU C 386 -28.10 -25.64 24.84
C GLU C 386 -27.13 -26.83 24.75
N GLY C 387 -26.73 -27.39 25.89
CA GLY C 387 -25.86 -28.56 25.93
C GLY C 387 -24.36 -28.32 25.78
N ARG C 388 -23.91 -27.11 26.04
CA ARG C 388 -22.51 -26.78 25.91
C ARG C 388 -21.82 -26.67 27.25
N TRP C 389 -20.52 -26.96 27.31
CA TRP C 389 -19.74 -26.80 28.49
C TRP C 389 -19.69 -25.37 28.99
N GLN C 390 -19.77 -25.23 30.28
CA GLN C 390 -19.67 -23.96 30.91
C GLN C 390 -18.24 -23.78 31.30
N VAL C 391 -17.75 -22.57 31.23
CA VAL C 391 -16.37 -22.31 31.39
C VAL C 391 -16.32 -21.00 32.05
N ASP C 392 -15.49 -20.90 33.08
CA ASP C 392 -15.22 -19.66 33.78
C ASP C 392 -14.32 -18.74 32.99
N ARG C 393 -14.26 -17.48 33.38
CA ARG C 393 -13.41 -16.52 32.68
C ARG C 393 -11.95 -16.91 32.59
N ASP C 394 -11.47 -17.64 33.55
CA ASP C 394 -10.08 -18.08 33.57
C ASP C 394 -9.87 -19.41 32.83
N TYR C 395 -10.82 -19.76 31.95
CA TYR C 395 -10.73 -20.93 31.06
C TYR C 395 -10.91 -22.27 31.76
N ARG C 396 -11.42 -22.22 32.97
CA ARG C 396 -11.61 -23.40 33.82
C ARG C 396 -13.03 -23.95 33.72
N MET C 397 -13.18 -25.22 33.35
CA MET C 397 -14.53 -25.80 33.25
C MET C 397 -15.25 -25.71 34.60
N VAL C 398 -16.54 -25.37 34.53
CA VAL C 398 -17.40 -25.39 35.71
C VAL C 398 -17.70 -26.85 36.10
N THR C 399 -17.42 -27.18 37.35
CA THR C 399 -17.68 -28.52 37.88
C THR C 399 -18.56 -28.55 39.13
N THR C 400 -19.19 -29.70 39.31
CA THR C 400 -19.93 -30.01 40.55
C THR C 400 -19.00 -30.26 41.70
N PRO C 401 -19.50 -29.80 42.92
CA PRO C 401 -18.66 -30.11 44.08
C PRO C 401 -17.91 -31.42 44.14
N ASP C 402 -18.48 -32.47 43.60
CA ASP C 402 -17.77 -33.70 43.46
C ASP C 402 -16.32 -33.53 42.94
N LEU C 403 -16.00 -32.45 42.22
CA LEU C 403 -14.63 -32.25 41.67
C LEU C 403 -13.91 -30.99 42.08
N ARG C 404 -12.68 -31.10 42.54
CA ARG C 404 -11.99 -29.88 42.96
C ARG C 404 -10.73 -29.65 42.11
N CYS C 405 -10.36 -30.63 41.30
CA CYS C 405 -9.21 -30.45 40.40
C CYS C 405 -9.61 -29.59 39.19
N GLY C 406 -8.65 -28.84 38.67
CA GLY C 406 -8.86 -27.91 37.57
C GLY C 406 -8.72 -28.46 36.16
N ILE C 407 -9.78 -28.28 35.37
CA ILE C 407 -9.75 -28.61 33.95
C ILE C 407 -9.85 -27.36 33.09
N TYR C 408 -8.73 -27.00 32.46
CA TYR C 408 -8.64 -25.78 31.68
C TYR C 408 -8.64 -26.07 30.19
N LEU C 409 -9.25 -25.16 29.43
CA LEU C 409 -9.36 -25.32 27.97
C LEU C 409 -8.66 -24.22 27.20
N GLN C 410 -7.71 -24.62 26.34
CA GLN C 410 -7.16 -23.70 25.34
C GLN C 410 -7.65 -24.18 24.00
N GLY C 411 -8.72 -23.57 23.51
CA GLY C 411 -9.48 -24.12 22.40
C GLY C 411 -10.85 -24.54 22.95
N GLY C 412 -11.84 -24.68 22.09
CA GLY C 412 -13.15 -25.15 22.51
C GLY C 412 -13.90 -24.15 23.36
N THR C 413 -13.50 -22.88 23.33
CA THR C 413 -14.18 -21.87 24.13
C THR C 413 -14.84 -20.81 23.25
N GLU C 414 -15.05 -21.14 21.99
CA GLU C 414 -15.71 -20.23 21.05
C GLU C 414 -17.02 -19.67 21.61
N HIS C 415 -17.79 -20.50 22.29
CA HIS C 415 -19.08 -20.12 22.80
C HIS C 415 -19.01 -19.29 24.05
N THR C 416 -17.94 -19.37 24.79
CA THR C 416 -17.86 -18.67 26.06
C THR C 416 -16.92 -17.50 26.02
N HIS C 417 -15.80 -17.67 25.31
CA HIS C 417 -14.77 -16.64 25.27
C HIS C 417 -14.65 -15.94 23.92
N GLY C 418 -15.19 -16.54 22.88
CA GLY C 418 -15.27 -15.82 21.61
C GLY C 418 -14.26 -16.24 20.55
N LEU C 419 -14.17 -15.39 19.52
CA LEU C 419 -13.45 -15.70 18.28
C LEU C 419 -11.94 -15.90 18.45
N SER C 420 -11.40 -15.49 19.58
CA SER C 420 -9.98 -15.66 19.82
C SER C 420 -9.61 -17.09 20.18
N SER C 421 -10.61 -17.93 20.47
CA SER C 421 -10.33 -19.25 21.06
C SER C 421 -9.37 -20.16 20.29
N SER C 422 -9.54 -20.26 18.98
CA SER C 422 -8.68 -21.15 18.19
C SER C 422 -7.45 -20.44 17.61
N LEU C 423 -7.34 -19.13 17.86
CA LEU C 423 -6.34 -18.34 17.17
C LEU C 423 -5.06 -18.05 17.98
N LEU C 424 -4.10 -17.40 17.33
CA LEU C 424 -2.83 -17.01 17.94
C LEU C 424 -2.82 -15.59 18.50
N SER C 425 -3.95 -14.90 18.39
CA SER C 425 -4.07 -13.50 18.80
C SER C 425 -3.73 -13.23 20.29
N ASN C 426 -4.02 -14.20 21.15
CA ASN C 426 -4.05 -13.99 22.61
C ASN C 426 -3.31 -15.02 23.46
N LEU C 427 -2.28 -15.62 22.89
CA LEU C 427 -1.52 -16.66 23.57
C LEU C 427 -0.95 -16.24 24.92
N ALA C 428 -0.27 -15.10 24.95
CA ALA C 428 0.43 -14.66 26.15
C ALA C 428 -0.49 -14.46 27.35
N THR C 429 -1.60 -13.76 27.11
CA THR C 429 -2.50 -13.42 28.20
C THR C 429 -3.32 -14.63 28.70
N ARG C 430 -3.83 -15.45 27.80
CA ARG C 430 -4.60 -16.59 28.24
C ARG C 430 -3.76 -17.59 28.99
N SER C 431 -2.56 -17.86 28.52
CA SER C 431 -1.68 -18.78 29.22
C SER C 431 -1.35 -18.20 30.60
N GLY C 432 -1.13 -16.90 30.65
CA GLY C 432 -0.82 -16.25 31.91
C GLY C 432 -1.96 -16.31 32.91
N GLU C 433 -3.20 -16.15 32.42
CA GLU C 433 -4.36 -16.18 33.30
C GLU C 433 -4.58 -17.60 33.85
N ILE C 434 -4.30 -18.62 33.03
CA ILE C 434 -4.42 -20.00 33.47
C ILE C 434 -3.39 -20.32 34.56
N VAL C 435 -2.12 -20.01 34.32
CA VAL C 435 -1.09 -20.16 35.34
C VAL C 435 -1.44 -19.45 36.64
N SER C 436 -1.91 -18.22 36.56
CA SER C 436 -2.31 -17.46 37.75
C SER C 436 -3.43 -18.17 38.51
N SER C 437 -4.42 -18.65 37.75
CA SER C 437 -5.57 -19.37 38.30
C SER C 437 -5.12 -20.61 39.08
N ILE C 438 -4.26 -21.41 38.46
CA ILE C 438 -3.72 -22.60 39.09
C ILE C 438 -2.96 -22.25 40.38
N GLU C 439 -2.09 -21.24 40.32
CA GLU C 439 -1.35 -20.77 41.50
C GLU C 439 -2.31 -20.29 42.59
N ARG C 440 -3.35 -19.54 42.20
CA ARG C 440 -4.32 -19.01 43.15
C ARG C 440 -5.06 -20.10 43.97
N ARG C 441 -5.32 -21.24 43.37
CA ARG C 441 -6.09 -22.26 44.00
C ARG C 441 -5.26 -23.19 44.85
N LYS C 442 -4.00 -23.34 44.46
CA LYS C 442 -3.04 -24.19 45.11
C LYS C 442 -2.99 -23.95 46.60
N PRO D 29 36.41 13.85 42.93
CA PRO D 29 35.81 12.60 42.45
C PRO D 29 35.85 12.52 40.91
N THR D 30 36.60 11.55 40.42
CA THR D 30 36.82 11.40 38.98
C THR D 30 35.96 10.31 38.38
N HIS D 31 35.04 10.69 37.50
CA HIS D 31 34.15 9.75 36.84
C HIS D 31 34.85 8.95 35.76
N ASP D 32 34.47 7.69 35.59
CA ASP D 32 34.86 6.90 34.42
C ASP D 32 34.46 7.57 33.09
N VAL D 33 33.24 8.08 33.04
CA VAL D 33 32.80 8.72 31.81
C VAL D 33 31.85 9.90 32.08
N VAL D 34 32.02 10.97 31.33
CA VAL D 34 31.12 12.10 31.35
C VAL D 34 30.50 12.28 29.96
N GLY D 35 29.19 12.40 29.91
CA GLY D 35 28.50 12.66 28.67
C GLY D 35 28.10 14.12 28.51
N VAL D 36 28.48 14.72 27.39
CA VAL D 36 28.08 16.07 27.08
C VAL D 36 26.86 16.07 26.16
N GLY D 37 25.75 16.63 26.65
CA GLY D 37 24.50 16.62 25.92
C GLY D 37 23.68 15.42 26.34
N PHE D 38 22.36 15.59 26.41
CA PHE D 38 21.50 14.45 26.67
C PHE D 38 20.33 14.31 25.66
N GLY D 39 20.66 14.01 24.41
CA GLY D 39 19.67 13.61 23.42
C GLY D 39 19.64 12.09 23.43
N PRO D 40 18.96 11.50 22.45
CA PRO D 40 18.85 10.03 22.31
C PRO D 40 20.19 9.29 22.35
N ALA D 41 21.24 9.86 21.75
CA ALA D 41 22.52 9.17 21.69
C ALA D 41 23.11 8.92 23.10
N ASN D 42 23.21 9.96 23.92
CA ASN D 42 23.75 9.76 25.28
C ASN D 42 22.74 9.05 26.18
N LEU D 43 21.44 9.23 25.90
CA LEU D 43 20.44 8.44 26.61
C LEU D 43 20.73 6.95 26.41
N SER D 44 20.97 6.56 25.15
CA SER D 44 21.22 5.16 24.88
C SER D 44 22.54 4.76 25.54
N LEU D 45 23.47 5.70 25.62
CA LEU D 45 24.71 5.46 26.35
C LEU D 45 24.43 5.19 27.84
N ALA D 46 23.62 6.06 28.45
CA ALA D 46 23.22 5.86 29.84
C ALA D 46 22.59 4.49 30.07
N VAL D 47 21.71 4.10 29.16
CA VAL D 47 21.06 2.78 29.19
C VAL D 47 22.08 1.66 29.04
N ALA D 48 22.99 1.80 28.09
CA ALA D 48 24.05 0.82 27.88
C ALA D 48 24.90 0.66 29.16
N LEU D 49 25.25 1.79 29.79
CA LEU D 49 26.00 1.76 31.03
C LEU D 49 25.30 0.97 32.13
N GLU D 50 24.01 1.25 32.30
CA GLU D 50 23.20 0.58 33.32
C GLU D 50 23.10 -0.92 33.08
N GLU D 51 22.93 -1.33 31.83
CA GLU D 51 22.76 -2.74 31.53
C GLU D 51 24.08 -3.50 31.57
N SER D 52 25.19 -2.80 31.38
CA SER D 52 26.50 -3.46 31.46
C SER D 52 26.77 -3.93 32.90
N PRO D 53 27.37 -5.11 33.05
CA PRO D 53 27.79 -5.59 34.38
C PRO D 53 28.97 -4.79 34.96
N ALA D 54 29.75 -4.14 34.08
CA ALA D 54 30.85 -3.29 34.49
C ALA D 54 30.35 -2.18 35.41
N ALA D 55 31.10 -1.95 36.49
CA ALA D 55 30.79 -0.85 37.40
C ALA D 55 31.51 0.40 36.96
N LEU D 56 30.77 1.25 36.25
CA LEU D 56 31.35 2.48 35.74
C LEU D 56 30.58 3.68 36.26
N THR D 57 31.31 4.65 36.77
CA THR D 57 30.70 5.87 37.26
C THR D 57 30.50 6.82 36.09
N SER D 58 29.46 7.63 36.17
CA SER D 58 29.16 8.53 35.06
C SER D 58 28.43 9.78 35.52
N ALA D 59 28.54 10.82 34.71
CA ALA D 59 27.68 11.99 34.85
C ALA D 59 27.31 12.51 33.47
N PHE D 60 26.09 13.02 33.35
CA PHE D 60 25.62 13.61 32.09
C PHE D 60 25.19 15.06 32.28
N PHE D 61 25.54 15.91 31.33
CA PHE D 61 25.19 17.32 31.41
C PHE D 61 24.42 17.74 30.18
N GLU D 62 23.25 18.32 30.43
CA GLU D 62 22.42 18.87 29.40
C GLU D 62 22.14 20.33 29.69
N ARG D 63 22.49 21.17 28.75
CA ARG D 63 22.27 22.60 28.85
C ARG D 63 20.82 23.01 29.02
N ARG D 64 19.90 22.29 28.41
CA ARG D 64 18.50 22.64 28.47
C ARG D 64 17.85 22.11 29.70
N ALA D 65 16.69 22.62 30.06
CA ALA D 65 15.99 22.17 31.25
C ALA D 65 15.56 20.69 31.34
N SER D 66 15.45 20.01 30.22
CA SER D 66 15.08 18.61 30.15
C SER D 66 15.43 18.10 28.81
N ILE D 67 15.09 16.86 28.51
CA ILE D 67 15.17 16.40 27.16
C ILE D 67 14.27 17.22 26.27
N SER D 68 14.83 17.63 25.16
CA SER D 68 14.22 18.51 24.21
C SER D 68 14.65 18.05 22.85
N TRP D 69 13.89 17.15 22.30
CA TRP D 69 14.28 16.52 21.05
C TRP D 69 13.55 17.11 19.83
N HIS D 70 14.20 18.10 19.22
CA HIS D 70 13.68 18.88 18.07
C HIS D 70 12.22 19.29 18.27
N GLN D 71 11.96 19.92 19.41
CA GLN D 71 10.58 20.34 19.74
C GLN D 71 10.04 21.38 18.78
N GLY D 72 10.92 22.19 18.21
CA GLY D 72 10.52 23.18 17.24
C GLY D 72 9.87 22.58 16.00
N MET D 73 10.09 21.27 15.80
CA MET D 73 9.56 20.60 14.62
C MET D 73 8.62 19.45 15.00
N LEU D 74 8.15 19.46 16.25
CA LEU D 74 7.14 18.49 16.68
C LEU D 74 5.77 18.83 16.11
N LEU D 75 5.65 18.79 14.79
CA LEU D 75 4.39 19.04 14.12
C LEU D 75 3.41 17.91 14.31
N PRO D 76 2.10 18.24 14.30
CA PRO D 76 0.99 17.32 14.52
C PRO D 76 1.11 15.95 13.86
N ALA D 77 1.52 15.90 12.59
CA ALA D 77 1.49 14.61 11.93
C ALA D 77 2.86 13.94 11.76
N ALA D 78 3.87 14.48 12.41
CA ALA D 78 5.25 14.10 12.12
C ALA D 78 5.52 12.64 12.56
N LYS D 79 6.16 11.86 11.69
CA LYS D 79 6.41 10.46 12.02
C LYS D 79 7.89 10.10 12.01
N MET D 80 8.30 9.25 12.94
CA MET D 80 9.68 8.78 12.99
C MET D 80 10.16 8.34 11.61
N GLN D 81 11.44 8.35 11.39
CA GLN D 81 12.00 7.84 10.16
C GLN D 81 12.70 6.54 10.32
N VAL D 82 12.69 6.08 11.53
CA VAL D 82 13.27 4.86 11.91
C VAL D 82 12.15 4.00 12.52
N SER D 83 12.28 2.71 12.36
CA SER D 83 11.36 1.72 12.86
C SER D 83 11.36 1.66 14.40
N PHE D 84 10.24 1.30 15.01
CA PHE D 84 10.22 1.28 16.49
C PHE D 84 11.23 0.26 17.02
N LEU D 85 11.59 -0.73 16.21
CA LEU D 85 12.59 -1.71 16.63
C LEU D 85 13.98 -1.07 16.79
N LYS D 86 14.18 0.06 16.14
CA LYS D 86 15.44 0.78 16.25
C LYS D 86 15.34 1.77 17.41
N ASP D 87 15.34 1.25 18.64
CA ASP D 87 15.10 2.12 19.77
C ASP D 87 16.41 2.27 20.53
N LEU D 88 16.34 2.48 21.84
CA LEU D 88 17.54 2.72 22.63
C LEU D 88 18.43 1.49 22.85
N ALA D 89 17.88 0.28 22.67
CA ALA D 89 18.61 -0.89 23.14
C ALA D 89 18.36 -2.23 22.43
N THR D 90 17.21 -2.36 21.78
CA THR D 90 16.68 -3.65 21.31
C THR D 90 17.68 -4.45 20.43
N PHE D 91 18.36 -3.77 19.51
CA PHE D 91 19.32 -4.43 18.61
C PHE D 91 20.51 -5.03 19.37
N ARG D 92 20.80 -4.52 20.53
CA ARG D 92 21.85 -5.04 21.31
C ARG D 92 21.26 -6.00 22.27
N ASN D 93 20.26 -5.56 22.99
CA ASN D 93 19.59 -6.41 23.91
C ASN D 93 18.11 -6.58 23.64
N PRO D 94 17.75 -7.84 23.11
CA PRO D 94 16.32 -7.96 22.81
C PRO D 94 15.40 -8.10 23.97
N ALA D 95 15.85 -7.93 25.19
CA ALA D 95 14.96 -7.99 26.30
C ALA D 95 15.20 -6.90 27.25
N SER D 96 15.53 -5.74 26.73
CA SER D 96 15.75 -4.57 27.52
C SER D 96 14.49 -4.06 28.15
N ARG D 97 14.63 -3.61 29.40
CA ARG D 97 13.52 -2.93 30.07
C ARG D 97 13.37 -1.54 29.50
N PHE D 98 14.28 -1.15 28.62
CA PHE D 98 14.21 0.17 27.99
C PHE D 98 13.75 0.15 26.54
N SER D 99 13.28 -1.00 26.07
CA SER D 99 12.80 -1.10 24.70
C SER D 99 11.53 -0.30 24.50
N PHE D 100 11.26 0.07 23.24
CA PHE D 100 10.04 0.76 22.89
C PHE D 100 8.80 -0.09 23.23
N VAL D 101 8.93 -1.39 23.04
CA VAL D 101 7.86 -2.32 23.39
C VAL D 101 7.54 -2.30 24.90
N SER D 102 8.58 -2.28 25.73
CA SER D 102 8.40 -2.17 27.19
C SER D 102 7.64 -0.89 27.53
N PHE D 103 7.97 0.19 26.86
CA PHE D 103 7.30 1.48 27.00
C PHE D 103 5.81 1.46 26.60
N LEU D 104 5.47 0.76 25.53
CA LEU D 104 4.09 0.61 25.12
C LEU D 104 3.28 -0.15 26.13
N HIS D 105 3.88 -1.18 26.66
CA HIS D 105 3.32 -2.02 27.69
C HIS D 105 2.95 -1.35 29.00
N GLU D 106 3.84 -0.52 29.53
CA GLU D 106 3.62 0.18 30.79
C GLU D 106 2.68 1.30 30.59
N ARG D 107 2.59 1.77 29.38
CA ARG D 107 1.64 2.79 29.09
C ARG D 107 0.30 2.17 28.75
N GLY D 108 0.28 0.88 28.54
CA GLY D 108 -0.91 0.15 28.30
C GLY D 108 -1.38 0.35 26.90
N ARG D 109 -0.42 0.50 26.02
CA ARG D 109 -0.71 0.77 24.63
C ARG D 109 -0.13 -0.26 23.66
N LEU D 110 0.55 -1.27 24.19
CA LEU D 110 1.18 -2.24 23.31
C LEU D 110 0.20 -2.93 22.37
N VAL D 111 -0.94 -3.37 22.90
CA VAL D 111 -1.95 -4.05 22.07
C VAL D 111 -2.55 -3.12 21.02
N ARG D 112 -2.94 -1.94 21.46
CA ARG D 112 -3.45 -0.91 20.56
C ARG D 112 -2.44 -0.60 19.46
N PHE D 113 -1.18 -0.43 19.82
CA PHE D 113 -0.14 -0.12 18.86
C PHE D 113 0.03 -1.22 17.83
N ALA D 114 0.07 -2.46 18.30
CA ALA D 114 0.24 -3.58 17.40
C ALA D 114 -0.90 -3.70 16.38
N ASN D 115 -2.10 -3.33 16.75
CA ASN D 115 -3.22 -3.39 15.86
C ASN D 115 -3.12 -2.50 14.64
N ASN D 116 -2.32 -1.46 14.73
CA ASN D 116 -2.26 -0.38 13.79
C ASN D 116 -1.35 -0.68 12.63
N HIS D 117 -0.41 -1.54 12.85
CA HIS D 117 0.40 -2.04 11.79
C HIS D 117 1.26 -1.02 11.12
N ASP D 118 1.79 -0.11 11.91
CA ASP D 118 2.70 0.91 11.47
C ASP D 118 3.99 0.77 12.22
N PHE D 119 5.07 0.54 11.50
CA PHE D 119 6.38 0.40 12.09
C PHE D 119 6.94 1.73 12.60
N PHE D 120 6.27 2.81 12.27
CA PHE D 120 6.77 4.13 12.54
C PHE D 120 5.90 4.89 13.53
N PRO D 121 6.39 5.04 14.76
CA PRO D 121 5.65 5.82 15.77
C PRO D 121 5.61 7.27 15.35
N THR D 122 4.77 8.08 15.99
CA THR D 122 4.81 9.53 15.78
C THR D 122 6.00 10.10 16.56
N ARG D 123 6.46 11.25 16.11
CA ARG D 123 7.52 11.94 16.82
C ARG D 123 7.06 12.27 18.25
N ARG D 124 5.85 12.70 18.41
CA ARG D 124 5.28 12.96 19.69
C ARG D 124 5.38 11.79 20.67
N GLU D 125 5.05 10.61 20.23
CA GLU D 125 5.10 9.41 21.05
C GLU D 125 6.55 9.02 21.35
N PHE D 126 7.42 9.18 20.37
CA PHE D 126 8.82 8.84 20.57
C PHE D 126 9.44 9.77 21.61
N HIS D 127 9.02 11.04 21.59
CA HIS D 127 9.50 11.99 22.57
C HIS D 127 9.11 11.51 23.99
N ASP D 128 7.87 11.03 24.14
CA ASP D 128 7.44 10.49 25.42
C ASP D 128 8.25 9.26 25.79
N TYR D 129 8.59 8.46 24.79
CA TYR D 129 9.45 7.29 25.02
C TYR D 129 10.80 7.69 25.66
N LEU D 130 11.44 8.72 25.10
CA LEU D 130 12.71 9.24 25.63
C LEU D 130 12.58 9.67 27.10
N GLU D 131 11.54 10.42 27.43
CA GLU D 131 11.36 10.96 28.78
C GLU D 131 11.08 9.80 29.75
N TRP D 132 10.30 8.82 29.29
CA TRP D 132 10.01 7.62 30.06
C TRP D 132 11.28 6.84 30.36
N ALA D 133 12.17 6.74 29.37
CA ALA D 133 13.41 5.99 29.55
C ALA D 133 14.33 6.71 30.54
N GLU D 134 14.37 8.05 30.43
CA GLU D 134 15.18 8.87 31.30
C GLU D 134 14.74 8.69 32.77
N SER D 135 13.44 8.69 33.02
CA SER D 135 12.90 8.52 34.38
C SER D 135 13.24 7.16 34.95
N LYS D 136 13.15 6.12 34.13
CA LYS D 136 13.44 4.76 34.59
C LYS D 136 14.88 4.65 35.07
N LEU D 137 15.80 5.25 34.32
CA LEU D 137 17.23 5.24 34.66
C LEU D 137 17.47 5.43 36.16
N ALA D 138 18.38 4.65 36.73
CA ALA D 138 18.75 4.77 38.13
C ALA D 138 19.42 6.10 38.42
N HIS D 139 20.38 6.45 37.59
CA HIS D 139 21.08 7.68 37.69
C HIS D 139 20.43 8.95 37.23
N GLU D 140 20.91 10.07 37.72
CA GLU D 140 20.28 11.34 37.50
C GLU D 140 21.07 12.16 36.51
N VAL D 141 20.41 12.74 35.53
CA VAL D 141 21.08 13.65 34.61
C VAL D 141 21.09 15.02 35.25
N SER D 142 22.12 15.80 35.00
CA SER D 142 22.17 17.20 35.40
C SER D 142 21.70 18.14 34.31
N TYR D 143 20.51 18.70 34.49
CA TYR D 143 19.95 19.64 33.51
C TYR D 143 20.41 21.07 33.83
N ASP D 144 20.05 22.02 32.97
CA ASP D 144 20.44 23.42 33.10
C ASP D 144 21.94 23.55 33.31
N SER D 145 22.68 22.65 32.68
CA SER D 145 24.13 22.56 32.86
C SER D 145 24.86 22.58 31.53
N GLU D 146 25.38 23.75 31.15
CA GLU D 146 26.07 23.84 29.87
C GLU D 146 27.56 23.58 30.05
N VAL D 147 28.08 22.64 29.26
CA VAL D 147 29.51 22.41 29.21
C VAL D 147 30.12 23.51 28.35
N THR D 148 31.05 24.26 28.90
CA THR D 148 31.61 25.42 28.20
C THR D 148 33.01 25.18 27.62
N ALA D 149 33.69 24.17 28.18
CA ALA D 149 35.04 23.82 27.74
C ALA D 149 35.46 22.47 28.29
N ILE D 150 36.39 21.84 27.59
CA ILE D 150 37.02 20.61 28.06
C ILE D 150 38.52 20.83 28.05
N ARG D 151 39.16 20.66 29.21
CA ARG D 151 40.59 20.92 29.32
C ARG D 151 41.37 19.72 29.84
N PRO D 152 42.65 19.65 29.47
CA PRO D 152 43.51 18.56 29.94
C PRO D 152 43.59 18.59 31.46
N GLY D 153 43.37 17.46 32.11
CA GLY D 153 43.64 17.38 33.53
C GLY D 153 45.11 17.51 33.87
N PRO D 154 45.44 17.44 35.16
CA PRO D 154 46.81 17.66 35.64
C PRO D 154 47.71 16.47 35.31
N GLY D 155 48.96 16.74 34.99
CA GLY D 155 49.91 15.68 34.97
C GLY D 155 50.20 15.04 33.64
N ARG D 156 51.24 14.23 33.65
CA ARG D 156 51.69 13.50 32.52
C ARG D 156 51.96 12.11 33.02
N PRO D 157 51.38 11.08 32.40
CA PRO D 157 50.48 11.25 31.26
C PRO D 157 49.12 11.76 31.67
N VAL D 158 48.43 12.36 30.71
CA VAL D 158 47.12 12.90 30.90
C VAL D 158 46.11 11.77 30.96
N ASP D 159 45.56 11.54 32.14
CA ASP D 159 44.68 10.46 32.35
C ASP D 159 43.32 10.94 32.67
N SER D 160 43.13 12.23 32.75
CA SER D 160 41.83 12.76 33.01
C SER D 160 41.61 14.05 32.28
N VAL D 161 40.35 14.39 31.98
CA VAL D 161 40.03 15.70 31.45
C VAL D 161 39.22 16.47 32.48
N LEU D 162 39.26 17.79 32.36
CA LEU D 162 38.49 18.63 33.24
C LEU D 162 37.35 19.20 32.40
N VAL D 163 36.14 19.07 32.95
CA VAL D 163 34.95 19.50 32.23
C VAL D 163 34.32 20.71 32.93
N ASP D 164 34.27 21.83 32.22
CA ASP D 164 33.73 23.06 32.80
C ASP D 164 32.23 23.17 32.56
N VAL D 165 31.49 23.12 33.66
CA VAL D 165 30.03 23.15 33.58
C VAL D 165 29.49 24.44 34.19
N SER D 166 28.66 25.12 33.41
CA SER D 166 28.03 26.36 33.85
C SER D 166 26.54 26.12 34.15
N THR D 167 26.14 26.37 35.37
CA THR D 167 24.78 26.32 35.73
C THR D 167 24.34 27.72 35.85
N PRO D 168 22.97 27.88 36.02
CA PRO D 168 22.57 29.28 36.12
C PRO D 168 22.99 29.86 37.45
N GLU D 169 23.46 29.01 38.34
CA GLU D 169 23.90 29.51 39.61
C GLU D 169 25.39 29.76 39.62
N ALA D 170 26.16 28.73 39.33
CA ALA D 170 27.53 28.70 39.69
C ALA D 170 28.27 27.90 38.68
N THR D 171 29.58 28.11 38.57
CA THR D 171 30.36 27.31 37.65
C THR D 171 31.14 26.32 38.41
N ARG D 172 31.43 25.22 37.80
CA ARG D 172 32.29 24.29 38.45
C ARG D 172 33.07 23.47 37.46
N THR D 173 33.74 22.45 37.95
CA THR D 173 34.58 21.61 37.12
C THR D 173 34.52 20.18 37.63
N VAL D 174 34.29 19.23 36.72
CA VAL D 174 34.34 17.82 37.06
C VAL D 174 35.44 17.13 36.28
N GLU D 175 35.91 16.01 36.80
CA GLU D 175 37.05 15.30 36.22
C GLU D 175 36.59 13.94 35.75
N ALA D 176 37.11 13.50 34.60
CA ALA D 176 36.71 12.22 34.03
C ALA D 176 37.80 11.54 33.25
N ARG D 177 37.80 10.23 33.25
CA ARG D 177 38.76 9.51 32.46
C ARG D 177 38.41 9.51 31.01
N ASN D 178 37.14 9.44 30.75
CA ASN D 178 36.62 9.41 29.38
C ASN D 178 35.51 10.41 29.19
N ILE D 179 35.40 10.92 27.99
CA ILE D 179 34.33 11.85 27.74
C ILE D 179 33.62 11.44 26.45
N VAL D 180 32.30 11.53 26.43
CA VAL D 180 31.48 11.25 25.24
C VAL D 180 30.75 12.49 24.79
N ILE D 181 31.14 13.04 23.63
CA ILE D 181 30.53 14.25 23.10
C ILE D 181 29.38 13.94 22.13
N SER D 182 28.17 14.37 22.49
CA SER D 182 26.98 14.09 21.68
C SER D 182 26.06 15.29 21.68
N THR D 183 26.50 16.38 21.05
CA THR D 183 25.81 17.64 21.17
C THR D 183 24.88 17.98 20.00
N GLY D 184 24.78 17.06 19.03
CA GLY D 184 23.76 17.14 18.00
C GLY D 184 24.12 17.95 16.77
N LEU D 185 23.25 17.86 15.76
CA LEU D 185 23.34 18.62 14.52
C LEU D 185 23.25 20.12 14.78
N VAL D 186 23.84 20.92 13.90
CA VAL D 186 23.85 22.37 14.05
C VAL D 186 23.11 23.06 12.88
N PRO D 187 22.05 23.83 13.20
CA PRO D 187 21.25 24.48 12.14
C PRO D 187 22.13 25.25 11.17
N ARG D 188 21.84 25.16 9.91
CA ARG D 188 22.54 25.89 8.91
C ARG D 188 21.62 26.76 8.07
N MET D 189 21.91 28.05 7.99
CA MET D 189 21.12 29.00 7.24
C MET D 189 21.76 29.13 5.87
N PRO D 190 20.99 29.60 4.88
CA PRO D 190 21.60 29.82 3.57
C PRO D 190 22.71 30.88 3.67
N ALA D 191 23.72 30.78 2.81
CA ALA D 191 24.76 31.80 2.79
C ALA D 191 24.16 33.17 2.48
N GLY D 192 24.44 34.14 3.34
CA GLY D 192 23.99 35.49 3.10
C GLY D 192 22.60 35.78 3.66
N VAL D 193 22.13 34.89 4.53
CA VAL D 193 20.81 35.05 5.15
C VAL D 193 20.93 34.80 6.63
N GLN D 194 20.46 35.75 7.42
CA GLN D 194 20.56 35.59 8.85
C GLN D 194 19.19 35.45 9.47
N SER D 195 19.10 34.63 10.52
CA SER D 195 17.84 34.46 11.23
C SER D 195 17.50 35.76 11.90
N ASP D 196 16.21 36.10 11.95
CA ASP D 196 15.72 37.34 12.55
C ASP D 196 14.25 37.21 12.91
N GLU D 197 13.58 38.30 13.19
CA GLU D 197 12.18 38.27 13.58
C GLU D 197 11.19 37.69 12.57
N PHE D 198 11.45 37.89 11.30
CA PHE D 198 10.59 37.37 10.28
C PHE D 198 11.31 36.38 9.43
N VAL D 199 12.43 35.87 9.89
CA VAL D 199 13.16 34.87 9.16
C VAL D 199 13.51 33.84 10.16
N TRP D 200 13.10 32.61 9.95
CA TRP D 200 13.33 31.53 10.91
C TRP D 200 14.03 30.32 10.28
N HIS D 201 14.87 29.66 11.04
CA HIS D 201 15.33 28.34 10.67
C HIS D 201 14.28 27.32 11.08
N SER D 202 14.13 26.26 10.28
CA SER D 202 13.09 25.26 10.53
C SER D 202 13.14 24.70 11.97
N SER D 203 14.32 24.56 12.53
CA SER D 203 14.46 24.03 13.89
C SER D 203 13.70 24.79 14.95
N ARG D 204 13.30 26.00 14.61
CA ARG D 204 12.69 26.84 15.56
C ARG D 204 11.34 27.23 15.13
N PHE D 205 10.79 26.50 14.19
CA PHE D 205 9.52 26.84 13.59
C PHE D 205 8.34 26.94 14.59
N LEU D 206 8.10 25.97 15.40
CA LEU D 206 6.93 26.10 16.22
C LEU D 206 7.08 27.10 17.30
N ASP D 207 8.29 27.42 17.66
CA ASP D 207 8.54 28.27 18.80
C ASP D 207 8.15 29.65 18.40
N HIS D 208 8.51 30.00 17.19
CA HIS D 208 8.10 31.24 16.59
C HIS D 208 6.65 31.20 16.24
N PHE D 209 6.18 30.14 15.60
CA PHE D 209 4.82 30.08 15.06
C PHE D 209 3.71 30.17 16.10
N ARG D 210 3.91 29.53 17.25
CA ARG D 210 2.91 29.57 18.33
C ARG D 210 2.74 30.97 18.95
N ASP D 211 3.72 31.83 18.70
CA ASP D 211 3.91 33.14 19.33
C ASP D 211 3.61 34.30 18.42
N ARG D 212 2.79 34.08 17.43
CA ARG D 212 2.47 35.09 16.49
C ARG D 212 1.03 35.40 16.70
N ASP D 213 0.54 36.34 15.93
CA ASP D 213 -0.88 36.57 15.78
C ASP D 213 -1.38 35.68 14.68
N PRO D 214 -2.42 34.93 14.95
CA PRO D 214 -2.85 33.91 13.96
C PRO D 214 -3.28 34.37 12.57
N ARG D 215 -3.42 35.66 12.35
CA ARG D 215 -3.69 36.13 11.03
C ARG D 215 -2.72 37.23 10.74
N SER D 216 -1.45 36.92 10.87
CA SER D 216 -0.42 37.83 10.48
C SER D 216 0.68 37.00 9.84
N LEU D 217 0.28 35.99 9.10
CA LEU D 217 1.17 35.13 8.37
C LEU D 217 0.38 34.54 7.26
N ARG D 218 -0.19 35.40 6.48
CA ARG D 218 -1.00 35.01 5.33
C ARG D 218 -0.10 34.61 4.13
N ARG D 219 1.16 35.03 4.18
CA ARG D 219 2.10 34.68 3.11
C ARG D 219 3.40 34.15 3.69
N VAL D 220 3.68 32.87 3.45
CA VAL D 220 4.90 32.27 3.98
C VAL D 220 5.72 31.66 2.85
N ALA D 221 7.02 31.94 2.86
CA ALA D 221 7.98 31.26 2.00
C ALA D 221 8.75 30.24 2.81
N VAL D 222 8.88 29.04 2.26
CA VAL D 222 9.67 27.99 2.87
C VAL D 222 10.74 27.53 1.90
N ALA D 223 12.00 27.66 2.31
CA ALA D 223 13.13 27.30 1.47
C ALA D 223 13.61 25.91 1.82
N GLY D 224 13.80 25.08 0.80
CA GLY D 224 14.34 23.75 1.00
C GLY D 224 13.49 22.70 0.31
N GLY D 225 14.07 21.53 0.06
CA GLY D 225 13.35 20.46 -0.58
C GLY D 225 13.42 19.17 0.19
N GLY D 226 13.80 19.26 1.46
CA GLY D 226 13.95 18.11 2.32
C GLY D 226 12.76 17.84 3.20
N GLN D 227 12.92 16.90 4.12
CA GLN D 227 11.84 16.46 5.02
C GLN D 227 11.29 17.61 5.85
N SER D 228 12.17 18.46 6.36
CA SER D 228 11.72 19.62 7.14
C SER D 228 10.85 20.54 6.30
N ALA D 229 11.36 20.93 5.13
CA ALA D 229 10.58 21.80 4.26
C ALA D 229 9.19 21.23 3.94
N ALA D 230 9.17 19.96 3.57
CA ALA D 230 7.91 19.33 3.18
C ALA D 230 6.92 19.32 4.34
N GLU D 231 7.38 18.97 5.54
CA GLU D 231 6.48 18.86 6.68
C GLU D 231 5.90 20.22 7.06
N ILE D 232 6.73 21.25 6.99
CA ILE D 232 6.29 22.58 7.35
C ILE D 232 5.22 23.08 6.35
N VAL D 233 5.49 22.90 5.06
CA VAL D 233 4.53 23.31 4.03
C VAL D 233 3.20 22.55 4.23
N ARG D 234 3.26 21.27 4.46
CA ARG D 234 2.12 20.48 4.79
C ARG D 234 1.31 21.01 5.94
N PHE D 235 1.99 21.26 7.02
CA PHE D 235 1.38 21.79 8.24
C PHE D 235 0.68 23.13 7.97
N LEU D 236 1.38 24.04 7.28
CA LEU D 236 0.78 25.35 6.96
C LEU D 236 -0.50 25.21 6.12
N HIS D 237 -0.47 24.25 5.21
CA HIS D 237 -1.62 24.02 4.35
C HIS D 237 -2.79 23.48 5.15
N ASP D 238 -2.48 22.63 6.11
CA ASP D 238 -3.48 22.00 6.88
C ASP D 238 -3.99 22.86 7.97
N ASN D 239 -3.18 23.81 8.43
CA ASN D 239 -3.53 24.64 9.58
C ASN D 239 -4.57 25.71 9.26
N ARG D 240 -4.22 26.62 8.35
CA ARG D 240 -5.12 27.71 8.02
C ARG D 240 -5.45 27.64 6.60
N PRO D 241 -6.72 27.74 6.32
CA PRO D 241 -7.24 27.66 4.94
C PRO D 241 -6.84 28.81 4.02
N ASP D 242 -6.26 29.87 4.55
CA ASP D 242 -6.04 31.03 3.75
C ASP D 242 -4.61 31.45 3.64
N THR D 243 -3.73 30.69 4.22
CA THR D 243 -2.32 30.91 4.05
C THR D 243 -1.89 30.55 2.61
N VAL D 244 -1.09 31.43 2.00
CA VAL D 244 -0.47 31.17 0.72
C VAL D 244 0.99 30.81 1.00
N VAL D 245 1.49 29.76 0.36
CA VAL D 245 2.81 29.22 0.66
C VAL D 245 3.66 29.16 -0.60
N HIS D 246 4.89 29.64 -0.50
CA HIS D 246 5.86 29.50 -1.58
C HIS D 246 6.92 28.51 -1.16
N ALA D 247 6.95 27.38 -1.84
CA ALA D 247 7.93 26.33 -1.58
C ALA D 247 9.11 26.44 -2.55
N ILE D 248 10.25 26.89 -2.04
CA ILE D 248 11.39 27.20 -2.90
C ILE D 248 12.48 26.17 -2.73
N MET D 249 12.82 25.50 -3.82
CA MET D 249 13.78 24.40 -3.79
C MET D 249 14.55 24.24 -5.11
N PRO D 250 15.78 23.70 -5.02
CA PRO D 250 16.65 23.59 -6.20
C PRO D 250 16.23 22.51 -7.20
N SER D 251 15.54 21.46 -6.74
CA SER D 251 15.13 20.39 -7.63
C SER D 251 13.86 20.79 -8.39
N TYR D 252 13.46 19.98 -9.36
CA TYR D 252 12.24 20.26 -10.16
C TYR D 252 11.00 19.85 -9.38
N GLY D 253 11.17 18.99 -8.40
CA GLY D 253 10.10 18.56 -7.51
C GLY D 253 10.74 17.83 -6.33
N TYR D 254 10.00 17.59 -5.25
CA TYR D 254 10.52 16.76 -4.17
C TYR D 254 11.14 15.47 -4.67
N VAL D 255 12.28 15.09 -4.08
CA VAL D 255 12.93 13.83 -4.43
C VAL D 255 12.59 12.83 -3.34
N VAL D 256 12.21 11.63 -3.76
CA VAL D 256 11.77 10.63 -2.79
C VAL D 256 12.96 10.12 -1.96
N ALA D 257 12.68 9.88 -0.70
CA ALA D 257 13.62 9.25 0.21
C ALA D 257 13.64 7.75 -0.11
N ASP D 258 14.83 7.16 -0.14
CA ASP D 258 14.96 5.73 -0.46
C ASP D 258 14.90 5.08 0.88
N ASN D 259 13.82 4.31 1.11
CA ASN D 259 13.75 3.43 2.25
C ASN D 259 13.43 1.98 1.96
N THR D 260 13.79 1.57 0.75
CA THR D 260 13.78 0.17 0.36
C THR D 260 14.80 -0.67 1.15
N PRO D 261 14.51 -1.96 1.35
CA PRO D 261 15.18 -2.82 2.35
C PRO D 261 16.70 -2.88 2.11
N PHE D 262 17.15 -2.94 0.84
CA PHE D 262 18.57 -3.10 0.55
C PHE D 262 19.39 -1.85 0.81
N ALA D 263 18.88 -0.71 0.33
CA ALA D 263 19.55 0.55 0.58
C ALA D 263 19.56 0.76 2.08
N ASN D 264 18.49 0.33 2.76
CA ASN D 264 18.39 0.59 4.19
C ASN D 264 19.46 -0.21 4.95
N GLN D 265 20.08 -1.16 4.24
CA GLN D 265 21.11 -2.00 4.82
C GLN D 265 22.35 -1.20 5.20
N ILE D 266 22.52 -0.03 4.57
CA ILE D 266 23.69 0.77 4.89
C ILE D 266 23.68 1.17 6.37
N PHE D 267 22.52 1.06 7.01
CA PHE D 267 22.43 1.39 8.43
C PHE D 267 22.64 0.18 9.35
N ASP D 268 22.82 -1.00 8.75
CA ASP D 268 23.06 -2.23 9.49
C ASP D 268 24.36 -2.00 10.26
N PRO D 269 24.47 -2.57 11.47
CA PRO D 269 25.74 -2.57 12.20
C PRO D 269 26.91 -3.02 11.35
N ALA D 270 26.75 -4.12 10.63
CA ALA D 270 27.82 -4.61 9.79
C ALA D 270 28.22 -3.63 8.67
N ALA D 271 27.28 -2.80 8.22
CA ALA D 271 27.57 -1.84 7.16
C ALA D 271 28.47 -0.71 7.64
N VAL D 272 28.44 -0.46 8.95
CA VAL D 272 29.36 0.49 9.58
C VAL D 272 30.79 0.01 9.34
N ASP D 273 31.03 -1.28 9.58
CA ASP D 273 32.34 -1.87 9.29
C ASP D 273 32.73 -1.73 7.82
N ASP D 274 31.80 -2.04 6.92
CA ASP D 274 32.08 -1.93 5.48
C ASP D 274 32.50 -0.51 5.11
N TYR D 275 31.76 0.49 5.60
CA TYR D 275 32.12 1.87 5.34
C TYR D 275 33.49 2.18 6.00
N PHE D 276 33.63 1.82 7.27
CA PHE D 276 34.82 2.16 8.02
C PHE D 276 36.08 1.57 7.37
N ASP D 277 36.05 0.27 7.08
CA ASP D 277 37.21 -0.44 6.53
C ASP D 277 37.42 -0.13 5.04
N GLY D 278 36.39 0.38 4.38
CA GLY D 278 36.47 0.64 2.95
C GLY D 278 37.38 1.80 2.60
N SER D 279 37.93 1.75 1.39
CA SER D 279 38.73 2.82 0.81
C SER D 279 37.96 4.13 0.68
N LYS D 280 38.68 5.22 0.38
CA LYS D 280 38.02 6.50 0.15
C LYS D 280 37.05 6.39 -1.04
N GLN D 281 37.47 5.64 -2.04
CA GLN D 281 36.66 5.39 -3.23
C GLN D 281 35.31 4.74 -2.84
N ALA D 282 35.39 3.74 -1.97
CA ALA D 282 34.19 3.04 -1.49
C ALA D 282 33.32 4.01 -0.66
N LYS D 283 33.94 4.80 0.21
CA LYS D 283 33.19 5.76 1.00
C LYS D 283 32.43 6.74 0.12
N ASP D 284 33.09 7.24 -0.92
CA ASP D 284 32.43 8.14 -1.85
C ASP D 284 31.22 7.48 -2.50
N ALA D 285 31.34 6.19 -2.78
CA ALA D 285 30.25 5.46 -3.42
C ALA D 285 29.02 5.42 -2.52
N PHE D 286 29.22 5.27 -1.21
CA PHE D 286 28.07 5.24 -0.28
C PHE D 286 27.28 6.53 -0.42
N TRP D 287 28.00 7.65 -0.42
CA TRP D 287 27.39 8.97 -0.50
C TRP D 287 26.79 9.20 -1.89
N ARG D 288 27.46 8.79 -2.93
CA ARG D 288 26.99 9.04 -4.24
C ARG D 288 25.68 8.33 -4.49
N TYR D 289 25.63 7.09 -4.08
CA TYR D 289 24.47 6.27 -4.40
C TYR D 289 23.37 6.33 -3.34
N HIS D 290 23.73 6.60 -2.08
CA HIS D 290 22.75 6.37 -1.02
C HIS D 290 22.55 7.57 -0.08
N ARG D 291 23.01 8.75 -0.45
CA ARG D 291 22.76 9.92 0.36
C ARG D 291 21.28 10.23 0.34
N ASN D 292 20.63 9.81 -0.72
CA ASN D 292 19.16 9.90 -0.84
C ASN D 292 18.36 9.01 0.12
N THR D 293 19.05 8.31 1.03
CA THR D 293 18.35 7.60 2.10
C THR D 293 17.97 8.53 3.24
N ASN D 294 18.54 9.74 3.24
CA ASN D 294 18.37 10.67 4.35
C ASN D 294 18.46 12.16 4.03
N TYR D 295 19.35 12.57 3.15
CA TYR D 295 19.58 14.01 2.93
C TYR D 295 18.84 14.58 1.74
N SER D 296 18.19 15.72 1.94
CA SER D 296 17.54 16.43 0.85
C SER D 296 16.48 15.60 0.13
N VAL D 297 15.76 14.79 0.89
CA VAL D 297 14.73 13.94 0.33
C VAL D 297 13.49 13.89 1.22
N VAL D 298 12.38 13.42 0.67
CA VAL D 298 11.14 13.47 1.42
C VAL D 298 10.49 12.11 1.33
N ASP D 299 9.89 11.72 2.45
CA ASP D 299 9.17 10.48 2.61
C ASP D 299 8.02 10.40 1.60
N ASP D 300 7.90 9.23 0.98
CA ASP D 300 6.89 8.91 -0.02
C ASP D 300 5.47 9.40 0.39
N GLU D 301 5.03 9.05 1.59
CA GLU D 301 3.68 9.43 1.99
C GLU D 301 3.48 10.94 2.09
N VAL D 302 4.48 11.65 2.60
CA VAL D 302 4.37 13.11 2.69
C VAL D 302 4.32 13.75 1.31
N ILE D 303 5.08 13.22 0.36
CA ILE D 303 5.06 13.74 -1.01
C ILE D 303 3.66 13.60 -1.59
N ARG D 304 3.10 12.40 -1.44
CA ARG D 304 1.79 12.09 -2.00
C ARG D 304 0.70 12.93 -1.36
N ASP D 305 0.83 13.20 -0.06
CA ASP D 305 -0.16 14.01 0.63
C ASP D 305 -0.12 15.45 0.08
N LEU D 306 1.08 16.00 -0.11
CA LEU D 306 1.25 17.35 -0.67
C LEU D 306 0.68 17.43 -2.09
N TYR D 307 0.94 16.40 -2.88
CA TYR D 307 0.44 16.37 -4.24
C TYR D 307 -1.08 16.33 -4.28
N ARG D 308 -1.66 15.53 -3.40
CA ARG D 308 -3.11 15.45 -3.29
C ARG D 308 -3.70 16.81 -2.89
N ARG D 309 -3.04 17.50 -1.96
CA ARG D 309 -3.52 18.81 -1.53
C ARG D 309 -3.51 19.80 -2.69
N GLY D 310 -2.43 19.80 -3.46
CA GLY D 310 -2.31 20.70 -4.60
C GLY D 310 -3.42 20.43 -5.60
N TYR D 311 -3.66 19.15 -5.88
CA TYR D 311 -4.65 18.72 -6.86
C TYR D 311 -6.05 19.18 -6.44
N ASP D 312 -6.41 18.93 -5.19
CA ASP D 312 -7.73 19.30 -4.72
C ASP D 312 -7.95 20.81 -4.76
N ASP D 313 -6.91 21.59 -4.43
CA ASP D 313 -7.03 23.04 -4.52
C ASP D 313 -7.30 23.49 -5.96
N GLU D 314 -6.62 22.87 -6.90
CA GLU D 314 -6.84 23.14 -8.30
C GLU D 314 -8.24 22.85 -8.73
N VAL D 315 -8.77 21.75 -8.30
CA VAL D 315 -10.15 21.38 -8.60
C VAL D 315 -11.11 22.43 -8.00
N ALA D 316 -10.80 22.88 -6.78
CA ALA D 316 -11.62 23.88 -6.08
C ALA D 316 -11.47 25.29 -6.65
N GLY D 317 -10.52 25.47 -7.56
CA GLY D 317 -10.23 26.77 -8.12
C GLY D 317 -9.60 27.74 -7.11
N ALA D 318 -8.91 27.20 -6.11
CA ALA D 318 -8.28 28.02 -5.06
C ALA D 318 -6.85 27.58 -4.75
N PRO D 319 -5.94 27.80 -5.71
CA PRO D 319 -4.53 27.40 -5.50
C PRO D 319 -3.87 28.19 -4.37
N ARG D 320 -3.11 27.48 -3.54
CA ARG D 320 -2.42 28.09 -2.40
C ARG D 320 -0.96 27.72 -2.35
N LEU D 321 -0.62 26.54 -2.88
CA LEU D 321 0.74 26.06 -2.85
C LEU D 321 1.46 26.44 -4.12
N ASN D 322 2.47 27.31 -4.00
CA ASN D 322 3.26 27.69 -5.16
C ASN D 322 4.63 27.08 -5.06
N PHE D 323 4.89 26.15 -5.92
CA PHE D 323 6.16 25.49 -5.92
C PHE D 323 7.13 26.18 -6.83
N VAL D 324 8.10 26.80 -6.24
CA VAL D 324 9.12 27.47 -7.00
C VAL D 324 10.27 26.54 -7.23
N ASN D 325 10.31 25.94 -8.38
CA ASN D 325 11.26 24.92 -8.68
C ASN D 325 12.56 25.39 -9.32
N LEU D 326 13.60 24.59 -9.19
CA LEU D 326 14.91 24.90 -9.70
C LEU D 326 15.48 26.25 -9.22
N ALA D 327 15.33 26.53 -7.96
CA ALA D 327 15.60 27.84 -7.38
C ALA D 327 16.26 27.81 -5.98
N HIS D 328 16.93 28.91 -5.62
CA HIS D 328 17.54 29.03 -4.30
C HIS D 328 17.17 30.38 -3.71
N VAL D 329 16.96 30.41 -2.41
CA VAL D 329 16.86 31.66 -1.69
C VAL D 329 18.28 32.20 -1.48
N VAL D 330 18.57 33.42 -1.92
CA VAL D 330 19.93 33.99 -1.79
C VAL D 330 20.03 35.22 -0.88
N GLY D 331 18.89 35.81 -0.53
CA GLY D 331 18.86 36.90 0.43
C GLY D 331 17.49 37.21 1.04
N ALA D 332 17.50 37.89 2.18
CA ALA D 332 16.28 38.35 2.81
C ALA D 332 16.47 39.69 3.52
N LYS D 333 15.50 40.58 3.34
CA LYS D 333 15.51 41.90 3.97
C LYS D 333 14.10 42.28 4.41
N ARG D 334 13.99 42.97 5.53
CA ARG D 334 12.70 43.48 5.99
C ARG D 334 12.45 44.89 5.44
N ILE D 335 11.37 45.05 4.70
CA ILE D 335 11.05 46.34 4.08
C ILE D 335 9.62 46.73 4.39
N ALA D 336 9.46 47.57 5.42
CA ALA D 336 8.17 47.99 5.94
C ALA D 336 7.51 46.76 6.54
N ASP D 337 6.34 46.41 6.04
CA ASP D 337 5.59 45.26 6.56
C ASP D 337 5.83 43.95 5.79
N ASP D 338 6.81 43.96 4.89
CA ASP D 338 7.12 42.80 4.07
C ASP D 338 8.51 42.23 4.32
N THR D 339 8.61 40.90 4.29
CA THR D 339 9.91 40.25 4.21
C THR D 339 10.19 39.99 2.74
N ARG D 340 11.25 40.60 2.24
CA ARG D 340 11.55 40.51 0.82
C ARG D 340 12.62 39.43 0.59
N VAL D 341 12.22 38.36 -0.07
CA VAL D 341 13.08 37.20 -0.28
C VAL D 341 13.64 37.32 -1.67
N THR D 342 14.97 37.30 -1.78
CA THR D 342 15.59 37.28 -3.09
C THR D 342 15.79 35.83 -3.53
N VAL D 343 15.22 35.50 -4.67
CA VAL D 343 15.26 34.15 -5.20
C VAL D 343 16.08 34.09 -6.48
N TYR D 344 17.00 33.14 -6.56
CA TYR D 344 17.73 32.94 -7.81
C TYR D 344 17.11 31.77 -8.59
N SER D 345 16.66 32.06 -9.80
CA SER D 345 16.10 31.05 -10.69
C SER D 345 17.17 30.46 -11.61
N MET D 346 17.38 29.16 -11.51
CA MET D 346 18.36 28.48 -12.30
C MET D 346 17.94 28.34 -13.75
N ALA D 347 16.63 28.41 -14.00
CA ALA D 347 16.10 28.27 -15.34
C ALA D 347 16.37 29.55 -16.14
N ARG D 348 16.18 30.68 -15.51
CA ARG D 348 16.33 31.99 -16.12
C ARG D 348 17.69 32.62 -15.88
N GLU D 349 18.46 32.04 -14.99
CA GLU D 349 19.74 32.59 -14.63
C GLU D 349 19.66 34.06 -14.16
N GLU D 350 18.65 34.40 -13.38
CA GLU D 350 18.48 35.74 -12.84
C GLU D 350 17.78 35.72 -11.48
N SER D 351 17.89 36.82 -10.74
CA SER D 351 17.28 36.86 -9.45
C SER D 351 16.06 37.76 -9.49
N TYR D 352 15.19 37.61 -8.49
CA TYR D 352 14.00 38.45 -8.41
C TYR D 352 13.52 38.44 -6.96
N ASP D 353 12.48 39.19 -6.69
CA ASP D 353 11.95 39.28 -5.35
C ASP D 353 10.55 38.74 -5.11
N LEU D 354 10.35 38.11 -3.96
CA LEU D 354 9.06 37.64 -3.50
C LEU D 354 8.76 38.24 -2.19
N ASP D 355 7.56 38.74 -2.00
CA ASP D 355 7.21 39.41 -0.79
C ASP D 355 6.29 38.51 0.03
N VAL D 356 6.61 38.30 1.30
CA VAL D 356 5.83 37.47 2.19
C VAL D 356 5.80 38.11 3.53
N ASP D 357 5.27 37.41 4.50
CA ASP D 357 5.29 37.83 5.89
C ASP D 357 6.47 37.21 6.65
N VAL D 358 6.72 35.94 6.39
CA VAL D 358 7.80 35.18 7.05
C VAL D 358 8.54 34.30 6.06
N LEU D 359 9.86 34.23 6.22
CA LEU D 359 10.68 33.27 5.49
C LEU D 359 11.10 32.17 6.44
N VAL D 360 10.69 30.94 6.17
CA VAL D 360 11.22 29.79 6.92
C VAL D 360 12.29 29.10 6.09
N CYS D 361 13.49 29.02 6.66
CA CYS D 361 14.60 28.33 6.01
C CYS D 361 14.70 26.90 6.52
N ALA D 362 14.23 25.95 5.72
CA ALA D 362 14.38 24.54 6.06
C ALA D 362 15.59 24.01 5.28
N THR D 363 16.73 24.64 5.52
CA THR D 363 17.91 24.41 4.69
C THR D 363 18.93 23.47 5.32
N GLY D 364 18.51 22.74 6.35
CA GLY D 364 19.29 21.63 6.86
C GLY D 364 20.23 21.97 8.01
N TYR D 365 21.20 21.09 8.22
CA TYR D 365 22.09 21.18 9.37
C TYR D 365 23.53 20.88 9.02
N ASP D 366 24.46 21.32 9.87
CA ASP D 366 25.83 20.87 9.75
C ASP D 366 26.07 19.78 10.78
N PRO D 367 26.99 18.88 10.47
CA PRO D 367 27.35 17.80 11.41
C PRO D 367 27.85 18.36 12.74
N MET D 368 27.71 17.59 13.82
CA MET D 368 28.36 17.85 15.11
C MET D 368 29.85 17.94 14.91
N ASP D 369 30.47 18.95 15.49
CA ASP D 369 31.90 19.09 15.40
C ASP D 369 32.53 19.33 16.73
N PRO D 370 33.38 18.29 17.14
CA PRO D 370 33.80 18.40 18.54
C PRO D 370 34.78 19.54 18.82
N GLY D 371 35.49 19.96 17.77
CA GLY D 371 36.43 21.03 17.83
C GLY D 371 36.22 22.26 18.68
N ASP D 372 35.06 22.87 18.58
CA ASP D 372 34.81 24.08 19.30
C ASP D 372 34.80 23.86 20.78
N LEU D 373 34.68 22.62 21.21
CA LEU D 373 34.53 22.37 22.62
C LEU D 373 35.87 21.96 23.19
N LEU D 374 36.70 21.54 22.27
CA LEU D 374 37.96 20.95 22.60
C LEU D 374 39.14 21.81 22.84
N GLY D 375 38.99 23.13 22.75
CA GLY D 375 40.06 24.10 22.64
C GLY D 375 41.45 23.99 23.20
N GLU D 376 41.52 23.45 24.38
CA GLU D 376 42.73 22.99 24.97
C GLU D 376 43.20 21.75 24.22
N LEU D 377 42.35 20.75 24.14
CA LEU D 377 42.78 19.43 23.75
C LEU D 377 43.00 19.16 22.27
N ALA D 378 42.41 19.99 21.44
CA ALA D 378 42.40 19.75 20.02
C ALA D 378 43.75 19.52 19.46
N GLU D 379 44.74 20.05 20.13
CA GLU D 379 46.11 19.84 19.74
C GLU D 379 46.65 18.50 20.27
N HIS D 380 45.81 17.67 20.86
CA HIS D 380 46.25 16.33 21.19
C HIS D 380 45.49 15.32 20.32
N CYS D 381 44.87 15.82 19.28
CA CYS D 381 43.99 15.02 18.44
C CYS D 381 44.51 14.98 17.03
N VAL D 382 44.66 13.82 16.47
CA VAL D 382 45.29 13.71 15.17
C VAL D 382 44.32 13.96 14.00
N GLN D 383 44.76 14.76 13.04
CA GLN D 383 43.97 15.04 11.85
C GLN D 383 44.48 14.21 10.68
N ASP D 384 43.65 14.08 9.64
CA ASP D 384 44.07 13.38 8.43
C ASP D 384 44.62 14.39 7.44
N ALA D 385 44.85 13.95 6.20
CA ALA D 385 45.32 14.82 5.13
C ALA D 385 44.38 16.01 4.88
N GLU D 386 43.09 15.73 4.74
CA GLU D 386 42.09 16.76 4.45
C GLU D 386 41.68 17.59 5.69
N GLY D 387 42.41 17.37 6.79
CA GLY D 387 42.28 18.13 8.04
C GLY D 387 41.12 17.69 8.97
N ARG D 388 40.60 16.48 8.77
CA ARG D 388 39.49 16.02 9.61
C ARG D 388 40.01 15.15 10.76
N TRP D 389 39.20 14.98 11.81
CA TRP D 389 39.60 14.17 12.96
C TRP D 389 39.71 12.70 12.61
N GLN D 390 40.82 12.08 12.96
CA GLN D 390 40.90 10.63 12.85
C GLN D 390 40.10 10.00 13.99
N VAL D 391 39.31 8.98 13.68
CA VAL D 391 38.50 8.30 14.70
C VAL D 391 38.64 6.80 14.54
N ASP D 392 38.80 6.10 15.65
CA ASP D 392 38.87 4.63 15.65
C ASP D 392 37.49 4.04 15.43
N ARG D 393 37.46 2.74 15.10
CA ARG D 393 36.20 2.04 14.84
C ARG D 393 35.20 2.15 16.01
N ASP D 394 35.74 2.17 17.22
CA ASP D 394 34.94 2.25 18.46
C ASP D 394 34.56 3.67 18.85
N TYR D 395 34.62 4.57 17.87
CA TYR D 395 34.16 5.97 18.01
C TYR D 395 35.09 6.85 18.87
N ARG D 396 36.29 6.40 19.08
CA ARG D 396 37.25 7.06 19.91
C ARG D 396 38.16 7.91 19.06
N MET D 397 38.34 9.17 19.41
CA MET D 397 39.31 10.01 18.68
C MET D 397 40.75 9.45 18.80
N VAL D 398 41.48 9.64 17.75
CA VAL D 398 42.90 9.41 17.77
C VAL D 398 43.75 10.54 18.38
N THR D 399 44.58 10.14 19.34
CA THR D 399 45.28 11.14 20.14
C THR D 399 46.75 11.06 20.07
N THR D 400 47.39 12.02 20.68
CA THR D 400 48.84 11.98 20.88
C THR D 400 49.16 10.96 21.98
N PRO D 401 50.51 10.63 22.13
CA PRO D 401 50.76 9.55 23.10
C PRO D 401 50.61 10.05 24.53
N ASP D 402 50.53 11.34 24.68
CA ASP D 402 50.52 11.92 25.95
C ASP D 402 49.14 12.03 26.48
N LEU D 403 48.18 11.70 25.65
CA LEU D 403 46.80 11.70 25.95
C LEU D 403 46.36 10.25 25.96
N ARG D 404 45.73 9.88 27.04
CA ARG D 404 45.45 8.52 27.37
C ARG D 404 44.01 8.40 27.75
N CYS D 405 43.40 9.51 28.07
CA CYS D 405 41.99 9.67 28.21
C CYS D 405 41.18 9.35 26.96
N GLY D 406 40.02 8.77 27.11
CA GLY D 406 39.15 8.55 25.96
C GLY D 406 38.17 9.66 25.58
N ILE D 407 38.24 10.10 24.31
CA ILE D 407 37.27 11.04 23.77
C ILE D 407 36.43 10.37 22.68
N TYR D 408 35.18 10.07 23.02
CA TYR D 408 34.28 9.39 22.09
C TYR D 408 33.26 10.34 21.44
N LEU D 409 32.92 10.03 20.19
CA LEU D 409 32.00 10.87 19.41
C LEU D 409 30.73 10.13 19.03
N GLN D 410 29.58 10.64 19.46
CA GLN D 410 28.31 10.18 18.91
C GLN D 410 27.76 11.33 18.10
N GLY D 411 27.96 11.26 16.80
CA GLY D 411 27.76 12.40 15.92
C GLY D 411 29.12 12.83 15.43
N GLY D 412 29.18 13.61 14.35
CA GLY D 412 30.45 14.08 13.81
C GLY D 412 31.36 13.00 13.24
N THR D 413 30.81 11.82 12.94
CA THR D 413 31.62 10.75 12.38
C THR D 413 31.24 10.41 10.95
N GLU D 414 30.53 11.33 10.29
CA GLU D 414 30.09 11.12 8.91
C GLU D 414 31.24 10.66 8.02
N HIS D 415 32.42 11.23 8.23
CA HIS D 415 33.54 10.96 7.32
C HIS D 415 34.27 9.66 7.66
N THR D 416 34.07 9.14 8.86
CA THR D 416 34.79 7.92 9.24
C THR D 416 33.84 6.71 9.34
N HIS D 417 32.65 6.93 9.89
CA HIS D 417 31.71 5.83 10.12
C HIS D 417 30.51 5.86 9.18
N GLY D 418 30.24 6.98 8.52
CA GLY D 418 29.20 6.93 7.51
C GLY D 418 27.87 7.57 7.87
N LEU D 419 26.87 7.28 7.03
CA LEU D 419 25.58 7.98 7.07
C LEU D 419 24.77 7.73 8.34
N SER D 420 25.12 6.70 9.09
CA SER D 420 24.40 6.43 10.32
C SER D 420 24.73 7.44 11.45
N SER D 421 25.78 8.25 11.26
CA SER D 421 26.33 9.06 12.37
C SER D 421 25.35 9.96 13.09
N SER D 422 24.53 10.71 12.34
CA SER D 422 23.59 11.63 12.97
C SER D 422 22.21 11.03 13.21
N LEU D 423 22.03 9.74 12.88
CA LEU D 423 20.68 9.16 12.84
C LEU D 423 20.36 8.24 14.04
N LEU D 424 19.12 7.75 14.07
CA LEU D 424 18.65 6.86 15.14
C LEU D 424 18.76 5.37 14.80
N SER D 425 19.27 5.07 13.62
CA SER D 425 19.35 3.72 13.07
C SER D 425 20.16 2.76 13.95
N ASN D 426 21.18 3.26 14.62
CA ASN D 426 22.20 2.41 15.28
C ASN D 426 22.54 2.73 16.74
N LEU D 427 21.59 3.29 17.47
CA LEU D 427 21.77 3.68 18.86
C LEU D 427 22.28 2.56 19.76
N ALA D 428 21.64 1.40 19.67
CA ALA D 428 21.94 0.34 20.62
C ALA D 428 23.37 -0.17 20.49
N THR D 429 23.78 -0.44 19.25
CA THR D 429 25.10 -1.02 19.01
C THR D 429 26.24 -0.01 19.23
N ARG D 430 26.05 1.22 18.77
CA ARG D 430 27.06 2.25 18.93
C ARG D 430 27.35 2.52 20.39
N SER D 431 26.29 2.73 21.17
CA SER D 431 26.43 2.98 22.61
C SER D 431 27.10 1.75 23.27
N GLY D 432 26.69 0.56 22.87
CA GLY D 432 27.27 -0.64 23.43
C GLY D 432 28.76 -0.79 23.17
N GLU D 433 29.18 -0.44 21.96
CA GLU D 433 30.59 -0.54 21.60
C GLU D 433 31.43 0.46 22.36
N ILE D 434 30.88 1.65 22.59
CA ILE D 434 31.58 2.67 23.37
C ILE D 434 31.76 2.20 24.82
N VAL D 435 30.68 1.72 25.44
CA VAL D 435 30.76 1.20 26.80
C VAL D 435 31.80 0.07 26.90
N SER D 436 31.77 -0.88 25.96
CA SER D 436 32.75 -1.96 25.94
C SER D 436 34.18 -1.46 25.81
N SER D 437 34.38 -0.48 24.94
CA SER D 437 35.68 0.13 24.74
C SER D 437 36.23 0.73 26.03
N ILE D 438 35.40 1.51 26.71
CA ILE D 438 35.75 2.14 27.99
C ILE D 438 36.11 1.07 29.03
N GLU D 439 35.27 0.03 29.13
CA GLU D 439 35.54 -1.07 30.07
C GLU D 439 36.87 -1.78 29.73
N ARG D 440 37.14 -1.95 28.47
CA ARG D 440 38.28 -2.70 28.00
C ARG D 440 39.61 -2.06 28.34
N ARG D 441 39.54 -0.85 28.84
CA ARG D 441 40.68 -0.03 29.01
C ARG D 441 40.88 0.31 30.46
N LYS D 442 39.86 0.07 31.27
CA LYS D 442 39.94 0.34 32.70
C LYS D 442 40.50 -0.85 33.47
PA FDA E . 12.04 0.94 -30.23
O1A FDA E . 10.79 0.38 -29.43
O2A FDA E . 13.36 0.23 -29.95
O5B FDA E . 11.81 0.92 -31.85
C5B FDA E . 12.92 0.88 -32.65
C4B FDA E . 12.73 0.06 -33.90
O4B FDA E . 13.52 0.57 -35.01
C3B FDA E . 13.11 -1.38 -33.74
O3B FDA E . 11.91 -2.18 -33.99
C2B FDA E . 14.21 -1.54 -34.63
O2B FDA E . 14.22 -2.68 -35.23
C1B FDA E . 13.96 -0.51 -35.72
N9A FDA E . 15.08 -0.07 -36.47
C8A FDA E . 16.23 0.46 -35.98
N7A FDA E . 17.02 0.79 -37.01
C5A FDA E . 16.38 0.49 -38.16
C6A FDA E . 16.68 0.61 -39.52
N6A FDA E . 17.99 1.16 -39.93
N1A FDA E . 15.79 0.21 -40.44
C2A FDA E . 14.59 -0.30 -40.07
N3A FDA E . 14.26 -0.43 -38.76
C4A FDA E . 15.14 -0.04 -37.82
N1 FDA E . 10.00 3.06 -21.20
C2 FDA E . 8.88 3.49 -20.42
O2 FDA E . 8.67 4.74 -20.29
N3 FDA E . 8.01 2.52 -19.80
C4 FDA E . 8.29 1.14 -19.96
O4 FDA E . 7.56 0.31 -19.42
C4X FDA E . 9.46 0.70 -20.76
N5 FDA E . 9.74 -0.62 -20.93
C5X FDA E . 10.98 -0.94 -21.33
C6 FDA E . 11.43 -2.25 -21.12
C7 FDA E . 12.71 -2.61 -21.47
C7M FDA E . 13.13 -4.06 -21.21
C8 FDA E . 13.55 -1.66 -22.08
C8M FDA E . 14.96 -1.99 -22.51
C9 FDA E . 13.11 -0.36 -22.28
C9A FDA E . 11.82 -0.01 -21.90
N10 FDA E . 11.40 1.24 -22.10
C10 FDA E . 10.30 1.66 -21.38
C1' FDA E . 12.21 2.21 -23.00
C2' FDA E . 12.08 2.03 -24.48
O2' FDA E . 12.92 2.94 -25.03
C3' FDA E . 10.65 2.18 -25.03
O3' FDA E . 9.88 1.29 -24.38
C4' FDA E . 10.51 1.99 -26.56
O4' FDA E . 11.11 0.81 -26.90
C5' FDA E . 10.94 3.18 -27.44
O5' FDA E . 10.40 3.21 -28.79
P FDA E . 11.21 3.57 -30.05
O1P FDA E . 9.83 3.36 -30.68
O2P FDA E . 11.53 4.97 -29.32
O3P FDA E . 12.25 2.39 -29.76
PA NAP F . 20.42 0.98 -16.71
O1A NAP F . 21.47 1.92 -17.37
O2A NAP F . 19.31 1.75 -16.00
O5B NAP F . 21.15 0.09 -15.67
C5B NAP F . 22.53 -0.12 -15.83
C4B NAP F . 23.27 -0.60 -14.59
O4B NAP F . 24.50 -1.32 -14.84
C3B NAP F . 23.61 0.51 -13.67
O3B NAP F . 23.35 0.04 -12.35
C2B NAP F . 25.02 0.72 -13.91
O2B NAP F . 25.71 1.31 -12.84
C1B NAP F . 25.50 -0.68 -14.11
N9A NAP F . 26.80 -0.91 -14.74
C8A NAP F . 27.35 -0.29 -15.79
N7A NAP F . 28.55 -0.84 -16.06
C5A NAP F . 28.74 -1.85 -15.17
C6A NAP F . 29.77 -2.76 -14.96
N6A NAP F . 30.95 -2.75 -15.80
N1A NAP F . 29.66 -3.65 -13.97
C2A NAP F . 28.58 -3.67 -13.17
N3A NAP F . 27.58 -2.80 -13.35
C4A NAP F . 27.64 -1.89 -14.34
O3 NAP F . 19.78 0.02 -17.79
PN NAP F . 18.53 -0.85 -17.58
O1N NAP F . 18.42 -1.45 -16.18
O2N NAP F . 18.63 -1.94 -18.58
O5D NAP F . 17.28 0.05 -17.89
C5D NAP F . 17.27 0.90 -18.98
C4D NAP F . 15.93 1.34 -19.45
O4D NAP F . 15.13 0.23 -19.72
C3D NAP F . 15.20 2.13 -18.39
O3D NAP F . 14.42 3.15 -19.00
C2D NAP F . 14.42 1.11 -17.74
O2D NAP F . 13.38 1.52 -16.89
C1D NAP F . 13.97 0.29 -18.89
N1N NAP F . 13.49 -1.05 -18.51
C2N NAP F . 12.18 -1.24 -18.31
C3N NAP F . 11.71 -2.51 -17.93
C7N NAP F . 10.23 -2.70 -17.75
O7N NAP F . 9.49 -1.96 -18.40
N7N NAP F . 9.71 -3.66 -16.88
C4N NAP F . 12.60 -3.56 -17.74
C5N NAP F . 13.96 -3.32 -17.91
C6N NAP F . 14.38 -2.04 -18.31
P2B NAP F . 25.92 2.88 -12.79
O1X NAP F . 25.94 3.34 -11.34
O2X NAP F . 27.17 3.25 -13.52
O3X NAP F . 24.80 3.63 -13.49
BR BR G . 10.00 -13.31 -14.01
BR BR H . 3.21 6.74 -14.73
BR BR I . -0.36 17.50 -29.69
BR BR J . 6.11 17.23 -26.27
BR BR K . -15.24 -5.42 -21.48
BR BR L . 7.26 2.96 -50.44
BR BR M . 24.15 -10.56 -26.74
BR BR N . 31.96 -17.34 -24.36
BR BR O . 32.18 -13.20 -5.28
BR BR P . 23.57 12.09 -16.15
PA FDA Q . -29.84 10.71 -7.37
O1A FDA Q . -30.33 10.19 -5.91
O2A FDA Q . -28.37 10.57 -7.82
O5B FDA Q . -30.92 11.07 -8.55
C5B FDA Q . -32.17 11.44 -8.11
C4B FDA Q . -32.70 12.80 -8.51
O4B FDA Q . -34.14 12.88 -8.82
C3B FDA Q . -32.42 13.82 -7.45
O3B FDA Q . -31.65 14.84 -8.14
C2B FDA Q . -33.72 14.19 -6.97
O2B FDA Q . -33.84 15.45 -6.70
C1B FDA Q . -34.63 13.98 -8.17
N9A FDA Q . -36.00 13.80 -7.87
C8A FDA Q . -36.55 13.07 -6.88
N7A FDA Q . -37.90 13.16 -6.96
C5A FDA Q . -38.19 13.95 -8.03
C6A FDA Q . -39.39 14.42 -8.64
N6A FDA Q . -40.71 14.03 -8.10
N1A FDA Q . -39.33 15.21 -9.70
C2A FDA Q . -38.13 15.57 -10.21
N3A FDA Q . -36.95 15.15 -9.67
C4A FDA Q . -36.99 14.35 -8.59
N1 FDA Q . -22.77 4.98 -5.28
C2 FDA Q . -21.55 4.51 -5.89
O2 FDA Q . -21.55 3.45 -6.59
N3 FDA Q . -20.31 5.21 -5.71
C4 FDA Q . -20.27 6.39 -4.96
O4 FDA Q . -19.20 6.97 -4.85
C4X FDA Q . -21.52 6.90 -4.33
N5 FDA Q . -21.52 8.04 -3.58
C5X FDA Q . -22.52 8.21 -2.72
C6 FDA Q . -22.33 9.13 -1.69
C7 FDA Q . -23.31 9.33 -0.75
C7M FDA Q . -23.05 10.34 0.39
C8 FDA Q . -24.53 8.65 -0.87
C8M FDA Q . -25.64 8.86 0.14
C9 FDA Q . -24.72 7.75 -1.91
C9A FDA Q . -23.71 7.53 -2.84
N10 FDA Q . -23.86 6.66 -3.86
C10 FDA Q . -22.73 6.18 -4.48
C1' FDA Q . -25.21 6.03 -4.21
C2' FDA Q . -26.16 6.84 -5.04
O2' FDA Q . -27.33 6.14 -5.05
C3' FDA Q . -25.73 7.12 -6.48
O3' FDA Q . -24.48 7.59 -6.45
C4' FDA Q . -26.68 8.12 -7.16
O4' FDA Q . -27.14 9.02 -6.24
C5' FDA Q . -27.80 7.41 -7.93
O5' FDA Q . -28.43 8.10 -9.04
P FDA Q . -29.93 8.45 -9.16
O1P FDA Q . -29.31 9.06 -10.43
O2P FDA Q . -30.22 6.88 -9.22
O3P FDA Q . -29.93 9.17 -7.71
PA NAP R . -25.70 2.45 5.51
O1A NAP R . -27.09 1.77 5.31
O2A NAP R . -24.63 1.74 4.70
O5B NAP R . -25.34 2.23 7.00
C5B NAP R . -26.32 2.43 8.00
C4B NAP R . -25.80 2.16 9.40
O4B NAP R . -26.59 2.60 10.52
C3B NAP R . -25.55 0.70 9.61
O3B NAP R . -24.31 0.55 10.27
C2B NAP R . -26.64 0.30 10.44
O2B NAP R . -26.33 -0.87 11.15
C1B NAP R . -26.74 1.48 11.34
N9A NAP R . -27.96 1.69 12.11
C8A NAP R . -29.24 1.52 11.71
N7A NAP R . -30.06 1.89 12.72
C5A NAP R . -29.29 2.30 13.75
C6A NAP R . -29.56 2.77 15.02
N6A NAP R . -30.92 2.91 15.50
N1A NAP R . -28.54 3.11 15.84
C2A NAP R . -27.26 3.00 15.43
N3A NAP R . -26.96 2.52 14.22
C4A NAP R . -27.96 2.18 13.36
O3 NAP R . -25.78 4.03 5.21
PN NAP R . -24.65 4.88 4.54
O1N NAP R . -23.39 4.84 5.39
O2N NAP R . -25.10 6.31 4.31
O5D NAP R . -24.32 4.29 3.13
C5D NAP R . -25.33 4.13 2.17
C4D NAP R . -24.92 4.25 0.74
O4D NAP R . -24.44 5.52 0.40
C3D NAP R . -23.83 3.27 0.43
O3D NAP R . -23.94 2.83 -0.92
C2D NAP R . -22.67 4.06 0.66
O2D NAP R . -21.47 3.52 0.16
C1D NAP R . -23.04 5.39 0.09
N1N NAP R . -22.12 6.48 0.54
C2N NAP R . -21.06 6.78 -0.23
C3N NAP R . -20.16 7.77 0.19
C7N NAP R . -19.00 8.09 -0.72
O7N NAP R . -19.14 7.89 -1.93
N7N NAP R . -17.83 8.62 -0.19
C4N NAP R . -20.32 8.44 1.41
C5N NAP R . -21.41 8.11 2.20
C6N NAP R . -22.29 7.11 1.73
P2B NAP R . -26.86 -2.27 10.65
O1X NAP R . -27.22 -2.24 9.17
O2X NAP R . -25.84 -3.36 10.87
O3X NAP R . -28.11 -2.56 11.45
BR BR S . -14.65 0.05 -8.79
BR BR T . -13.55 15.59 5.50
BR BR U . -25.32 -1.35 -23.79
BR BR V . -4.14 17.45 -19.61
BR BR W . -32.56 16.38 8.37
BR BR X . -24.02 -17.64 -11.34
PA FDA Y . -2.32 -27.36 17.55
O1A FDA Y . -3.61 -27.61 16.61
O2A FDA Y . -1.45 -26.14 17.31
O5B FDA Y . -2.07 -28.16 18.97
C5B FDA Y . -2.55 -29.45 19.03
C4B FDA Y . -1.56 -30.57 19.34
O4B FDA Y . -2.14 -31.59 20.20
C3B FDA Y . -1.15 -31.26 18.09
O3B FDA Y . 0.29 -31.10 17.95
C2B FDA Y . -1.59 -32.61 18.24
O2B FDA Y . -0.69 -33.44 17.88
C1B FDA Y . -1.76 -32.80 19.73
N9A FDA Y . -2.73 -33.74 20.14
C8A FDA Y . -3.99 -33.87 19.70
N7A FDA Y . -4.59 -34.88 20.40
C5A FDA Y . -3.70 -35.37 21.29
C6A FDA Y . -3.70 -36.39 22.26
N6A FDA Y . -4.92 -37.20 22.50
N1A FDA Y . -2.61 -36.63 23.00
C2A FDA Y . -1.48 -35.88 22.81
N3A FDA Y . -1.43 -34.89 21.88
C4A FDA Y . -2.51 -34.64 21.12
N1 FDA Y . -4.32 -18.76 13.80
C2 FDA Y . -3.76 -17.44 13.87
O2 FDA Y . -4.23 -16.62 14.68
N3 FDA Y . -2.68 -17.05 13.01
C4 FDA Y . -2.16 -18.00 12.08
O4 FDA Y . -1.24 -17.69 11.34
C4X FDA Y . -2.73 -19.35 12.01
N5 FDA Y . -2.22 -20.26 11.12
C5X FDA Y . -2.95 -21.34 10.84
C6 FDA Y . -2.61 -22.10 9.72
C7 FDA Y . -3.35 -23.21 9.40
C7M FDA Y . -2.98 -24.05 8.15
C8 FDA Y . -4.42 -23.58 10.21
C8M FDA Y . -5.24 -24.80 9.89
C9 FDA Y . -4.76 -22.83 11.31
C9A FDA Y . -4.02 -21.70 11.63
N10 FDA Y . -4.33 -20.99 12.73
C10 FDA Y . -3.80 -19.73 12.86
C1' FDA Y . -5.12 -21.63 13.89
C2' FDA Y . -4.51 -22.73 14.72
O2' FDA Y . -5.50 -23.26 15.49
C3' FDA Y . -3.45 -22.22 15.67
O3' FDA Y . -2.61 -21.63 14.81
C4' FDA Y . -2.84 -23.33 16.58
O4' FDA Y . -2.55 -24.47 15.88
C5' FDA Y . -3.59 -23.70 17.87
O5' FDA Y . -2.78 -24.36 18.88
P FDA Y . -3.16 -25.60 19.71
O1P FDA Y . -1.78 -25.33 20.29
O2P FDA Y . -4.31 -24.63 20.29
O3P FDA Y . -3.36 -26.47 18.34
PA NAP Z . -12.67 -22.05 6.76
O1A NAP Z . -13.63 -22.52 7.85
O2A NAP Z . -12.14 -20.65 7.06
O5B NAP Z . -13.46 -21.99 5.41
C5B NAP Z . -13.85 -23.17 4.76
C4B NAP Z . -14.64 -22.96 3.48
O4B NAP Z . -15.27 -24.14 2.93
C3B NAP Z . -15.73 -21.93 3.55
O3B NAP Z . -15.59 -21.09 2.41
C2B NAP Z . -16.95 -22.69 3.49
O2B NAP Z . -18.08 -21.98 3.02
C1B NAP Z . -16.55 -23.76 2.51
N9A NAP Z . -17.36 -24.97 2.39
C8A NAP Z . -17.91 -25.66 3.39
N7A NAP Z . -18.53 -26.75 2.93
C5A NAP Z . -18.38 -26.77 1.60
C6A NAP Z . -18.82 -27.65 0.61
N6A NAP Z . -19.62 -28.80 0.96
N1A NAP Z . -18.52 -27.41 -0.68
C2A NAP Z . -17.77 -26.30 -0.99
N3A NAP Z . -17.33 -25.42 -0.07
C4A NAP Z . -17.62 -25.64 1.25
O3 NAP Z . -11.48 -23.05 6.59
PN NAP Z . -10.01 -22.64 6.49
O1N NAP Z . -9.74 -21.84 5.23
O2N NAP Z . -9.20 -23.89 6.45
O5D NAP Z . -9.64 -21.73 7.73
C5D NAP Z . -9.52 -22.23 9.02
C4D NAP Z . -8.53 -21.57 9.92
O4D NAP Z . -7.27 -21.88 9.47
C3D NAP Z . -8.66 -20.08 9.87
O3D NAP Z . -8.49 -19.48 11.15
C2D NAP Z . -7.63 -19.66 8.98
O2D NAP Z . -7.13 -18.39 9.26
C1D NAP Z . -6.56 -20.65 9.21
N1N NAP Z . -5.60 -20.73 8.09
C2N NAP Z . -4.49 -20.01 8.15
C3N NAP Z . -3.56 -20.08 7.11
C7N NAP Z . -2.31 -19.23 7.25
O7N NAP Z . -1.95 -18.98 8.41
N7N NAP Z . -1.63 -18.75 6.11
C4N NAP Z . -3.78 -20.90 6.00
C5N NAP Z . -4.93 -21.65 5.96
C6N NAP Z . -5.83 -21.54 7.02
P2B NAP Z . -19.21 -21.47 4.00
O1X NAP Z . -18.59 -21.17 5.36
O2X NAP Z . -19.87 -20.20 3.52
O3X NAP Z . -20.28 -22.57 4.15
BR BR AA . 2.83 -21.23 -2.44
BR BR BA . -2.47 -8.92 14.00
BR BR CA . -1.50 -12.44 32.32
BR BR DA . -7.62 -13.58 28.15
BR BR EA . 20.60 -9.45 14.34
BR BR FA . -6.81 -36.52 3.98
BR BR GA . -30.16 -31.90 -7.04
BR BR HA . -17.93 -26.72 -13.87
PA FDA IA . 20.59 15.81 19.88
O1A FDA IA . 19.31 14.96 20.28
O2A FDA IA . 20.43 16.60 18.59
O5B FDA IA . 20.97 16.87 21.06
C5B FDA IA . 21.99 16.67 21.97
C4B FDA IA . 21.96 17.61 23.17
O4B FDA IA . 23.24 18.20 23.57
C3B FDA IA . 21.01 18.75 22.98
O3B FDA IA . 19.87 18.52 23.88
C2B FDA IA . 21.77 19.94 23.25
O2B FDA IA . 21.10 20.76 23.99
C1B FDA IA . 22.94 19.43 24.09
N9A FDA IA . 24.09 20.25 24.09
C8A FDA IA . 24.65 20.89 23.04
N7A FDA IA . 25.75 21.56 23.46
C5A FDA IA . 25.88 21.33 24.79
C6A FDA IA . 26.80 21.72 25.79
N6A FDA IA . 27.93 22.60 25.44
N1A FDA IA . 26.65 21.30 27.04
C2A FDA IA . 25.60 20.49 27.37
N3A FDA IA . 24.70 20.08 26.45
C4A FDA IA . 24.83 20.49 25.18
N1 FDA IA . 17.18 10.73 12.72
C2 FDA IA . 16.62 9.41 12.55
O2 FDA IA . 17.38 8.44 12.26
N3 FDA IA . 15.22 9.19 12.72
C4 FDA IA . 14.34 10.25 13.05
O4 FDA IA . 13.14 10.04 13.18
C4X FDA IA . 14.89 11.60 13.23
N5 FDA IA . 14.08 12.65 13.54
C5X FDA IA . 14.54 13.89 13.37
C6 FDA IA . 13.64 14.96 13.37
C7 FDA IA . 14.11 16.23 13.17
C7M FDA IA . 13.08 17.36 13.17
C8 FDA IA . 15.49 16.46 13.00
C8M FDA IA . 16.07 17.85 12.79
C9 FDA IA . 16.37 15.40 13.02
C9A FDA IA . 15.90 14.11 13.20
N10 FDA IA . 16.75 13.09 13.22
C10 FDA IA . 16.28 11.82 13.06
C1' FDA IA . 18.24 13.32 13.39
C2' FDA IA . 18.77 13.64 14.74
O2' FDA IA . 20.10 13.87 14.53
C3' FDA IA . 18.54 12.54 15.76
O3' FDA IA . 17.23 12.25 15.73
C4' FDA IA . 18.98 12.92 17.20
O4' FDA IA . 18.61 14.20 17.50
C5' FDA IA . 20.46 12.69 17.51
O5' FDA IA . 20.73 12.66 18.93
P FDA IA . 21.96 13.34 19.56
O1P FDA IA . 23.17 12.94 18.72
O2P FDA IA . 22.13 12.65 20.97
O3P FDA IA . 21.85 14.91 19.70
PA NAP JA . 18.20 18.51 4.37
O1A NAP JA . 17.58 17.11 4.60
O2A NAP JA . 19.60 18.78 4.96
O5B NAP JA . 17.33 19.69 3.83
C5B NAP JA . 17.94 20.67 3.01
C4B NAP JA . 17.22 21.13 1.77
O4B NAP JA . 17.25 22.57 1.56
C3B NAP JA . 17.82 20.55 0.53
O3B NAP JA . 16.77 20.21 -0.38
C2B NAP JA . 18.71 21.59 0.03
O2B NAP JA . 19.02 21.55 -1.35
C1B NAP JA . 17.88 22.82 0.32
N9A NAP JA . 18.56 24.12 0.28
C8A NAP JA . 19.83 24.41 0.65
N7A NAP JA . 20.03 25.72 0.48
C5A NAP JA . 18.91 26.28 0.00
C6A NAP JA . 18.57 27.57 -0.37
N6A NAP JA . 19.52 28.68 -0.27
N1A NAP JA . 17.33 27.82 -0.82
C2A NAP JA . 16.43 26.82 -0.92
N3A NAP JA . 16.75 25.56 -0.58
C4A NAP JA . 17.99 25.27 -0.12
O3 NAP JA . 17.62 19.09 5.76
PN NAP JA . 16.40 18.65 6.65
O1N NAP JA . 15.14 18.58 5.84
O2N NAP JA . 16.12 19.59 7.79
O5D NAP JA . 16.69 17.23 7.26
C5D NAP JA . 17.79 16.96 8.06
C4D NAP JA . 17.59 15.79 8.97
O4D NAP JA . 16.45 15.98 9.78
C3D NAP JA . 17.33 14.54 8.19
O3D NAP JA . 17.98 13.41 8.74
C2D NAP JA . 15.91 14.38 8.27
O2D NAP JA . 15.53 13.07 7.97
C1D NAP JA . 15.62 14.82 9.65
N1N NAP JA . 14.19 15.14 9.87
C2N NAP JA . 13.38 14.18 10.36
C3N NAP JA . 12.04 14.46 10.53
C7N NAP JA . 11.13 13.40 11.11
O7N NAP JA . 11.58 12.48 11.78
N7N NAP JA . 9.76 13.52 10.87
C4N NAP JA . 11.50 15.70 10.18
C5N NAP JA . 12.35 16.67 9.65
C6N NAP JA . 13.70 16.35 9.51
P2B NAP JA . 20.27 20.74 -1.89
O1X NAP JA . 19.99 19.90 -3.11
O2X NAP JA . 21.37 21.66 -2.30
O3X NAP JA . 20.75 19.84 -0.76
BR BR KA . -0.97 -3.20 26.46
BR BR LA . 13.97 1.71 9.66
BR BR MA . 27.18 -3.83 21.25
BR BR NA . 1.08 18.66 10.79
BR BR OA . 15.40 31.12 13.92
BR BR PA . 11.57 25.68 -14.36
BR BR QA . 31.77 -3.53 1.40
#